data_9LYC
#
_entry.id   9LYC
#
loop_
_entity.id
_entity.type
_entity.pdbx_description
1 polymer 'G-protein coupled receptor 3'
2 polymer 'Guanine nucleotide-binding protein G(I)/G(S)/G(T) subunit beta-1'
3 polymer 'Guanine nucleotide-binding protein G(s) subunit alpha isoforms short'
4 polymer 'Guanine nucleotide-binding protein G(I)/G(S)/G(O) subunit gamma-2'
5 polymer 'Nanobody 35'
#
loop_
_entity_poly.entity_id
_entity_poly.type
_entity_poly.pdbx_seq_one_letter_code
_entity_poly.pdbx_strand_id
1 'polypeptide(L)'
;GPAAPLPSPKAWDVVLCISGTLVSCENALVVAIIVGTPAFRAPMFLLVGSLAVADLLAGLGLVLHFAAVFCIGSAEMSLV
LVGVLAMAFTASIGSLLAITVDRYLSLYNALTYYSETTVTRTYVMLALVWGGALGLGLLPVLAWNCLDGLTTCGVVYPLS
KNHLVVLAIAFFMVFGIMLQLYAQICRIVCRHAQQIALQRHLLPASHYVATRKGIATLAVVLGAFAACWLPFTVYCLLGD
AHSPPLYTYLTLLPATYNSMINPIIYAFRNQDVQKVLWAVCCC
;
A,D
2 'polypeptide(L)'
;SELDQLRQEAEQLKNQIRDARKACADATLSQITNNIDPVGRIQMRTRRTLRGHLAKIYAMHWGTDSRLLVSASQDGKLII
WDSYTTNKVHAIPLRSSWVMTCAYAPSGNYVACGGLDNICSIYNLKTREGNVRVSRELAGHTGYLSCCRFLDDNQIVTSS
GDTTCALWDIETGQQTTTFTGHTGDVMSLSLAPDTRLFVSGACDASAKLWDVREGMCRQTFTGHESDINAICFFPNGNAF
ATGSDDATCRLFDLRADQELMTYSHDNIICGITSVSFSKSGRLLLAGYDDFNCNVWDALKADRAGVLAGHDNRVSCLGVT
DDGMAVATGSWDSFLKIWN
;
B
3 'polypeptide(L)'
;MGCLGNSKTEDQRNEEKAQREANKKIEKQLQKDKQVYRATHRLLLLGAGESGKNTIVKQMRILHVNGFNGEGGEEDPQAA
RSNSDGEKATKVQDIKNNLKEAIETIVAAMSNLVPPVELANPENQFRVDYILSVMNVPDFDFPPEFYEHAKALWEDEGVR
ACYERSNEYQLIDCAQYFLDKIDVIKQADYVPSDQDLLRCRVLTSGIFETKFQVDKVNFHMFDVGAQRDERRKWIQCFND
VTAIIFVVASSSYNMVIREDNQTNRLQAALKLFDSIWNNKWLRDTSVILFLNKQDLLAEKVLAGKSKIEDYFPEFARYTT
PEDATPEPGEDPRVTRAKYFIRDEFLRISTASGDGRHYCYPHFTCAVDTENIRRVFNDCRDIIQRMHLRQYELL
;
C
4 'polypeptide(L)' NTASIAQARKLVEQLKMEANIDRIKVSKAAADLMAYCEAHAKEDPLLTPVPASENPFR G
5 'polypeptide(L)'
;QVQLQESGGGLVQPGGSLRLSCAASGFTFSNYKMNWVRQAPGKGLEWVSDISQSGASISYTGSVKGRFTISRDNAKNTLY
LQMNSLKPEDTAVYYCARCPAPFTRDCFDVTSTTYAYRGQGTQVTVSS
;
N
#
# COMPACT_ATOMS: atom_id res chain seq x y z
N GLY A 1 -45.12 37.52 28.90
CA GLY A 1 -45.40 36.48 27.92
C GLY A 1 -46.74 35.80 28.14
N PRO A 2 -47.81 36.38 27.61
CA PRO A 2 -49.14 35.78 27.76
C PRO A 2 -49.28 34.54 26.90
N ALA A 3 -49.42 33.38 27.56
CA ALA A 3 -49.60 32.08 26.90
C ALA A 3 -48.40 31.83 26.00
N ALA A 4 -48.60 31.45 24.75
CA ALA A 4 -47.51 31.08 23.84
C ALA A 4 -46.55 30.07 24.46
N PRO A 5 -47.03 28.90 24.87
CA PRO A 5 -46.14 27.91 25.49
C PRO A 5 -45.61 26.89 24.50
N LEU A 6 -44.35 26.55 24.68
CA LEU A 6 -43.79 25.44 23.90
C LEU A 6 -44.04 24.13 24.62
N PRO A 7 -44.64 23.14 23.97
CA PRO A 7 -44.95 21.89 24.66
C PRO A 7 -43.68 21.20 25.15
N SER A 8 -43.79 20.58 26.33
CA SER A 8 -42.64 19.90 26.90
C SER A 8 -42.25 18.71 26.03
N PRO A 9 -40.95 18.43 25.91
CA PRO A 9 -40.52 17.27 25.11
C PRO A 9 -41.02 15.97 25.73
N LYS A 10 -41.26 14.98 24.87
CA LYS A 10 -41.73 13.68 25.31
C LYS A 10 -40.53 12.77 25.55
N ALA A 11 -40.79 11.48 25.76
CA ALA A 11 -39.73 10.55 26.13
C ALA A 11 -38.70 10.40 25.03
N TRP A 12 -39.13 10.32 23.78
CA TRP A 12 -38.22 10.06 22.67
C TRP A 12 -37.61 11.33 22.09
N ASP A 13 -38.20 12.49 22.34
CA ASP A 13 -37.59 13.73 21.87
C ASP A 13 -36.21 13.92 22.51
N VAL A 14 -36.12 13.70 23.82
CA VAL A 14 -34.84 13.88 24.50
C VAL A 14 -33.82 12.86 24.04
N VAL A 15 -34.24 11.63 23.73
CA VAL A 15 -33.29 10.64 23.25
C VAL A 15 -32.78 11.03 21.86
N LEU A 16 -33.65 11.59 21.03
CA LEU A 16 -33.20 12.14 19.76
C LEU A 16 -32.18 13.25 19.98
N CYS A 17 -32.45 14.13 20.94
CA CYS A 17 -31.51 15.23 21.23
C CYS A 17 -30.15 14.71 21.66
N ILE A 18 -30.14 13.74 22.58
CA ILE A 18 -28.90 13.19 23.08
C ILE A 18 -28.14 12.49 21.95
N SER A 19 -28.86 11.74 21.12
CA SER A 19 -28.22 11.06 20.00
C SER A 19 -27.56 12.05 19.05
N GLY A 20 -28.28 13.13 18.72
CA GLY A 20 -27.69 14.13 17.84
C GLY A 20 -26.48 14.82 18.44
N THR A 21 -26.57 15.15 19.73
CA THR A 21 -25.46 15.83 20.39
C THR A 21 -24.22 14.94 20.42
N LEU A 22 -24.39 13.66 20.78
CA LEU A 22 -23.22 12.80 20.87
C LEU A 22 -22.70 12.43 19.48
N VAL A 23 -23.58 12.43 18.48
CA VAL A 23 -23.13 12.26 17.10
C VAL A 23 -22.24 13.43 16.69
N SER A 24 -22.66 14.64 17.01
CA SER A 24 -21.83 15.81 16.70
C SER A 24 -20.50 15.73 17.44
N CYS A 25 -20.53 15.33 18.72
CA CYS A 25 -19.28 15.20 19.47
C CYS A 25 -18.37 14.15 18.87
N GLU A 26 -18.95 13.02 18.43
CA GLU A 26 -18.15 11.95 17.84
C GLU A 26 -17.52 12.39 16.53
N ASN A 27 -18.27 13.12 15.71
CA ASN A 27 -17.76 13.54 14.41
C ASN A 27 -16.84 14.75 14.46
N ALA A 28 -16.88 15.53 15.54
CA ALA A 28 -16.01 16.70 15.62
C ALA A 28 -14.54 16.29 15.57
N LEU A 29 -14.17 15.26 16.32
CA LEU A 29 -12.79 14.81 16.32
C LEU A 29 -12.38 14.27 14.95
N VAL A 30 -13.26 13.52 14.30
CA VAL A 30 -12.91 12.93 13.01
C VAL A 30 -12.68 14.03 11.97
N VAL A 31 -13.59 15.00 11.90
CA VAL A 31 -13.40 16.07 10.93
C VAL A 31 -12.18 16.91 11.31
N ALA A 32 -11.89 17.05 12.60
CA ALA A 32 -10.71 17.79 13.03
C ALA A 32 -9.43 17.12 12.54
N ILE A 33 -9.34 15.79 12.68
CA ILE A 33 -8.17 15.08 12.17
C ILE A 33 -8.11 15.18 10.64
N ILE A 34 -9.27 15.16 9.99
CA ILE A 34 -9.28 15.26 8.53
C ILE A 34 -8.71 16.60 8.08
N VAL A 35 -9.10 17.69 8.74
CA VAL A 35 -8.64 18.99 8.26
C VAL A 35 -7.22 19.29 8.73
N GLY A 36 -6.91 19.02 9.98
CA GLY A 36 -5.65 19.43 10.58
C GLY A 36 -4.40 18.82 10.00
N THR A 37 -4.40 17.51 9.80
CA THR A 37 -3.19 16.83 9.34
C THR A 37 -3.01 17.06 7.85
N PRO A 38 -1.92 17.69 7.41
CA PRO A 38 -1.72 17.89 5.96
C PRO A 38 -1.51 16.60 5.20
N ALA A 39 -1.08 15.52 5.85
CA ALA A 39 -0.89 14.26 5.16
C ALA A 39 -2.21 13.64 4.72
N PHE A 40 -3.28 13.90 5.47
CA PHE A 40 -4.60 13.35 5.16
C PHE A 40 -5.32 14.24 4.14
N ARG A 41 -4.79 14.27 2.92
CA ARG A 41 -5.36 15.06 1.84
C ARG A 41 -5.42 14.26 0.55
N ALA A 42 -5.43 12.93 0.64
CA ALA A 42 -5.54 12.10 -0.54
C ALA A 42 -6.96 12.15 -1.09
N PRO A 43 -7.13 11.82 -2.37
CA PRO A 43 -8.48 11.75 -2.94
C PRO A 43 -9.47 10.97 -2.11
N MET A 44 -9.06 9.84 -1.54
CA MET A 44 -9.99 9.03 -0.73
C MET A 44 -10.29 9.68 0.60
N PHE A 45 -9.40 10.50 1.14
CA PHE A 45 -9.66 11.16 2.41
C PHE A 45 -10.67 12.29 2.28
N LEU A 46 -10.74 12.93 1.10
CA LEU A 46 -11.76 13.93 0.87
C LEU A 46 -13.16 13.34 0.98
N LEU A 47 -13.32 12.09 0.57
CA LEU A 47 -14.61 11.43 0.65
C LEU A 47 -15.04 11.22 2.10
N VAL A 48 -14.12 10.74 2.93
CA VAL A 48 -14.42 10.58 4.35
C VAL A 48 -14.67 11.93 4.98
N GLY A 49 -13.96 12.96 4.52
CA GLY A 49 -14.22 14.30 5.01
C GLY A 49 -15.62 14.78 4.66
N SER A 50 -16.07 14.49 3.44
CA SER A 50 -17.44 14.85 3.05
C SER A 50 -18.47 14.13 3.88
N LEU A 51 -18.27 12.82 4.09
CA LEU A 51 -19.19 12.08 4.95
C LEU A 51 -19.19 12.64 6.36
N ALA A 52 -18.01 12.98 6.88
CA ALA A 52 -17.91 13.50 8.23
C ALA A 52 -18.60 14.85 8.36
N VAL A 53 -18.42 15.74 7.38
CA VAL A 53 -19.06 17.04 7.49
C VAL A 53 -20.56 16.91 7.37
N ALA A 54 -21.03 16.01 6.50
CA ALA A 54 -22.47 15.77 6.40
C ALA A 54 -23.04 15.24 7.72
N ASP A 55 -22.35 14.29 8.34
CA ASP A 55 -22.82 13.72 9.59
C ASP A 55 -22.82 14.75 10.72
N LEU A 56 -21.74 15.53 10.81
CA LEU A 56 -21.67 16.58 11.84
C LEU A 56 -22.76 17.62 11.62
N LEU A 57 -23.01 17.99 10.37
CA LEU A 57 -24.08 18.92 10.07
C LEU A 57 -25.43 18.35 10.45
N ALA A 58 -25.64 17.05 10.24
CA ALA A 58 -26.90 16.42 10.64
C ALA A 58 -27.07 16.46 12.16
N GLY A 59 -26.02 16.14 12.90
CA GLY A 59 -26.12 16.19 14.35
C GLY A 59 -26.38 17.60 14.87
N LEU A 60 -25.68 18.58 14.31
CA LEU A 60 -25.90 19.97 14.68
C LEU A 60 -27.32 20.40 14.34
N GLY A 61 -27.82 19.96 13.19
CA GLY A 61 -29.21 20.26 12.84
C GLY A 61 -30.20 19.65 13.82
N LEU A 62 -29.92 18.42 14.27
CA LEU A 62 -30.81 17.79 15.25
C LEU A 62 -30.83 18.58 16.56
N VAL A 63 -29.65 18.93 17.07
CA VAL A 63 -29.60 19.63 18.34
C VAL A 63 -30.22 21.02 18.23
N LEU A 64 -30.00 21.69 17.09
CA LEU A 64 -30.63 22.99 16.90
C LEU A 64 -32.13 22.87 16.67
N HIS A 65 -32.60 21.76 16.09
CA HIS A 65 -34.04 21.57 15.94
C HIS A 65 -34.69 21.41 17.30
N PHE A 66 -34.04 20.68 18.20
CA PHE A 66 -34.51 20.67 19.58
C PHE A 66 -34.46 22.06 20.19
N ALA A 67 -33.42 22.82 19.91
CA ALA A 67 -33.37 24.20 20.40
C ALA A 67 -34.58 24.99 19.91
N ALA A 68 -34.95 24.81 18.64
CA ALA A 68 -36.08 25.53 18.08
C ALA A 68 -37.41 25.05 18.65
N VAL A 69 -37.47 23.78 19.09
CA VAL A 69 -38.67 23.24 19.71
C VAL A 69 -38.61 23.35 21.24
N PHE A 70 -37.56 23.94 21.79
CA PHE A 70 -37.40 24.10 23.24
C PHE A 70 -36.85 25.50 23.51
N CYS A 71 -37.74 26.40 23.95
CA CYS A 71 -37.41 27.76 24.34
C CYS A 71 -37.02 28.65 23.16
N ILE A 72 -37.42 28.30 21.93
CA ILE A 72 -37.27 29.21 20.80
C ILE A 72 -38.62 29.39 20.12
N GLY A 73 -39.23 28.28 19.70
CA GLY A 73 -40.59 28.31 19.19
C GLY A 73 -40.81 29.11 17.92
N SER A 74 -39.96 28.93 16.92
CA SER A 74 -40.10 29.60 15.64
C SER A 74 -40.46 28.58 14.58
N ALA A 75 -41.58 28.80 13.89
CA ALA A 75 -42.04 27.84 12.88
C ALA A 75 -41.15 27.86 11.65
N GLU A 76 -40.84 29.05 11.14
CA GLU A 76 -39.99 29.16 9.95
C GLU A 76 -38.60 28.62 10.23
N MET A 77 -38.08 28.88 11.43
CA MET A 77 -36.77 28.38 11.79
C MET A 77 -36.77 26.86 11.81
N SER A 78 -37.85 26.27 12.32
CA SER A 78 -37.97 24.81 12.35
C SER A 78 -38.07 24.24 10.95
N LEU A 79 -38.80 24.91 10.05
CA LEU A 79 -38.83 24.48 8.65
C LEU A 79 -37.45 24.49 8.03
N VAL A 80 -36.72 25.60 8.21
CA VAL A 80 -35.37 25.68 7.66
C VAL A 80 -34.50 24.57 8.24
N LEU A 81 -34.66 24.29 9.53
CA LEU A 81 -33.81 23.30 10.20
C LEU A 81 -34.11 21.88 9.76
N VAL A 82 -35.39 21.53 9.61
CA VAL A 82 -35.71 20.20 9.11
C VAL A 82 -35.26 20.07 7.66
N GLY A 83 -35.33 21.15 6.89
CA GLY A 83 -34.83 21.10 5.52
C GLY A 83 -33.33 20.84 5.46
N VAL A 84 -32.56 21.53 6.30
CA VAL A 84 -31.12 21.31 6.27
C VAL A 84 -30.77 19.95 6.85
N LEU A 85 -31.60 19.44 7.78
CA LEU A 85 -31.41 18.08 8.27
C LEU A 85 -31.59 17.06 7.15
N ALA A 86 -32.64 17.24 6.35
CA ALA A 86 -32.84 16.35 5.20
C ALA A 86 -31.69 16.47 4.22
N MET A 87 -31.21 17.70 3.99
CA MET A 87 -30.05 17.89 3.13
C MET A 87 -28.84 17.15 3.66
N ALA A 88 -28.61 17.20 4.97
CA ALA A 88 -27.46 16.53 5.55
C ALA A 88 -27.57 15.02 5.40
N PHE A 89 -28.77 14.46 5.62
CA PHE A 89 -28.92 13.01 5.48
C PHE A 89 -28.75 12.57 4.03
N THR A 90 -29.29 13.35 3.09
CA THR A 90 -29.08 13.04 1.68
C THR A 90 -27.61 13.11 1.31
N ALA A 91 -26.90 14.11 1.84
CA ALA A 91 -25.46 14.21 1.61
C ALA A 91 -24.73 13.02 2.20
N SER A 92 -25.15 12.54 3.36
CA SER A 92 -24.51 11.38 3.96
C SER A 92 -24.69 10.15 3.08
N ILE A 93 -25.90 9.93 2.58
CA ILE A 93 -26.15 8.78 1.71
C ILE A 93 -25.32 8.89 0.44
N GLY A 94 -25.32 10.08 -0.18
CA GLY A 94 -24.56 10.27 -1.40
C GLY A 94 -23.06 10.09 -1.18
N SER A 95 -22.55 10.57 -0.05
CA SER A 95 -21.14 10.42 0.26
C SER A 95 -20.78 8.97 0.51
N LEU A 96 -21.67 8.21 1.15
CA LEU A 96 -21.38 6.80 1.37
C LEU A 96 -21.35 6.04 0.05
N LEU A 97 -22.30 6.36 -0.85
CA LEU A 97 -22.28 5.75 -2.17
C LEU A 97 -21.01 6.12 -2.93
N ALA A 98 -20.60 7.38 -2.84
CA ALA A 98 -19.39 7.81 -3.53
C ALA A 98 -18.15 7.15 -2.94
N ILE A 99 -18.13 6.95 -1.62
CA ILE A 99 -17.02 6.24 -0.99
C ILE A 99 -16.94 4.82 -1.53
N THR A 100 -18.09 4.14 -1.62
CA THR A 100 -18.09 2.78 -2.12
C THR A 100 -17.63 2.71 -3.57
N VAL A 101 -18.12 3.63 -4.41
CA VAL A 101 -17.75 3.57 -5.82
C VAL A 101 -16.28 3.93 -6.01
N ASP A 102 -15.75 4.85 -5.20
CA ASP A 102 -14.34 5.16 -5.29
C ASP A 102 -13.48 3.99 -4.84
N ARG A 103 -13.89 3.29 -3.79
CA ARG A 103 -13.16 2.11 -3.36
C ARG A 103 -13.18 1.03 -4.44
N TYR A 104 -14.34 0.82 -5.07
CA TYR A 104 -14.42 -0.18 -6.13
C TYR A 104 -13.55 0.22 -7.32
N LEU A 105 -13.55 1.51 -7.68
CA LEU A 105 -12.70 1.96 -8.77
C LEU A 105 -11.23 1.76 -8.45
N SER A 106 -10.83 2.05 -7.22
CA SER A 106 -9.45 1.79 -6.80
C SER A 106 -9.11 0.33 -6.94
N LEU A 107 -10.04 -0.55 -6.57
CA LEU A 107 -9.83 -1.98 -6.73
C LEU A 107 -9.72 -2.37 -8.21
N TYR A 108 -10.53 -1.76 -9.08
CA TYR A 108 -10.66 -2.24 -10.44
C TYR A 108 -9.45 -1.85 -11.30
N ASN A 109 -9.26 -0.54 -11.53
CA ASN A 109 -8.08 -0.06 -12.23
C ASN A 109 -7.10 0.47 -11.20
N ALA A 110 -6.38 -0.45 -10.56
CA ALA A 110 -5.46 -0.09 -9.49
C ALA A 110 -4.21 0.59 -10.04
N LEU A 111 -3.72 0.14 -11.20
CA LEU A 111 -2.50 0.70 -11.74
C LEU A 111 -2.67 2.16 -12.13
N THR A 112 -3.83 2.51 -12.69
CA THR A 112 -4.11 3.88 -13.12
C THR A 112 -4.86 4.67 -12.04
N TYR A 113 -4.95 4.11 -10.84
CA TYR A 113 -5.70 4.77 -9.78
C TYR A 113 -5.09 6.10 -9.38
N TYR A 114 -3.77 6.23 -9.42
CA TYR A 114 -3.09 7.46 -9.02
C TYR A 114 -2.78 8.26 -10.27
N SER A 115 -3.69 9.16 -10.63
CA SER A 115 -3.50 10.06 -11.76
C SER A 115 -4.34 11.30 -11.52
N GLU A 116 -4.28 12.24 -12.46
CA GLU A 116 -5.17 13.40 -12.40
C GLU A 116 -6.61 13.00 -12.64
N THR A 117 -6.83 11.86 -13.30
CA THR A 117 -8.20 11.40 -13.56
C THR A 117 -8.93 11.11 -12.25
N THR A 118 -8.24 10.52 -11.28
CA THR A 118 -8.91 10.23 -10.01
C THR A 118 -9.22 11.51 -9.23
N VAL A 119 -8.37 12.53 -9.32
CA VAL A 119 -8.67 13.79 -8.66
C VAL A 119 -9.87 14.46 -9.32
N THR A 120 -9.91 14.45 -10.66
CA THR A 120 -11.07 15.00 -11.36
C THR A 120 -12.34 14.24 -11.01
N ARG A 121 -12.25 12.91 -10.93
CA ARG A 121 -13.42 12.10 -10.59
C ARG A 121 -13.88 12.37 -9.17
N THR A 122 -12.94 12.53 -8.23
CA THR A 122 -13.33 12.84 -6.85
C THR A 122 -13.99 14.20 -6.77
N TYR A 123 -13.47 15.20 -7.49
CA TYR A 123 -14.09 16.51 -7.50
C TYR A 123 -15.50 16.44 -8.09
N VAL A 124 -15.67 15.69 -9.18
CA VAL A 124 -16.99 15.55 -9.79
C VAL A 124 -17.95 14.83 -8.84
N MET A 125 -17.47 13.80 -8.14
CA MET A 125 -18.30 13.08 -7.19
C MET A 125 -18.75 13.97 -6.05
N LEU A 126 -17.82 14.76 -5.50
CA LEU A 126 -18.19 15.71 -4.44
C LEU A 126 -19.21 16.71 -4.95
N ALA A 127 -18.97 17.26 -6.14
CA ALA A 127 -19.89 18.25 -6.69
C ALA A 127 -21.28 17.65 -6.87
N LEU A 128 -21.36 16.46 -7.46
CA LEU A 128 -22.66 15.84 -7.70
C LEU A 128 -23.36 15.51 -6.39
N VAL A 129 -22.63 14.94 -5.42
CA VAL A 129 -23.25 14.53 -4.17
C VAL A 129 -23.80 15.75 -3.43
N TRP A 130 -22.98 16.79 -3.29
CA TRP A 130 -23.43 17.94 -2.51
C TRP A 130 -24.47 18.76 -3.27
N GLY A 131 -24.38 18.81 -4.60
CA GLY A 131 -25.41 19.50 -5.36
C GLY A 131 -26.75 18.80 -5.28
N GLY A 132 -26.75 17.46 -5.38
CA GLY A 132 -27.98 16.72 -5.20
C GLY A 132 -28.52 16.83 -3.79
N ALA A 133 -27.63 16.86 -2.80
CA ALA A 133 -28.07 17.06 -1.43
C ALA A 133 -28.73 18.41 -1.25
N LEU A 134 -28.13 19.46 -1.80
CA LEU A 134 -28.73 20.79 -1.72
C LEU A 134 -30.07 20.82 -2.45
N GLY A 135 -30.14 20.18 -3.61
CA GLY A 135 -31.38 20.16 -4.37
C GLY A 135 -32.50 19.46 -3.63
N LEU A 136 -32.22 18.29 -3.07
CA LEU A 136 -33.21 17.55 -2.31
C LEU A 136 -33.44 18.14 -0.91
N GLY A 137 -32.61 19.08 -0.50
CA GLY A 137 -32.82 19.81 0.74
C GLY A 137 -33.35 21.21 0.50
N LEU A 138 -33.57 21.56 -0.77
CA LEU A 138 -34.20 22.83 -1.11
C LEU A 138 -35.66 22.69 -1.52
N LEU A 139 -36.06 21.51 -2.00
CA LEU A 139 -37.49 21.28 -2.21
C LEU A 139 -38.31 21.42 -0.93
N PRO A 140 -37.95 20.79 0.20
CA PRO A 140 -38.81 20.95 1.39
C PRO A 140 -38.74 22.34 2.00
N VAL A 141 -37.97 23.25 1.42
CA VAL A 141 -37.90 24.62 1.89
C VAL A 141 -38.56 25.58 0.92
N LEU A 142 -38.28 25.45 -0.38
CA LEU A 142 -38.71 26.43 -1.35
C LEU A 142 -40.22 26.53 -1.46
N ALA A 143 -40.88 25.48 -1.94
CA ALA A 143 -42.33 25.52 -2.12
C ALA A 143 -43.03 24.20 -1.86
N TRP A 144 -42.33 23.15 -1.44
CA TRP A 144 -42.92 21.83 -1.31
C TRP A 144 -43.35 21.52 0.11
N ASN A 145 -43.31 22.50 1.01
CA ASN A 145 -43.68 22.28 2.39
C ASN A 145 -45.19 22.11 2.54
N CYS A 146 -45.61 21.87 3.78
CA CYS A 146 -47.02 21.68 4.09
C CYS A 146 -47.74 22.97 4.44
N LEU A 147 -47.04 24.12 4.40
CA LEU A 147 -47.64 25.36 4.88
C LEU A 147 -48.85 25.77 4.05
N ASP A 148 -48.87 25.44 2.76
CA ASP A 148 -50.03 25.76 1.94
C ASP A 148 -51.26 24.99 2.39
N GLY A 149 -51.09 23.72 2.74
CA GLY A 149 -52.19 22.90 3.19
C GLY A 149 -52.91 22.11 2.11
N LEU A 150 -52.37 22.07 0.90
CA LEU A 150 -53.00 21.35 -0.20
C LEU A 150 -52.44 19.96 -0.39
N THR A 151 -51.16 19.74 -0.13
CA THR A 151 -50.51 18.46 -0.35
C THR A 151 -50.82 17.50 0.79
N THR A 152 -50.32 16.27 0.65
CA THR A 152 -50.67 15.20 1.59
C THR A 152 -49.98 15.36 2.94
N CYS A 153 -48.72 15.82 2.94
CA CYS A 153 -47.95 16.04 4.16
C CYS A 153 -47.80 14.73 4.95
N GLY A 154 -47.01 13.84 4.38
CA GLY A 154 -47.01 12.45 4.81
C GLY A 154 -46.64 12.11 6.23
N VAL A 155 -45.36 12.16 6.59
CA VAL A 155 -44.94 11.55 7.85
C VAL A 155 -44.16 12.52 8.73
N VAL A 156 -43.49 13.49 8.13
CA VAL A 156 -42.61 14.40 8.87
C VAL A 156 -43.17 15.80 8.68
N TYR A 157 -44.03 16.21 9.60
CA TYR A 157 -44.59 17.55 9.55
C TYR A 157 -43.51 18.58 9.83
N PRO A 158 -43.34 19.59 8.98
CA PRO A 158 -44.01 19.78 7.69
C PRO A 158 -43.14 19.36 6.52
N LEU A 159 -43.62 18.38 5.77
CA LEU A 159 -42.96 17.90 4.56
C LEU A 159 -43.94 17.06 3.77
N SER A 160 -44.10 17.36 2.48
CA SER A 160 -45.15 16.71 1.70
C SER A 160 -44.81 15.25 1.44
N LYS A 161 -45.85 14.48 1.12
CA LYS A 161 -45.67 13.06 0.85
C LYS A 161 -44.87 12.84 -0.43
N ASN A 162 -45.05 13.69 -1.43
CA ASN A 162 -44.39 13.49 -2.71
C ASN A 162 -42.88 13.59 -2.59
N HIS A 163 -42.39 14.60 -1.87
CA HIS A 163 -40.95 14.74 -1.67
C HIS A 163 -40.39 13.55 -0.91
N LEU A 164 -41.12 13.07 0.09
CA LEU A 164 -40.69 11.91 0.85
C LEU A 164 -40.61 10.67 -0.04
N VAL A 165 -41.59 10.49 -0.92
CA VAL A 165 -41.59 9.34 -1.82
C VAL A 165 -40.42 9.43 -2.79
N VAL A 166 -40.15 10.64 -3.31
CA VAL A 166 -39.01 10.81 -4.20
C VAL A 166 -37.71 10.48 -3.49
N LEU A 167 -37.57 10.92 -2.25
CA LEU A 167 -36.38 10.60 -1.47
C LEU A 167 -36.24 9.10 -1.26
N ALA A 168 -37.35 8.43 -0.97
CA ALA A 168 -37.31 6.99 -0.81
C ALA A 168 -36.89 6.29 -2.10
N ILE A 169 -37.39 6.77 -3.23
CA ILE A 169 -37.04 6.16 -4.52
C ILE A 169 -35.56 6.34 -4.80
N ALA A 170 -35.04 7.54 -4.58
CA ALA A 170 -33.61 7.78 -4.78
C ALA A 170 -32.78 6.91 -3.85
N PHE A 171 -33.23 6.77 -2.59
CA PHE A 171 -32.51 5.91 -1.65
C PHE A 171 -32.49 4.47 -2.13
N PHE A 172 -33.62 3.99 -2.66
CA PHE A 172 -33.66 2.60 -3.10
C PHE A 172 -32.79 2.38 -4.33
N MET A 173 -32.75 3.36 -5.23
CA MET A 173 -31.83 3.26 -6.36
C MET A 173 -30.38 3.21 -5.88
N VAL A 174 -30.04 4.06 -4.92
CA VAL A 174 -28.67 4.07 -4.38
C VAL A 174 -28.39 2.74 -3.69
N PHE A 175 -29.38 2.19 -3.00
CA PHE A 175 -29.20 0.91 -2.32
C PHE A 175 -28.91 -0.20 -3.31
N GLY A 176 -29.63 -0.23 -4.43
CA GLY A 176 -29.35 -1.22 -5.45
C GLY A 176 -27.96 -1.04 -6.05
N ILE A 177 -27.58 0.21 -6.32
CA ILE A 177 -26.25 0.47 -6.87
C ILE A 177 -25.16 -0.03 -5.92
N MET A 178 -25.33 0.24 -4.63
CA MET A 178 -24.34 -0.19 -3.65
C MET A 178 -24.34 -1.70 -3.48
N LEU A 179 -25.51 -2.33 -3.61
CA LEU A 179 -25.56 -3.79 -3.56
C LEU A 179 -24.74 -4.39 -4.70
N GLN A 180 -24.88 -3.85 -5.91
CA GLN A 180 -24.09 -4.38 -7.01
C GLN A 180 -22.61 -4.08 -6.85
N LEU A 181 -22.27 -2.87 -6.36
CA LEU A 181 -20.87 -2.54 -6.14
C LEU A 181 -20.24 -3.47 -5.12
N TYR A 182 -20.96 -3.76 -4.05
CA TYR A 182 -20.42 -4.66 -3.03
C TYR A 182 -20.40 -6.10 -3.51
N ALA A 183 -21.27 -6.47 -4.45
CA ALA A 183 -21.13 -7.78 -5.08
C ALA A 183 -19.83 -7.87 -5.88
N GLN A 184 -19.50 -6.81 -6.61
CA GLN A 184 -18.22 -6.78 -7.33
C GLN A 184 -17.04 -6.90 -6.37
N ILE A 185 -17.08 -6.11 -5.29
CA ILE A 185 -15.99 -6.16 -4.32
C ILE A 185 -15.93 -7.52 -3.64
N CYS A 186 -17.09 -8.15 -3.41
CA CYS A 186 -17.12 -9.48 -2.86
C CYS A 186 -16.45 -10.48 -3.79
N ARG A 187 -16.69 -10.35 -5.09
CA ARG A 187 -16.03 -11.23 -6.05
C ARG A 187 -14.51 -11.07 -5.99
N ILE A 188 -14.04 -9.81 -5.95
CA ILE A 188 -12.60 -9.57 -5.89
C ILE A 188 -12.00 -10.18 -4.63
N VAL A 189 -12.63 -9.91 -3.48
CA VAL A 189 -12.09 -10.39 -2.21
C VAL A 189 -12.13 -11.91 -2.15
N CYS A 190 -13.19 -12.53 -2.69
CA CYS A 190 -13.27 -13.98 -2.68
C CYS A 190 -12.20 -14.60 -3.57
N ARG A 191 -11.92 -14.00 -4.73
CA ARG A 191 -10.85 -14.51 -5.58
C ARG A 191 -9.52 -14.45 -4.86
N HIS A 192 -9.23 -13.31 -4.22
CA HIS A 192 -7.97 -13.18 -3.50
C HIS A 192 -7.89 -14.16 -2.33
N ALA A 193 -9.00 -14.36 -1.63
CA ALA A 193 -9.01 -15.29 -0.50
C ALA A 193 -8.77 -16.71 -0.96
N GLN A 194 -9.38 -17.12 -2.07
CA GLN A 194 -9.13 -18.45 -2.60
C GLN A 194 -7.67 -18.61 -3.01
N GLN A 195 -7.09 -17.60 -3.65
CA GLN A 195 -5.68 -17.68 -4.02
C GLN A 195 -4.78 -17.85 -2.80
N ILE A 196 -5.02 -17.04 -1.77
CA ILE A 196 -4.19 -17.11 -0.57
C ILE A 196 -4.37 -18.45 0.14
N ALA A 197 -5.61 -18.93 0.23
CA ALA A 197 -5.86 -20.22 0.87
C ALA A 197 -5.17 -21.35 0.13
N LEU A 198 -5.20 -21.31 -1.20
CA LEU A 198 -4.47 -22.33 -1.97
C LEU A 198 -2.97 -22.21 -1.75
N GLN A 199 -2.46 -20.98 -1.61
CA GLN A 199 -1.04 -20.79 -1.37
C GLN A 199 -0.61 -21.37 -0.03
N ARG A 200 -1.39 -21.13 1.02
CA ARG A 200 -0.96 -21.52 2.35
C ARG A 200 -0.94 -23.03 2.52
N HIS A 201 -2.00 -23.71 2.09
CA HIS A 201 -2.08 -25.16 2.22
C HIS A 201 -1.09 -25.85 1.28
N ALA A 210 -9.34 -16.85 7.12
CA ALA A 210 -9.41 -16.99 5.67
C ALA A 210 -10.34 -15.93 5.07
N THR A 211 -11.52 -16.37 4.63
CA THR A 211 -12.51 -15.50 4.03
C THR A 211 -13.43 -14.88 5.08
N ARG A 212 -13.30 -15.30 6.33
CA ARG A 212 -14.24 -14.86 7.37
C ARG A 212 -14.19 -13.36 7.59
N LYS A 213 -12.99 -12.77 7.59
CA LYS A 213 -12.87 -11.36 7.93
C LYS A 213 -13.55 -10.47 6.90
N GLY A 214 -13.30 -10.72 5.61
CA GLY A 214 -13.91 -9.89 4.58
C GLY A 214 -15.41 -10.02 4.52
N ILE A 215 -15.91 -11.27 4.57
CA ILE A 215 -17.36 -11.48 4.59
C ILE A 215 -17.96 -10.78 5.80
N ALA A 216 -17.31 -10.89 6.95
CA ALA A 216 -17.83 -10.27 8.16
C ALA A 216 -17.91 -8.75 8.01
N THR A 217 -16.86 -8.11 7.49
CA THR A 217 -16.86 -6.66 7.44
C THR A 217 -17.86 -6.14 6.41
N LEU A 218 -17.93 -6.78 5.23
CA LEU A 218 -18.92 -6.34 4.25
C LEU A 218 -20.33 -6.57 4.75
N ALA A 219 -20.58 -7.71 5.39
CA ALA A 219 -21.91 -7.97 5.96
C ALA A 219 -22.23 -6.93 7.03
N VAL A 220 -21.26 -6.57 7.86
CA VAL A 220 -21.52 -5.61 8.93
C VAL A 220 -21.88 -4.25 8.34
N VAL A 221 -21.10 -3.78 7.37
CA VAL A 221 -21.36 -2.44 6.83
C VAL A 221 -22.70 -2.42 6.09
N LEU A 222 -22.97 -3.42 5.25
CA LEU A 222 -24.23 -3.42 4.51
C LEU A 222 -25.42 -3.61 5.43
N GLY A 223 -25.29 -4.46 6.44
CA GLY A 223 -26.38 -4.64 7.39
C GLY A 223 -26.63 -3.41 8.22
N ALA A 224 -25.58 -2.70 8.61
CA ALA A 224 -25.76 -1.45 9.32
C ALA A 224 -26.54 -0.47 8.47
N PHE A 225 -26.08 -0.25 7.23
CA PHE A 225 -26.79 0.67 6.34
C PHE A 225 -28.24 0.27 6.16
N ALA A 226 -28.48 -1.01 5.86
CA ALA A 226 -29.85 -1.46 5.57
C ALA A 226 -30.72 -1.38 6.81
N ALA A 227 -30.34 -2.07 7.89
CA ALA A 227 -31.15 -2.12 9.09
C ALA A 227 -31.29 -0.76 9.76
N CYS A 228 -30.48 0.24 9.38
CA CYS A 228 -30.63 1.56 9.96
C CYS A 228 -31.38 2.54 9.08
N TRP A 229 -31.36 2.38 7.75
CA TRP A 229 -32.07 3.32 6.88
C TRP A 229 -33.35 2.77 6.29
N LEU A 230 -33.45 1.46 6.07
CA LEU A 230 -34.65 0.89 5.47
C LEU A 230 -35.92 1.24 6.23
N PRO A 231 -36.01 1.06 7.56
CA PRO A 231 -37.30 1.30 8.23
C PRO A 231 -37.88 2.67 7.97
N PHE A 232 -37.03 3.70 7.94
CA PHE A 232 -37.53 5.05 7.67
C PHE A 232 -38.20 5.13 6.31
N THR A 233 -37.55 4.59 5.28
CA THR A 233 -38.09 4.71 3.92
C THR A 233 -39.33 3.84 3.73
N VAL A 234 -39.31 2.61 4.25
CA VAL A 234 -40.49 1.76 4.11
C VAL A 234 -41.68 2.38 4.84
N TYR A 235 -41.47 2.88 6.06
CA TYR A 235 -42.56 3.52 6.79
C TYR A 235 -42.99 4.81 6.11
N CYS A 236 -42.06 5.51 5.46
CA CYS A 236 -42.41 6.70 4.71
C CYS A 236 -43.34 6.37 3.55
N LEU A 237 -43.03 5.29 2.83
CA LEU A 237 -43.91 4.89 1.73
C LEU A 237 -45.25 4.41 2.24
N LEU A 238 -45.25 3.58 3.29
CA LEU A 238 -46.50 3.03 3.79
C LEU A 238 -47.30 4.03 4.61
N GLY A 239 -46.63 4.87 5.39
CA GLY A 239 -47.32 5.70 6.35
C GLY A 239 -48.12 6.82 5.70
N ASP A 240 -49.01 7.40 6.50
CA ASP A 240 -49.89 8.49 6.07
C ASP A 240 -49.84 9.61 7.10
N ALA A 241 -50.67 10.63 6.90
CA ALA A 241 -50.68 11.79 7.78
C ALA A 241 -51.18 11.43 9.17
N HIS A 242 -52.28 10.69 9.25
CA HIS A 242 -52.89 10.32 10.53
C HIS A 242 -52.26 9.07 11.14
N SER A 243 -51.04 8.73 10.74
CA SER A 243 -50.35 7.61 11.35
C SER A 243 -50.00 7.93 12.80
N PRO A 244 -49.81 6.92 13.63
CA PRO A 244 -49.45 7.16 15.04
C PRO A 244 -48.16 7.97 15.13
N PRO A 245 -48.09 8.90 16.09
CA PRO A 245 -46.95 9.82 16.12
C PRO A 245 -45.67 9.21 16.67
N LEU A 246 -45.77 8.11 17.44
CA LEU A 246 -44.56 7.50 17.97
C LEU A 246 -43.73 6.85 16.88
N TYR A 247 -44.37 6.36 15.82
CA TYR A 247 -43.63 5.74 14.73
C TYR A 247 -42.79 6.75 13.97
N THR A 248 -43.08 8.05 14.11
CA THR A 248 -42.31 9.06 13.41
C THR A 248 -40.86 9.07 13.86
N TYR A 249 -40.62 8.95 15.17
CA TYR A 249 -39.27 8.91 15.70
C TYR A 249 -38.81 7.53 16.12
N LEU A 250 -39.72 6.55 16.20
CA LEU A 250 -39.31 5.21 16.56
C LEU A 250 -38.37 4.61 15.50
N THR A 251 -38.64 4.88 14.23
CA THR A 251 -37.79 4.41 13.15
C THR A 251 -36.80 5.46 12.67
N LEU A 252 -36.80 6.65 13.29
CA LEU A 252 -35.83 7.68 12.95
C LEU A 252 -34.56 7.59 13.79
N LEU A 253 -34.64 6.96 14.96
CA LEU A 253 -33.43 6.72 15.75
C LEU A 253 -32.39 5.89 15.01
N PRO A 254 -32.73 4.81 14.28
CA PRO A 254 -31.69 4.08 13.54
C PRO A 254 -30.96 4.94 12.52
N ALA A 255 -31.59 5.97 11.97
CA ALA A 255 -30.88 6.87 11.07
C ALA A 255 -29.74 7.58 11.80
N THR A 256 -30.03 8.09 12.99
CA THR A 256 -28.97 8.71 13.80
C THR A 256 -27.92 7.69 14.20
N TYR A 257 -28.34 6.45 14.49
CA TYR A 257 -27.37 5.42 14.84
C TYR A 257 -26.43 5.12 13.68
N ASN A 258 -26.96 5.06 12.46
CA ASN A 258 -26.10 4.83 11.30
C ASN A 258 -25.17 6.00 11.06
N SER A 259 -25.68 7.23 11.23
CA SER A 259 -24.82 8.39 11.08
C SER A 259 -23.71 8.38 12.11
N MET A 260 -24.03 7.87 13.30
CA MET A 260 -23.06 7.64 14.37
C MET A 260 -22.04 6.58 14.03
N ILE A 261 -22.47 5.49 13.40
CA ILE A 261 -21.60 4.33 13.17
C ILE A 261 -20.69 4.55 11.96
N ASN A 262 -21.13 5.31 10.97
CA ASN A 262 -20.38 5.49 9.73
C ASN A 262 -18.93 5.91 9.95
N PRO A 263 -18.59 6.91 10.77
CA PRO A 263 -17.17 7.26 10.93
C PRO A 263 -16.37 6.20 11.65
N ILE A 264 -16.98 5.40 12.53
CA ILE A 264 -16.23 4.34 13.19
C ILE A 264 -15.73 3.34 12.16
N ILE A 265 -16.61 2.95 11.21
CA ILE A 265 -16.24 1.96 10.21
C ILE A 265 -15.32 2.57 9.16
N TYR A 266 -15.56 3.82 8.76
CA TYR A 266 -14.83 4.40 7.64
C TYR A 266 -13.62 5.23 8.04
N ALA A 267 -13.51 5.66 9.30
CA ALA A 267 -12.38 6.50 9.70
C ALA A 267 -11.49 5.87 10.76
N PHE A 268 -12.07 5.37 11.85
CA PHE A 268 -11.26 4.83 12.93
C PHE A 268 -10.49 3.59 12.49
N ARG A 269 -11.11 2.77 11.65
CA ARG A 269 -10.47 1.53 11.22
C ARG A 269 -9.22 1.80 10.38
N ASN A 270 -9.08 3.00 9.83
CA ASN A 270 -7.86 3.34 9.12
C ASN A 270 -6.68 3.40 10.08
N GLN A 271 -5.56 2.80 9.69
CA GLN A 271 -4.41 2.72 10.57
C GLN A 271 -3.78 4.09 10.79
N ASP A 272 -3.73 4.92 9.75
CA ASP A 272 -3.09 6.22 9.88
C ASP A 272 -3.87 7.14 10.82
N VAL A 273 -5.20 7.18 10.67
CA VAL A 273 -6.01 8.01 11.56
C VAL A 273 -5.95 7.48 12.98
N GLN A 274 -5.88 6.15 13.14
CA GLN A 274 -5.73 5.56 14.47
C GLN A 274 -4.42 5.97 15.10
N LYS A 275 -3.34 5.97 14.32
CA LYS A 275 -2.04 6.41 14.83
C LYS A 275 -2.08 7.87 15.24
N VAL A 276 -2.73 8.72 14.44
CA VAL A 276 -2.84 10.13 14.79
C VAL A 276 -3.65 10.30 16.06
N LEU A 277 -4.72 9.51 16.21
CA LEU A 277 -5.51 9.57 17.45
C LEU A 277 -4.67 9.18 18.66
N TRP A 278 -3.88 8.11 18.52
CA TRP A 278 -3.01 7.70 19.63
C TRP A 278 -1.98 8.77 19.94
N ALA A 279 -1.44 9.43 18.91
CA ALA A 279 -0.49 10.50 19.14
C ALA A 279 -1.14 11.68 19.87
N VAL A 280 -2.38 12.01 19.51
CA VAL A 280 -3.10 13.08 20.20
C VAL A 280 -3.35 12.69 21.65
N CYS A 281 -3.79 11.46 21.89
CA CYS A 281 -4.05 10.99 23.24
C CYS A 281 -2.74 10.68 23.96
N SER B 1 53.06 -21.01 5.69
CA SER B 1 54.30 -20.63 6.35
C SER B 1 54.46 -19.12 6.42
N GLU B 2 54.72 -18.51 5.26
CA GLU B 2 54.86 -17.05 5.21
C GLU B 2 53.57 -16.36 5.60
N LEU B 3 52.43 -16.88 5.13
CA LEU B 3 51.14 -16.31 5.52
C LEU B 3 50.91 -16.47 7.02
N ASP B 4 51.24 -17.63 7.57
CA ASP B 4 51.11 -17.85 9.01
C ASP B 4 52.04 -16.93 9.79
N GLN B 5 53.26 -16.75 9.29
CA GLN B 5 54.20 -15.84 9.96
C GLN B 5 53.67 -14.41 9.95
N LEU B 6 53.11 -13.96 8.83
CA LEU B 6 52.54 -12.63 8.75
C LEU B 6 51.36 -12.49 9.71
N ARG B 7 50.52 -13.52 9.79
CA ARG B 7 49.39 -13.49 10.71
C ARG B 7 49.86 -13.41 12.16
N GLN B 8 50.89 -14.17 12.51
CA GLN B 8 51.41 -14.13 13.88
C GLN B 8 52.02 -12.77 14.19
N GLU B 9 52.74 -12.18 13.23
CA GLU B 9 53.29 -10.84 13.43
C GLU B 9 52.18 -9.81 13.62
N ALA B 10 51.12 -9.90 12.81
CA ALA B 10 50.00 -8.99 12.98
C ALA B 10 49.38 -9.16 14.36
N GLU B 11 49.23 -10.41 14.82
CA GLU B 11 48.64 -10.65 16.13
C GLU B 11 49.52 -10.08 17.24
N GLN B 12 50.83 -10.23 17.13
CA GLN B 12 51.70 -9.74 18.21
C GLN B 12 51.74 -8.22 18.24
N LEU B 13 51.76 -7.57 17.08
CA LEU B 13 51.64 -6.11 17.08
C LEU B 13 50.29 -5.66 17.62
N LYS B 14 49.22 -6.40 17.31
CA LYS B 14 47.91 -6.07 17.86
C LYS B 14 47.91 -6.18 19.38
N ASN B 15 48.54 -7.23 19.91
CA ASN B 15 48.64 -7.38 21.36
C ASN B 15 49.45 -6.24 21.97
N GLN B 16 50.54 -5.84 21.33
CA GLN B 16 51.33 -4.72 21.83
C GLN B 16 50.51 -3.44 21.86
N ILE B 17 49.74 -3.18 20.81
CA ILE B 17 48.93 -1.97 20.77
C ILE B 17 47.82 -2.04 21.80
N ARG B 18 47.24 -3.22 22.02
CA ARG B 18 46.22 -3.35 23.06
C ARG B 18 46.80 -3.06 24.43
N ASP B 19 48.01 -3.56 24.70
CA ASP B 19 48.67 -3.26 25.97
C ASP B 19 48.93 -1.77 26.12
N ALA B 20 49.40 -1.13 25.03
CA ALA B 20 49.64 0.31 25.07
C ALA B 20 48.36 1.09 25.32
N ARG B 21 47.25 0.66 24.70
CA ARG B 21 45.96 1.31 24.92
C ARG B 21 45.54 1.18 26.37
N LYS B 22 45.69 -0.02 26.95
CA LYS B 22 45.30 -0.22 28.34
C LYS B 22 46.22 0.52 29.29
N ALA B 23 47.46 0.80 28.89
CA ALA B 23 48.40 1.49 29.77
C ALA B 23 47.93 2.91 30.07
N CYS B 24 47.38 3.60 29.08
CA CYS B 24 47.01 5.00 29.24
C CYS B 24 45.64 5.18 29.88
N ALA B 25 44.92 4.10 30.17
CA ALA B 25 43.57 4.19 30.76
C ALA B 25 43.69 4.33 32.27
N ASP B 26 44.15 5.52 32.69
CA ASP B 26 44.31 5.79 34.11
C ASP B 26 42.95 5.89 34.82
N ALA B 27 42.03 6.65 34.24
CA ALA B 27 40.70 6.81 34.81
C ALA B 27 39.70 7.03 33.69
N THR B 28 38.49 6.49 33.87
CA THR B 28 37.48 6.57 32.85
C THR B 28 36.81 7.94 32.85
N LEU B 29 36.06 8.21 31.79
CA LEU B 29 35.35 9.48 31.67
C LEU B 29 34.25 9.63 32.71
N SER B 30 33.71 8.52 33.21
CA SER B 30 32.63 8.60 34.18
C SER B 30 33.09 9.28 35.47
N GLN B 31 34.27 8.91 35.96
CA GLN B 31 34.76 9.49 37.21
C GLN B 31 34.97 10.99 37.08
N ILE B 32 35.58 11.44 35.98
CA ILE B 32 35.89 12.86 35.84
C ILE B 32 34.61 13.65 35.56
N THR B 33 33.64 13.04 34.88
CA THR B 33 32.40 13.74 34.57
C THR B 33 31.35 13.65 35.67
N ASN B 34 31.59 12.82 36.70
CA ASN B 34 30.61 12.71 37.78
C ASN B 34 30.38 14.02 38.50
N ASN B 35 31.41 14.88 38.58
CA ASN B 35 31.30 16.08 39.39
C ASN B 35 30.39 17.12 38.74
N ILE B 36 30.40 17.22 37.41
CA ILE B 36 29.71 18.32 36.75
C ILE B 36 28.20 18.13 36.87
N ASP B 37 27.48 19.24 36.79
CA ASP B 37 26.03 19.24 36.95
C ASP B 37 25.35 18.80 35.66
N PRO B 38 24.32 17.97 35.74
CA PRO B 38 23.60 17.57 34.53
C PRO B 38 22.72 18.71 34.01
N VAL B 39 22.41 18.65 32.72
CA VAL B 39 21.58 19.68 32.09
C VAL B 39 20.10 19.45 32.35
N GLY B 40 19.73 18.28 32.84
CA GLY B 40 18.32 17.99 33.15
C GLY B 40 17.58 17.46 31.92
N ARG B 41 16.63 18.26 31.42
CA ARG B 41 15.84 17.89 30.27
C ARG B 41 15.79 19.05 29.28
N ILE B 42 15.75 18.72 28.00
CA ILE B 42 15.65 19.70 26.92
C ILE B 42 14.37 19.41 26.14
N GLN B 43 13.50 20.40 26.05
CA GLN B 43 12.22 20.26 25.36
C GLN B 43 12.35 20.93 24.00
N MET B 44 12.77 20.15 23.02
CA MET B 44 12.89 20.64 21.65
C MET B 44 11.54 20.64 20.96
N ARG B 45 11.25 21.71 20.25
CA ARG B 45 9.97 21.89 19.58
C ARG B 45 10.17 22.01 18.08
N THR B 46 9.18 21.52 17.33
CA THR B 46 9.19 21.60 15.88
C THR B 46 8.68 22.96 15.42
N ARG B 47 9.42 23.61 14.55
CA ARG B 47 9.03 24.92 14.03
C ARG B 47 8.55 24.84 12.59
N ARG B 48 9.38 24.35 11.67
CA ARG B 48 9.04 24.25 10.27
C ARG B 48 9.00 22.79 9.86
N THR B 49 7.91 22.38 9.24
CA THR B 49 7.79 21.03 8.69
C THR B 49 7.77 21.20 7.17
N LEU B 50 8.91 20.91 6.55
CA LEU B 50 9.05 21.13 5.12
C LEU B 50 8.37 20.02 4.33
N ARG B 51 7.51 20.41 3.40
CA ARG B 51 6.73 19.48 2.60
C ARG B 51 6.90 19.82 1.13
N GLY B 52 6.88 18.79 0.29
CA GLY B 52 7.06 18.97 -1.13
C GLY B 52 7.88 17.84 -1.73
N HIS B 53 8.38 16.96 -0.87
CA HIS B 53 9.09 15.77 -1.31
C HIS B 53 8.12 14.60 -1.38
N LEU B 54 8.24 13.79 -2.44
CA LEU B 54 7.36 12.64 -2.58
C LEU B 54 7.96 11.37 -1.98
N ALA B 55 9.14 10.98 -2.42
CA ALA B 55 9.75 9.76 -1.93
C ALA B 55 10.52 10.05 -0.64
N LYS B 56 11.25 9.06 -0.14
CA LYS B 56 11.98 9.22 1.10
C LYS B 56 13.11 10.22 0.94
N ILE B 57 13.37 10.98 2.00
CA ILE B 57 14.52 11.87 2.07
C ILE B 57 15.68 11.07 2.64
N TYR B 58 16.75 10.92 1.87
CA TYR B 58 17.87 10.09 2.28
C TYR B 58 19.07 10.87 2.76
N ALA B 59 19.24 12.11 2.33
CA ALA B 59 20.35 12.92 2.80
C ALA B 59 19.96 14.38 2.77
N MET B 60 20.57 15.14 3.67
CA MET B 60 20.36 16.58 3.75
C MET B 60 21.63 17.22 4.30
N HIS B 61 21.80 18.50 4.00
CA HIS B 61 22.96 19.22 4.49
C HIS B 61 22.63 20.70 4.63
N TRP B 62 23.32 21.35 5.57
CA TRP B 62 23.14 22.76 5.86
C TRP B 62 24.20 23.59 5.16
N GLY B 63 23.92 24.89 5.02
CA GLY B 63 24.86 25.82 4.46
C GLY B 63 25.81 26.39 5.51
N THR B 64 26.72 27.25 5.04
CA THR B 64 27.66 27.89 5.95
C THR B 64 26.99 28.96 6.79
N ASP B 65 25.98 29.64 6.24
CA ASP B 65 25.27 30.71 6.93
C ASP B 65 23.98 30.25 7.61
N SER B 66 23.76 28.93 7.70
CA SER B 66 22.64 28.34 8.45
C SER B 66 21.29 28.87 7.98
N ARG B 67 21.16 29.17 6.70
CA ARG B 67 19.89 29.62 6.13
C ARG B 67 19.36 28.67 5.07
N LEU B 68 20.19 28.30 4.10
CA LEU B 68 19.78 27.43 3.02
C LEU B 68 20.26 26.00 3.26
N LEU B 69 19.40 25.04 2.93
CA LEU B 69 19.72 23.63 3.09
C LEU B 69 19.40 22.88 1.81
N VAL B 70 19.90 21.66 1.70
CA VAL B 70 19.61 20.78 0.57
C VAL B 70 19.11 19.44 1.08
N SER B 71 18.07 18.92 0.43
CA SER B 71 17.57 17.58 0.69
C SER B 71 17.46 16.82 -0.61
N ALA B 72 17.86 15.55 -0.58
CA ALA B 72 17.80 14.69 -1.76
C ALA B 72 16.74 13.62 -1.53
N SER B 73 15.98 13.31 -2.56
CA SER B 73 14.94 12.28 -2.44
C SER B 73 15.14 11.20 -3.49
N GLN B 74 14.79 9.97 -3.11
CA GLN B 74 14.88 8.80 -3.99
C GLN B 74 13.91 8.87 -5.15
N ASP B 75 13.09 9.92 -5.14
CA ASP B 75 12.27 10.33 -6.27
C ASP B 75 13.08 10.95 -7.40
N GLY B 76 14.35 11.27 -7.16
CA GLY B 76 15.16 11.91 -8.17
C GLY B 76 15.06 13.42 -8.20
N LYS B 77 14.76 14.06 -7.06
CA LYS B 77 14.78 15.51 -6.96
C LYS B 77 15.69 15.96 -5.83
N LEU B 78 16.44 17.01 -6.10
CA LEU B 78 17.30 17.65 -5.12
C LEU B 78 16.71 19.03 -4.86
N ILE B 79 16.13 19.22 -3.68
CA ILE B 79 15.42 20.46 -3.36
C ILE B 79 16.29 21.29 -2.43
N ILE B 80 16.51 22.53 -2.80
CA ILE B 80 17.27 23.49 -2.00
C ILE B 80 16.26 24.41 -1.32
N TRP B 81 16.16 24.29 -0.01
CA TRP B 81 15.18 24.96 0.83
C TRP B 81 15.78 26.17 1.51
N ASP B 82 14.92 27.12 1.86
CA ASP B 82 15.23 28.19 2.80
C ASP B 82 14.37 27.94 4.04
N SER B 83 15.00 27.46 5.11
CA SER B 83 14.25 27.02 6.29
C SER B 83 13.58 28.19 6.99
N TYR B 84 14.11 29.41 6.83
CA TYR B 84 13.54 30.56 7.52
C TYR B 84 12.12 30.85 7.05
N THR B 85 11.87 30.77 5.74
CA THR B 85 10.58 31.13 5.17
C THR B 85 9.88 29.96 4.48
N THR B 86 10.42 28.74 4.61
CA THR B 86 9.88 27.52 4.01
C THR B 86 9.51 27.68 2.54
N ASN B 87 10.23 28.54 1.81
CA ASN B 87 10.15 28.53 0.36
C ASN B 87 11.08 27.47 -0.21
N LYS B 88 11.05 27.22 -1.51
CA LYS B 88 11.99 26.28 -2.08
C LYS B 88 12.67 27.09 -3.10
N VAL B 89 13.97 26.99 -3.21
CA VAL B 89 14.69 27.85 -4.10
C VAL B 89 15.04 27.22 -5.42
N HIS B 90 15.28 25.90 -5.46
CA HIS B 90 15.84 25.20 -6.62
C HIS B 90 15.50 23.73 -6.57
N ALA B 91 14.60 23.26 -7.40
CA ALA B 91 14.16 21.87 -7.54
C ALA B 91 14.94 21.27 -8.71
N ILE B 92 16.13 20.75 -8.41
CA ILE B 92 17.01 20.18 -9.42
C ILE B 92 16.50 18.79 -9.79
N PRO B 93 16.19 18.53 -11.05
CA PRO B 93 15.91 17.15 -11.47
C PRO B 93 17.19 16.35 -11.61
N LEU B 94 17.15 15.10 -11.14
CA LEU B 94 18.32 14.26 -11.09
C LEU B 94 18.32 13.28 -12.25
N ARG B 95 19.50 13.04 -12.82
CA ARG B 95 19.61 12.09 -13.92
C ARG B 95 19.20 10.69 -13.48
N SER B 96 19.65 10.27 -12.30
CA SER B 96 19.31 8.97 -11.76
C SER B 96 18.32 9.13 -10.62
N SER B 97 17.26 8.34 -10.63
CA SER B 97 16.22 8.47 -9.61
C SER B 97 16.75 8.15 -8.22
N TRP B 98 17.76 7.28 -8.13
CA TRP B 98 18.26 6.82 -6.84
C TRP B 98 19.44 7.68 -6.41
N VAL B 99 19.29 8.36 -5.29
CA VAL B 99 20.32 9.23 -4.73
C VAL B 99 20.48 8.89 -3.25
N MET B 100 21.72 8.94 -2.76
CA MET B 100 22.02 8.58 -1.38
C MET B 100 22.79 9.64 -0.61
N THR B 101 23.27 10.69 -1.25
CA THR B 101 24.05 11.69 -0.53
C THR B 101 24.00 13.02 -1.28
N CYS B 102 23.95 14.11 -0.52
CA CYS B 102 24.05 15.46 -1.05
C CYS B 102 24.94 16.29 -0.13
N ALA B 103 25.57 17.31 -0.70
CA ALA B 103 26.50 18.14 0.04
C ALA B 103 26.48 19.56 -0.49
N TYR B 104 26.71 20.50 0.41
CA TYR B 104 26.85 21.92 0.08
C TYR B 104 28.32 22.29 0.12
N ALA B 105 28.80 22.92 -0.95
CA ALA B 105 30.14 23.48 -0.93
C ALA B 105 30.20 24.62 0.07
N PRO B 106 31.35 24.84 0.72
CA PRO B 106 31.42 25.91 1.71
C PRO B 106 31.66 27.26 1.08
N SER B 107 30.93 27.55 0.01
CA SER B 107 30.90 28.89 -0.56
C SER B 107 29.52 29.28 -1.08
N GLY B 108 28.55 28.38 -1.05
CA GLY B 108 27.24 28.67 -1.59
C GLY B 108 27.15 28.61 -3.10
N ASN B 109 28.19 28.12 -3.78
CA ASN B 109 28.26 28.16 -5.23
C ASN B 109 27.92 26.83 -5.90
N TYR B 110 28.29 25.72 -5.29
CA TYR B 110 28.08 24.41 -5.90
C TYR B 110 27.38 23.48 -4.91
N VAL B 111 26.68 22.50 -5.47
CA VAL B 111 26.08 21.42 -4.69
C VAL B 111 26.53 20.10 -5.31
N ALA B 112 26.52 19.05 -4.50
CA ALA B 112 26.99 17.74 -4.94
C ALA B 112 25.94 16.69 -4.61
N CYS B 113 25.73 15.76 -5.53
CA CYS B 113 24.79 14.67 -5.32
C CYS B 113 25.43 13.36 -5.76
N GLY B 114 24.96 12.27 -5.17
CA GLY B 114 25.47 10.96 -5.53
C GLY B 114 24.61 9.85 -4.99
N GLY B 115 24.72 8.68 -5.62
CA GLY B 115 23.94 7.54 -5.20
C GLY B 115 24.35 6.24 -5.87
N LEU B 116 23.36 5.39 -6.15
CA LEU B 116 23.63 4.10 -6.77
C LEU B 116 24.12 4.20 -8.20
N ASP B 117 23.99 5.38 -8.83
CA ASP B 117 24.42 5.55 -10.21
C ASP B 117 25.93 5.59 -10.37
N ASN B 118 26.69 5.48 -9.29
CA ASN B 118 28.14 5.35 -9.30
C ASN B 118 28.85 6.62 -9.75
N ILE B 119 28.12 7.71 -9.97
CA ILE B 119 28.68 8.94 -10.50
C ILE B 119 28.28 10.07 -9.56
N CYS B 120 29.25 10.83 -9.09
CA CYS B 120 28.96 12.01 -8.29
C CYS B 120 28.85 13.21 -9.21
N SER B 121 27.78 13.99 -9.04
CA SER B 121 27.45 15.09 -9.93
C SER B 121 27.51 16.40 -9.18
N ILE B 122 28.17 17.39 -9.77
CA ILE B 122 28.28 18.73 -9.21
C ILE B 122 27.39 19.67 -10.02
N TYR B 123 26.50 20.38 -9.33
CA TYR B 123 25.61 21.35 -9.95
C TYR B 123 26.02 22.74 -9.52
N ASN B 124 26.06 23.67 -10.46
CA ASN B 124 26.49 25.04 -10.22
C ASN B 124 25.25 25.91 -10.02
N LEU B 125 25.21 26.66 -8.92
CA LEU B 125 24.09 27.51 -8.59
C LEU B 125 24.26 28.94 -9.07
N LYS B 126 25.45 29.33 -9.50
CA LYS B 126 25.75 30.71 -9.89
C LYS B 126 25.94 30.85 -11.40
N THR B 127 25.13 30.12 -12.17
CA THR B 127 25.23 30.19 -13.62
C THR B 127 24.77 31.55 -14.12
N ARG B 128 25.48 32.06 -15.13
CA ARG B 128 25.09 33.34 -15.73
C ARG B 128 23.74 33.22 -16.44
N GLU B 129 23.49 32.07 -17.07
CA GLU B 129 22.23 31.86 -17.77
C GLU B 129 21.03 31.84 -16.82
N GLY B 130 21.26 31.59 -15.53
CA GLY B 130 20.18 31.55 -14.57
C GLY B 130 19.51 30.20 -14.43
N ASN B 131 19.88 29.22 -15.24
CA ASN B 131 19.31 27.88 -15.18
C ASN B 131 20.34 26.93 -14.59
N VAL B 132 19.91 26.10 -13.64
CA VAL B 132 20.82 25.18 -12.98
C VAL B 132 21.19 24.06 -13.94
N ARG B 133 22.48 23.92 -14.23
CA ARG B 133 22.97 22.92 -15.16
C ARG B 133 24.11 22.15 -14.50
N VAL B 134 24.17 20.85 -14.79
CA VAL B 134 25.23 20.01 -14.23
C VAL B 134 26.57 20.47 -14.79
N SER B 135 27.54 20.69 -13.90
CA SER B 135 28.85 21.18 -14.31
C SER B 135 29.80 20.02 -14.63
N ARG B 136 30.02 19.12 -13.68
CA ARG B 136 30.86 17.97 -13.90
C ARG B 136 30.26 16.72 -13.28
N GLU B 137 30.69 15.58 -13.80
CA GLU B 137 30.29 14.27 -13.30
C GLU B 137 31.53 13.39 -13.21
N LEU B 138 31.76 12.80 -12.04
CA LEU B 138 32.92 11.97 -11.79
C LEU B 138 32.48 10.53 -11.59
N ALA B 139 33.16 9.61 -12.28
CA ALA B 139 32.73 8.22 -12.38
C ALA B 139 33.86 7.24 -12.08
N GLY B 140 34.81 7.64 -11.24
CA GLY B 140 35.92 6.75 -10.92
C GLY B 140 35.50 5.55 -10.09
N HIS B 141 34.59 5.76 -9.14
CA HIS B 141 34.23 4.71 -8.21
C HIS B 141 33.52 3.56 -8.90
N THR B 142 33.68 2.37 -8.34
CA THR B 142 32.97 1.19 -8.81
C THR B 142 31.76 0.87 -7.95
N GLY B 143 31.93 0.86 -6.63
CA GLY B 143 30.81 0.64 -5.75
C GLY B 143 29.96 1.89 -5.57
N TYR B 144 28.73 1.66 -5.12
CA TYR B 144 27.77 2.75 -4.95
C TYR B 144 28.32 3.82 -4.02
N LEU B 145 28.12 5.07 -4.41
CA LEU B 145 28.61 6.19 -3.60
C LEU B 145 27.79 6.30 -2.33
N SER B 146 28.48 6.41 -1.19
CA SER B 146 27.83 6.49 0.11
C SER B 146 27.67 7.90 0.63
N CYS B 147 28.74 8.70 0.62
CA CYS B 147 28.61 10.09 1.04
C CYS B 147 29.68 10.93 0.36
N CYS B 148 29.50 12.24 0.42
CA CYS B 148 30.44 13.16 -0.21
C CYS B 148 30.48 14.46 0.57
N ARG B 149 31.65 15.08 0.61
CA ARG B 149 31.84 16.35 1.27
C ARG B 149 32.76 17.22 0.43
N PHE B 150 32.68 18.53 0.65
CA PHE B 150 33.46 19.51 -0.08
C PHE B 150 34.57 20.04 0.81
N LEU B 151 35.82 20.02 0.32
CA LEU B 151 36.88 20.71 1.02
C LEU B 151 36.86 22.20 0.69
N ASP B 152 36.76 22.52 -0.59
CA ASP B 152 36.59 23.89 -1.06
C ASP B 152 35.82 23.81 -2.37
N ASP B 153 35.84 24.90 -3.14
CA ASP B 153 35.15 24.90 -4.43
C ASP B 153 35.81 24.00 -5.46
N ASN B 154 37.00 23.48 -5.18
CA ASN B 154 37.76 22.71 -6.16
C ASN B 154 37.99 21.25 -5.78
N GLN B 155 38.02 20.92 -4.50
CA GLN B 155 38.31 19.56 -4.06
C GLN B 155 37.10 18.94 -3.36
N ILE B 156 36.82 17.69 -3.69
CA ILE B 156 35.69 16.97 -3.12
C ILE B 156 36.15 15.58 -2.67
N VAL B 157 35.74 15.18 -1.48
CA VAL B 157 36.02 13.86 -0.94
C VAL B 157 34.77 13.01 -1.05
N THR B 158 34.92 11.82 -1.63
CA THR B 158 33.80 10.91 -1.84
C THR B 158 34.12 9.56 -1.22
N SER B 159 33.10 8.96 -0.59
CA SER B 159 33.22 7.65 0.01
C SER B 159 32.14 6.77 -0.58
N SER B 160 32.54 5.65 -1.17
CA SER B 160 31.65 4.75 -1.87
C SER B 160 31.71 3.35 -1.26
N GLY B 161 30.97 2.43 -1.85
CA GLY B 161 30.88 1.07 -1.38
C GLY B 161 31.96 0.14 -1.85
N ASP B 162 32.95 0.65 -2.58
CA ASP B 162 34.05 -0.16 -3.08
C ASP B 162 35.19 -0.28 -2.08
N THR B 163 34.93 0.00 -0.80
CA THR B 163 35.93 0.00 0.27
C THR B 163 37.05 0.99 0.01
N THR B 164 36.80 2.03 -0.77
CA THR B 164 37.79 3.07 -1.05
C THR B 164 37.17 4.44 -0.88
N CYS B 165 38.02 5.41 -0.55
CA CYS B 165 37.66 6.82 -0.53
C CYS B 165 38.52 7.54 -1.56
N ALA B 166 37.99 8.62 -2.11
CA ALA B 166 38.68 9.34 -3.17
C ALA B 166 38.64 10.83 -2.92
N LEU B 167 39.69 11.51 -3.37
CA LEU B 167 39.78 12.98 -3.32
C LEU B 167 39.97 13.45 -4.75
N TRP B 168 39.00 14.22 -5.24
CA TRP B 168 38.96 14.70 -6.62
C TRP B 168 39.21 16.20 -6.66
N ASP B 169 39.89 16.64 -7.72
CA ASP B 169 39.99 18.04 -8.07
C ASP B 169 39.01 18.31 -9.21
N ILE B 170 38.13 19.29 -9.00
CA ILE B 170 36.99 19.46 -9.90
C ILE B 170 37.44 19.88 -11.29
N GLU B 171 38.41 20.80 -11.37
CA GLU B 171 38.80 21.35 -12.67
C GLU B 171 39.36 20.26 -13.56
N THR B 172 40.35 19.50 -13.06
CA THR B 172 40.94 18.45 -13.88
C THR B 172 40.05 17.21 -13.95
N GLY B 173 39.30 16.92 -12.90
CA GLY B 173 38.28 15.90 -12.92
C GLY B 173 38.75 14.49 -12.64
N GLN B 174 40.04 14.26 -12.48
CA GLN B 174 40.53 12.92 -12.16
C GLN B 174 40.84 12.81 -10.68
N GLN B 175 40.91 11.56 -10.20
CA GLN B 175 41.17 11.29 -8.80
C GLN B 175 42.54 11.82 -8.39
N THR B 176 42.55 12.87 -7.55
CA THR B 176 43.81 13.41 -7.08
C THR B 176 44.46 12.48 -6.07
N THR B 177 43.67 11.88 -5.18
CA THR B 177 44.21 10.99 -4.17
C THR B 177 43.23 9.84 -3.91
N THR B 178 43.76 8.72 -3.46
CA THR B 178 42.95 7.55 -3.14
C THR B 178 43.27 7.07 -1.73
N PHE B 179 42.30 6.36 -1.14
CA PHE B 179 42.39 5.90 0.23
C PHE B 179 41.83 4.48 0.27
N THR B 180 42.72 3.50 0.45
CA THR B 180 42.34 2.08 0.38
C THR B 180 42.85 1.38 1.64
N GLY B 181 42.03 1.39 2.69
CA GLY B 181 42.39 0.71 3.92
C GLY B 181 41.27 -0.10 4.53
N HIS B 182 40.05 0.08 4.04
CA HIS B 182 38.89 -0.52 4.66
C HIS B 182 38.60 -1.89 4.06
N THR B 183 38.01 -2.76 4.87
CA THR B 183 37.63 -4.10 4.45
C THR B 183 36.14 -4.22 4.14
N GLY B 184 35.41 -3.11 4.13
CA GLY B 184 33.99 -3.14 3.85
C GLY B 184 33.50 -1.81 3.30
N ASP B 185 32.18 -1.70 3.09
CA ASP B 185 31.61 -0.47 2.55
C ASP B 185 31.85 0.69 3.51
N VAL B 186 32.32 1.80 2.98
CA VAL B 186 32.59 2.99 3.80
C VAL B 186 31.29 3.78 3.86
N MET B 187 30.56 3.62 4.98
CA MET B 187 29.22 4.19 5.06
C MET B 187 29.25 5.69 5.22
N SER B 188 30.10 6.22 6.09
CA SER B 188 30.05 7.67 6.31
C SER B 188 31.46 8.20 6.50
N LEU B 189 31.61 9.51 6.31
CA LEU B 189 32.87 10.17 6.60
C LEU B 189 32.59 11.59 7.06
N SER B 190 33.44 12.09 7.95
CA SER B 190 33.29 13.43 8.51
C SER B 190 34.63 14.14 8.43
N LEU B 191 34.56 15.46 8.31
CA LEU B 191 35.71 16.31 8.07
C LEU B 191 36.01 17.16 9.30
N ALA B 192 37.30 17.27 9.63
CA ALA B 192 37.71 18.10 10.74
C ALA B 192 37.50 19.58 10.40
N PRO B 193 37.28 20.42 11.40
CA PRO B 193 37.14 21.86 11.12
C PRO B 193 38.37 22.47 10.45
N ASP B 194 39.56 21.96 10.76
CA ASP B 194 40.78 22.43 10.12
C ASP B 194 41.01 21.83 8.74
N THR B 195 40.18 20.86 8.33
CA THR B 195 40.17 20.27 7.00
C THR B 195 41.45 19.54 6.64
N ARG B 196 42.43 19.47 7.55
CA ARG B 196 43.63 18.71 7.28
C ARG B 196 43.40 17.21 7.40
N LEU B 197 42.45 16.80 8.24
CA LEU B 197 42.18 15.39 8.50
C LEU B 197 40.69 15.12 8.31
N PHE B 198 40.38 13.84 8.09
CA PHE B 198 38.98 13.41 8.04
C PHE B 198 38.91 11.94 8.44
N VAL B 199 37.82 11.57 9.10
CA VAL B 199 37.68 10.21 9.62
C VAL B 199 36.47 9.57 8.97
N SER B 200 36.65 8.36 8.46
CA SER B 200 35.61 7.63 7.76
C SER B 200 35.28 6.34 8.50
N GLY B 201 34.00 6.12 8.75
CA GLY B 201 33.52 4.93 9.42
C GLY B 201 32.85 4.00 8.41
N ALA B 202 33.23 2.72 8.48
CA ALA B 202 32.80 1.74 7.50
C ALA B 202 31.99 0.63 8.17
N CYS B 203 31.65 -0.37 7.38
CA CYS B 203 30.89 -1.53 7.85
C CYS B 203 31.77 -2.60 8.47
N ASP B 204 33.09 -2.38 8.54
CA ASP B 204 33.99 -3.30 9.21
C ASP B 204 34.03 -3.09 10.71
N ALA B 205 33.02 -2.42 11.27
CA ALA B 205 33.00 -2.05 12.68
C ALA B 205 34.25 -1.26 13.05
N SER B 206 34.70 -0.42 12.11
CA SER B 206 35.94 0.30 12.29
C SER B 206 35.86 1.67 11.63
N ALA B 207 36.54 2.63 12.26
CA ALA B 207 36.71 3.97 11.69
C ALA B 207 38.20 4.19 11.47
N LYS B 208 38.52 5.03 10.49
CA LYS B 208 39.91 5.28 10.15
C LYS B 208 40.11 6.77 9.93
N LEU B 209 41.24 7.27 10.43
CA LEU B 209 41.65 8.65 10.28
C LEU B 209 42.59 8.78 9.09
N TRP B 210 42.34 9.76 8.24
CA TRP B 210 43.13 9.99 7.04
C TRP B 210 43.55 11.45 6.99
N ASP B 211 44.74 11.70 6.47
CA ASP B 211 45.22 13.05 6.19
C ASP B 211 45.19 13.27 4.69
N VAL B 212 44.59 14.39 4.27
CA VAL B 212 44.33 14.61 2.86
C VAL B 212 45.63 14.82 2.10
N ARG B 213 46.59 15.54 2.70
CA ARG B 213 47.84 15.83 2.00
C ARG B 213 48.66 14.58 1.77
N GLU B 214 48.88 13.78 2.82
CA GLU B 214 49.78 12.64 2.72
C GLU B 214 49.10 11.37 2.21
N GLY B 215 47.79 11.25 2.40
CA GLY B 215 47.08 10.09 1.88
C GLY B 215 47.44 8.76 2.51
N MET B 216 47.55 8.71 3.84
CA MET B 216 47.77 7.46 4.54
C MET B 216 46.96 7.45 5.83
N CYS B 217 46.61 6.25 6.28
CA CYS B 217 45.84 6.13 7.51
C CYS B 217 46.72 6.36 8.72
N ARG B 218 46.31 7.28 9.59
CA ARG B 218 47.08 7.58 10.79
C ARG B 218 46.78 6.58 11.89
N GLN B 219 45.54 6.54 12.36
CA GLN B 219 45.11 5.63 13.41
C GLN B 219 43.80 4.98 13.02
N THR B 220 43.57 3.78 13.53
CA THR B 220 42.32 3.06 13.32
C THR B 220 41.63 2.87 14.65
N PHE B 221 40.33 3.13 14.69
CA PHE B 221 39.53 3.03 15.89
C PHE B 221 38.57 1.86 15.75
N THR B 222 38.67 0.90 16.67
CA THR B 222 37.81 -0.27 16.71
C THR B 222 37.14 -0.34 18.08
N GLY B 223 36.09 -1.13 18.17
CA GLY B 223 35.37 -1.27 19.41
C GLY B 223 33.88 -1.43 19.23
N HIS B 224 33.36 -1.04 18.07
CA HIS B 224 31.96 -1.26 17.78
C HIS B 224 31.69 -2.74 17.50
N GLU B 225 30.41 -3.10 17.52
CA GLU B 225 30.00 -4.47 17.27
C GLU B 225 29.26 -4.65 15.96
N SER B 226 28.87 -3.57 15.28
CA SER B 226 28.13 -3.67 14.03
C SER B 226 28.62 -2.55 13.11
N ASP B 227 27.92 -2.37 11.99
CA ASP B 227 28.33 -1.41 10.99
C ASP B 227 28.07 0.01 11.48
N ILE B 228 29.09 0.86 11.42
CA ILE B 228 28.95 2.26 11.81
C ILE B 228 28.15 2.96 10.72
N ASN B 229 26.91 3.31 11.02
CA ASN B 229 26.07 3.98 10.04
C ASN B 229 26.43 5.46 9.87
N ALA B 230 26.97 6.09 10.91
CA ALA B 230 27.32 7.51 10.79
C ALA B 230 28.41 7.87 11.79
N ILE B 231 29.02 9.02 11.58
CA ILE B 231 30.11 9.49 12.42
C ILE B 231 30.29 10.99 12.21
N CYS B 232 30.56 11.71 13.30
CA CYS B 232 30.73 13.15 13.24
C CYS B 232 31.80 13.60 14.22
N PHE B 233 32.57 14.62 13.81
CA PHE B 233 33.64 15.16 14.63
C PHE B 233 33.10 15.96 15.81
N PHE B 234 33.94 16.07 16.84
CA PHE B 234 33.73 17.05 17.88
C PHE B 234 33.98 18.45 17.34
N PRO B 235 33.30 19.47 17.88
CA PRO B 235 33.55 20.84 17.41
C PRO B 235 35.01 21.27 17.51
N ASN B 236 35.73 20.82 18.53
CA ASN B 236 37.15 21.19 18.65
C ASN B 236 38.04 20.40 17.70
N GLY B 237 37.53 19.35 17.08
CA GLY B 237 38.33 18.55 16.17
C GLY B 237 39.26 17.56 16.83
N ASN B 238 39.06 17.26 18.11
CA ASN B 238 39.92 16.32 18.83
C ASN B 238 39.17 15.07 19.29
N ALA B 239 37.94 14.87 18.83
CA ALA B 239 37.17 13.69 19.19
C ALA B 239 36.10 13.48 18.14
N PHE B 240 35.50 12.30 18.14
CA PHE B 240 34.46 11.99 17.17
C PHE B 240 33.50 10.95 17.75
N ALA B 241 32.23 11.12 17.43
CA ALA B 241 31.17 10.23 17.88
C ALA B 241 30.68 9.39 16.70
N THR B 242 30.60 8.08 16.94
CA THR B 242 30.23 7.12 15.90
C THR B 242 28.99 6.35 16.32
N GLY B 243 28.03 6.24 15.41
CA GLY B 243 26.80 5.51 15.65
C GLY B 243 26.63 4.37 14.68
N SER B 244 26.33 3.19 15.23
CA SER B 244 26.25 1.94 14.49
C SER B 244 24.87 1.30 14.66
N ASP B 245 24.75 0.08 14.18
CA ASP B 245 23.50 -0.67 14.25
C ASP B 245 23.40 -1.53 15.52
N ASP B 246 24.43 -1.54 16.35
CA ASP B 246 24.40 -2.25 17.62
C ASP B 246 23.70 -1.48 18.73
N ALA B 247 22.93 -0.45 18.37
CA ALA B 247 22.11 0.31 19.32
C ALA B 247 22.96 0.98 20.40
N THR B 248 24.19 1.35 20.03
CA THR B 248 25.07 2.05 20.96
C THR B 248 25.90 3.06 20.17
N CYS B 249 25.97 4.29 20.67
CA CYS B 249 26.84 5.31 20.13
C CYS B 249 28.10 5.43 20.98
N ARG B 250 29.25 5.50 20.34
CA ARG B 250 30.52 5.55 21.04
C ARG B 250 31.19 6.90 20.81
N LEU B 251 32.00 7.32 21.78
CA LEU B 251 32.81 8.53 21.65
C LEU B 251 34.28 8.14 21.71
N PHE B 252 35.03 8.53 20.69
CA PHE B 252 36.45 8.25 20.61
C PHE B 252 37.23 9.55 20.62
N ASP B 253 38.42 9.52 21.22
CA ASP B 253 39.32 10.66 21.20
C ASP B 253 40.63 10.26 20.54
N LEU B 254 41.16 11.16 19.71
CA LEU B 254 42.29 10.82 18.86
C LEU B 254 43.55 10.57 19.66
N ARG B 255 43.86 11.44 20.63
CA ARG B 255 45.16 11.40 21.28
C ARG B 255 45.32 10.15 22.14
N ALA B 256 44.30 9.77 22.90
CA ALA B 256 44.40 8.51 23.63
C ALA B 256 44.24 7.31 22.72
N ASP B 257 43.65 7.51 21.55
CA ASP B 257 43.44 6.46 20.54
C ASP B 257 42.75 5.28 21.24
N GLN B 258 41.54 5.55 21.74
CA GLN B 258 40.67 4.55 22.35
C GLN B 258 39.34 5.23 22.65
N GLU B 259 38.34 4.40 22.94
CA GLU B 259 37.02 4.93 23.26
C GLU B 259 37.00 5.57 24.64
N LEU B 260 36.03 6.47 24.83
CA LEU B 260 35.84 7.14 26.10
C LEU B 260 34.47 6.90 26.72
N MET B 261 33.39 7.06 25.95
CA MET B 261 32.05 6.92 26.47
C MET B 261 31.23 6.03 25.55
N THR B 262 30.23 5.38 26.13
CA THR B 262 29.49 4.27 25.54
C THR B 262 27.99 4.49 25.70
N TYR B 263 27.51 5.66 25.27
CA TYR B 263 26.09 6.00 25.33
C TYR B 263 25.21 4.85 24.87
N SER B 264 24.37 4.34 25.76
CA SER B 264 23.50 3.22 25.45
C SER B 264 22.42 3.12 26.54
N HIS B 265 21.28 2.57 26.16
CA HIS B 265 20.19 2.32 27.09
C HIS B 265 19.68 0.89 26.89
N ASP B 266 19.25 0.27 27.99
CA ASP B 266 18.85 -1.12 27.94
C ASP B 266 17.55 -1.32 27.16
N ASN B 267 16.72 -0.30 27.03
CA ASN B 267 15.47 -0.40 26.30
C ASN B 267 15.62 -0.05 24.82
N ILE B 268 16.83 0.24 24.36
CA ILE B 268 17.08 0.63 22.97
C ILE B 268 17.57 -0.61 22.23
N ILE B 269 16.65 -1.27 21.53
CA ILE B 269 17.01 -2.31 20.58
C ILE B 269 17.26 -1.73 19.19
N CYS B 270 16.58 -0.63 18.86
CA CYS B 270 16.71 0.02 17.57
C CYS B 270 18.11 0.58 17.35
N GLY B 271 18.51 0.64 16.07
CA GLY B 271 19.83 1.11 15.70
C GLY B 271 19.89 2.62 15.54
N ILE B 272 21.05 3.09 15.08
CA ILE B 272 21.33 4.52 14.90
C ILE B 272 21.60 4.78 13.43
N THR B 273 21.04 5.87 12.91
CA THR B 273 21.21 6.27 11.53
C THR B 273 22.18 7.43 11.35
N SER B 274 22.03 8.49 12.15
CA SER B 274 22.89 9.65 12.03
C SER B 274 23.19 10.22 13.41
N VAL B 275 24.34 10.89 13.51
CA VAL B 275 24.74 11.56 14.74
C VAL B 275 25.26 12.95 14.41
N SER B 276 25.18 13.84 15.39
CA SER B 276 25.70 15.19 15.24
C SER B 276 25.88 15.82 16.61
N PHE B 277 26.64 16.91 16.63
CA PHE B 277 26.93 17.67 17.84
C PHE B 277 26.38 19.08 17.72
N SER B 278 26.40 19.79 18.84
CA SER B 278 26.04 21.20 18.88
C SER B 278 27.31 22.04 18.81
N LYS B 279 27.13 23.37 18.86
CA LYS B 279 28.28 24.27 18.75
C LYS B 279 29.22 24.11 19.94
N SER B 280 28.68 24.00 21.15
CA SER B 280 29.53 23.88 22.32
C SER B 280 30.10 22.47 22.48
N GLY B 281 29.54 21.49 21.78
CA GLY B 281 29.94 20.12 21.96
C GLY B 281 29.35 19.44 23.17
N ARG B 282 28.49 20.12 23.92
CA ARG B 282 27.85 19.51 25.09
C ARG B 282 26.76 18.54 24.65
N LEU B 283 25.75 19.05 23.94
CA LEU B 283 24.60 18.27 23.54
C LEU B 283 24.91 17.52 22.25
N LEU B 284 24.57 16.24 22.21
CA LEU B 284 24.70 15.44 20.99
C LEU B 284 23.35 14.84 20.64
N LEU B 285 23.12 14.70 19.33
CA LEU B 285 21.87 14.16 18.82
C LEU B 285 22.16 12.93 17.97
N ALA B 286 21.27 11.95 18.05
CA ALA B 286 21.44 10.71 17.31
C ALA B 286 20.08 10.21 16.86
N GLY B 287 19.94 9.95 15.56
CA GLY B 287 18.71 9.40 15.03
C GLY B 287 18.61 7.90 15.24
N TYR B 288 17.39 7.38 15.12
CA TYR B 288 17.13 5.98 15.38
C TYR B 288 16.16 5.42 14.34
N ASP B 289 16.31 4.12 14.07
CA ASP B 289 15.45 3.43 13.12
C ASP B 289 14.01 3.30 13.59
N ASP B 290 13.74 3.57 14.87
CA ASP B 290 12.41 3.47 15.46
C ASP B 290 11.65 4.80 15.42
N PHE B 291 11.96 5.61 14.41
CA PHE B 291 11.35 6.92 14.17
C PHE B 291 11.23 7.75 15.45
N ASN B 292 12.37 7.99 16.08
CA ASN B 292 12.52 9.05 17.06
C ASN B 292 13.99 9.44 17.11
N CYS B 293 14.27 10.60 17.71
CA CYS B 293 15.63 11.08 17.86
C CYS B 293 15.93 11.25 19.34
N ASN B 294 16.89 10.49 19.85
CA ASN B 294 17.28 10.59 21.25
C ASN B 294 18.45 11.55 21.38
N VAL B 295 18.38 12.42 22.39
CA VAL B 295 19.38 13.45 22.62
C VAL B 295 20.02 13.16 23.96
N TRP B 296 21.31 12.82 23.93
CA TRP B 296 22.08 12.50 25.13
C TRP B 296 22.78 13.75 25.65
N ASP B 297 22.71 13.97 26.95
CA ASP B 297 22.94 15.31 27.49
C ASP B 297 24.35 15.84 27.24
N ALA B 298 25.35 15.38 27.98
CA ALA B 298 26.71 15.75 27.60
C ALA B 298 27.66 14.57 27.55
N LEU B 299 27.90 13.97 28.72
CA LEU B 299 28.86 12.89 28.87
C LEU B 299 28.39 11.78 29.80
N LYS B 300 27.43 12.03 30.69
CA LYS B 300 27.01 11.04 31.68
C LYS B 300 26.15 9.94 31.09
N ALA B 301 25.85 9.99 29.79
CA ALA B 301 25.08 8.96 29.11
C ALA B 301 23.68 8.83 29.70
N ASP B 302 23.01 9.97 29.86
CA ASP B 302 21.62 10.02 30.28
C ASP B 302 20.80 10.66 29.16
N ARG B 303 19.67 10.06 28.85
CA ARG B 303 18.82 10.57 27.76
C ARG B 303 18.25 11.91 28.18
N ALA B 304 18.82 12.99 27.65
CA ALA B 304 18.33 14.32 27.97
C ALA B 304 16.96 14.56 27.34
N GLY B 305 16.73 14.02 26.14
CA GLY B 305 15.45 14.30 25.50
C GLY B 305 15.11 13.32 24.40
N VAL B 306 13.86 13.40 23.96
CA VAL B 306 13.33 12.57 22.88
C VAL B 306 12.53 13.45 21.94
N LEU B 307 12.75 13.27 20.64
CA LEU B 307 12.07 14.02 19.58
C LEU B 307 11.32 12.99 18.73
N ALA B 308 10.01 12.90 18.91
CA ALA B 308 9.26 11.80 18.30
C ALA B 308 8.20 12.30 17.32
N GLY B 309 8.57 13.26 16.47
CA GLY B 309 7.64 13.79 15.50
C GLY B 309 7.59 13.11 14.16
N HIS B 310 8.34 12.02 13.96
CA HIS B 310 8.41 11.35 12.68
C HIS B 310 7.68 10.01 12.73
N ASP B 311 7.35 9.51 11.54
CA ASP B 311 6.62 8.25 11.43
C ASP B 311 7.49 7.09 10.96
N ASN B 312 8.56 7.35 10.22
CA ASN B 312 9.43 6.31 9.69
C ASN B 312 10.89 6.66 10.01
N ARG B 313 11.80 5.84 9.49
CA ARG B 313 13.22 5.99 9.76
C ARG B 313 13.69 7.41 9.52
N VAL B 314 14.36 7.98 10.51
CA VAL B 314 15.04 9.26 10.32
C VAL B 314 16.37 8.98 9.64
N SER B 315 16.58 9.55 8.45
CA SER B 315 17.74 9.23 7.65
C SER B 315 18.85 10.26 7.76
N CYS B 316 18.54 11.54 7.92
CA CYS B 316 19.57 12.57 8.02
C CYS B 316 19.26 13.47 9.20
N LEU B 317 20.31 13.92 9.88
CA LEU B 317 20.14 14.84 11.00
C LEU B 317 21.35 15.75 11.05
N GLY B 318 21.10 17.06 11.01
CA GLY B 318 22.18 18.02 10.92
C GLY B 318 21.99 19.27 11.75
N VAL B 319 23.06 19.73 12.38
CA VAL B 319 23.04 20.92 13.23
C VAL B 319 23.70 22.06 12.45
N THR B 320 23.06 23.23 12.48
CA THR B 320 23.55 24.36 11.70
C THR B 320 24.92 24.81 12.21
N ASP B 321 25.61 25.56 11.35
CA ASP B 321 26.96 26.02 11.67
C ASP B 321 26.99 26.98 12.86
N ASP B 322 25.88 27.65 13.15
CA ASP B 322 25.77 28.50 14.32
C ASP B 322 24.96 27.87 15.45
N GLY B 323 24.47 26.64 15.26
CA GLY B 323 23.79 25.93 16.32
C GLY B 323 22.40 26.42 16.65
N MET B 324 21.73 27.08 15.71
CA MET B 324 20.38 27.57 15.99
C MET B 324 19.35 26.44 16.03
N ALA B 325 19.47 25.46 15.13
CA ALA B 325 18.43 24.46 14.99
C ALA B 325 19.03 23.15 14.52
N VAL B 326 18.24 22.08 14.65
CA VAL B 326 18.62 20.76 14.19
C VAL B 326 17.56 20.30 13.20
N ALA B 327 18.00 19.91 12.01
CA ALA B 327 17.09 19.49 10.95
C ALA B 327 17.14 17.98 10.81
N THR B 328 15.98 17.34 10.90
CA THR B 328 15.86 15.90 10.80
C THR B 328 15.00 15.55 9.60
N GLY B 329 15.56 14.79 8.67
CA GLY B 329 14.84 14.31 7.52
C GLY B 329 14.66 12.80 7.57
N SER B 330 13.44 12.35 7.42
CA SER B 330 13.07 10.95 7.59
C SER B 330 12.51 10.40 6.29
N TRP B 331 12.03 9.16 6.36
CA TRP B 331 11.54 8.45 5.18
C TRP B 331 10.07 8.73 4.89
N ASP B 332 9.39 9.51 5.72
CA ASP B 332 8.01 9.87 5.47
C ASP B 332 7.89 11.07 4.53
N SER B 333 8.95 11.37 3.78
CA SER B 333 8.99 12.49 2.85
C SER B 333 8.76 13.82 3.56
N PHE B 334 9.15 13.90 4.83
CA PHE B 334 8.98 15.11 5.62
C PHE B 334 10.31 15.46 6.28
N LEU B 335 10.71 16.71 6.14
CA LEU B 335 11.93 17.23 6.75
C LEU B 335 11.52 18.30 7.76
N LYS B 336 11.93 18.12 9.01
CA LYS B 336 11.49 18.99 10.10
C LYS B 336 12.67 19.74 10.69
N ILE B 337 12.38 20.92 11.24
CA ILE B 337 13.34 21.75 11.94
C ILE B 337 12.93 21.81 13.40
N TRP B 338 13.88 21.53 14.29
CA TRP B 338 13.63 21.49 15.73
C TRP B 338 14.58 22.45 16.43
N ASN B 339 14.08 23.10 17.48
CA ASN B 339 14.94 23.88 18.36
C ASN B 339 14.29 24.14 19.72
N LYS C 8 13.19 45.38 5.52
CA LYS C 8 11.80 45.65 5.87
C LYS C 8 10.94 45.76 4.62
N THR C 9 9.73 46.30 4.78
CA THR C 9 8.82 46.46 3.66
C THR C 9 9.33 47.44 2.62
N GLU C 10 10.26 48.34 3.00
CA GLU C 10 10.77 49.31 2.04
C GLU C 10 11.70 48.67 1.03
N ASP C 11 12.53 47.72 1.47
CA ASP C 11 13.54 47.13 0.61
C ASP C 11 13.38 45.62 0.43
N GLN C 12 13.01 44.90 1.49
CA GLN C 12 12.95 43.44 1.41
C GLN C 12 11.65 42.93 0.84
N ARG C 13 10.62 43.77 0.75
CA ARG C 13 9.30 43.29 0.33
C ARG C 13 9.36 42.72 -1.08
N ASN C 14 10.06 43.40 -2.00
CA ASN C 14 10.17 42.89 -3.35
C ASN C 14 10.95 41.57 -3.39
N GLU C 15 11.97 41.44 -2.55
CA GLU C 15 12.74 40.19 -2.50
C GLU C 15 11.85 39.03 -2.04
N GLU C 16 11.06 39.25 -0.98
CA GLU C 16 10.13 38.21 -0.55
C GLU C 16 9.10 37.89 -1.63
N LYS C 17 8.59 38.92 -2.31
CA LYS C 17 7.60 38.67 -3.36
C LYS C 17 8.19 37.84 -4.49
N ALA C 18 9.43 38.14 -4.89
CA ALA C 18 10.10 37.32 -5.89
C ALA C 18 10.31 35.90 -5.39
N GLN C 19 10.63 35.75 -4.12
CA GLN C 19 10.81 34.41 -3.57
C GLN C 19 9.51 33.62 -3.59
N ARG C 20 8.39 34.27 -3.27
CA ARG C 20 7.10 33.59 -3.36
C ARG C 20 6.75 33.23 -4.81
N GLU C 21 7.08 34.11 -5.76
CA GLU C 21 6.84 33.77 -7.16
C GLU C 21 7.66 32.56 -7.60
N ALA C 22 8.93 32.52 -7.17
CA ALA C 22 9.77 31.36 -7.46
C ALA C 22 9.20 30.10 -6.81
N ASN C 23 8.70 30.22 -5.58
CA ASN C 23 8.07 29.10 -4.92
C ASN C 23 6.86 28.60 -5.72
N LYS C 24 6.06 29.53 -6.23
CA LYS C 24 4.88 29.15 -7.00
C LYS C 24 5.28 28.42 -8.27
N LYS C 25 6.29 28.92 -8.97
CA LYS C 25 6.75 28.24 -10.18
C LYS C 25 7.28 26.85 -9.87
N ILE C 26 8.07 26.73 -8.81
CA ILE C 26 8.62 25.44 -8.41
C ILE C 26 7.50 24.47 -8.05
N GLU C 27 6.48 24.96 -7.35
CA GLU C 27 5.36 24.10 -6.98
C GLU C 27 4.56 23.66 -8.21
N LYS C 28 4.40 24.55 -9.18
CA LYS C 28 3.70 24.16 -10.39
C LYS C 28 4.48 23.11 -11.18
N GLN C 29 5.81 23.18 -11.14
CA GLN C 29 6.60 22.10 -11.74
C GLN C 29 6.47 20.82 -10.93
N LEU C 30 6.45 20.94 -9.60
CA LEU C 30 6.36 19.78 -8.73
C LEU C 30 5.05 19.03 -8.91
N GLN C 31 3.96 19.75 -9.18
CA GLN C 31 2.69 19.05 -9.45
C GLN C 31 2.83 18.13 -10.66
N LYS C 32 3.45 18.63 -11.73
CA LYS C 32 3.56 17.83 -12.95
C LYS C 32 4.45 16.62 -12.75
N ASP C 33 5.63 16.81 -12.16
CA ASP C 33 6.48 15.62 -12.03
C ASP C 33 5.99 14.73 -10.91
N LYS C 34 5.12 15.24 -10.02
CA LYS C 34 4.44 14.38 -9.07
C LYS C 34 3.47 13.45 -9.77
N GLN C 35 2.67 14.00 -10.70
CA GLN C 35 1.81 13.15 -11.52
C GLN C 35 2.63 12.11 -12.26
N VAL C 36 3.75 12.55 -12.86
CA VAL C 36 4.59 11.63 -13.62
C VAL C 36 5.15 10.52 -12.72
N TYR C 37 5.65 10.90 -11.55
CA TYR C 37 6.27 9.93 -10.65
C TYR C 37 5.26 8.92 -10.13
N ARG C 38 4.10 9.41 -9.67
CA ARG C 38 3.14 8.51 -9.06
C ARG C 38 2.43 7.64 -10.10
N ALA C 39 2.32 8.13 -11.34
CA ALA C 39 1.71 7.32 -12.39
C ALA C 39 2.58 6.11 -12.73
N THR C 40 3.90 6.30 -12.81
CA THR C 40 4.79 5.25 -13.22
C THR C 40 5.13 4.33 -12.05
N HIS C 41 5.04 3.02 -12.28
CA HIS C 41 5.43 2.05 -11.28
C HIS C 41 6.90 1.68 -11.44
N ARG C 42 7.45 1.07 -10.39
CA ARG C 42 8.86 0.73 -10.34
C ARG C 42 9.04 -0.70 -9.88
N LEU C 43 10.01 -1.39 -10.46
CA LEU C 43 10.30 -2.77 -10.10
C LEU C 43 11.80 -2.94 -9.97
N LEU C 44 12.20 -3.84 -9.07
CA LEU C 44 13.58 -4.25 -8.91
C LEU C 44 13.84 -5.49 -9.75
N LEU C 45 15.05 -5.61 -10.28
CA LEU C 45 15.50 -6.85 -10.90
C LEU C 45 16.68 -7.39 -10.11
N LEU C 46 16.47 -8.53 -9.44
CA LEU C 46 17.46 -9.15 -8.59
C LEU C 46 17.78 -10.53 -9.11
N GLY C 47 19.08 -10.85 -9.19
CA GLY C 47 19.51 -12.14 -9.70
C GLY C 47 20.60 -12.78 -8.87
N ALA C 48 20.36 -14.02 -8.43
CA ALA C 48 21.37 -14.74 -7.66
C ALA C 48 22.61 -15.01 -8.50
N GLY C 49 22.42 -15.36 -9.78
CA GLY C 49 23.54 -15.63 -10.66
C GLY C 49 23.27 -16.78 -11.61
N GLU C 50 23.57 -16.57 -12.90
CA GLU C 50 23.40 -17.58 -13.94
C GLU C 50 21.94 -18.06 -14.00
N SER C 51 21.00 -17.14 -13.81
CA SER C 51 19.58 -17.44 -13.85
C SER C 51 18.88 -16.78 -15.02
N GLY C 52 19.63 -16.39 -16.05
CA GLY C 52 19.03 -15.78 -17.22
C GLY C 52 18.40 -14.43 -16.98
N LYS C 53 19.01 -13.61 -16.11
CA LYS C 53 18.51 -12.25 -15.92
C LYS C 53 18.64 -11.43 -17.19
N ASN C 54 19.79 -11.54 -17.88
CA ASN C 54 19.95 -10.85 -19.14
C ASN C 54 19.00 -11.38 -20.21
N THR C 55 18.71 -12.68 -20.17
CA THR C 55 17.73 -13.24 -21.11
C THR C 55 16.36 -12.61 -20.90
N ILE C 56 15.93 -12.47 -19.65
CA ILE C 56 14.66 -11.83 -19.35
C ILE C 56 14.68 -10.37 -19.76
N VAL C 57 15.81 -9.68 -19.53
CA VAL C 57 15.93 -8.28 -19.91
C VAL C 57 15.78 -8.13 -21.42
N LYS C 58 16.45 -9.01 -22.18
CA LYS C 58 16.33 -8.96 -23.64
C LYS C 58 14.90 -9.29 -24.08
N GLN C 59 14.26 -10.24 -23.40
CA GLN C 59 12.90 -10.60 -23.76
C GLN C 59 11.94 -9.43 -23.56
N MET C 60 12.11 -8.67 -22.48
CA MET C 60 11.23 -7.53 -22.22
C MET C 60 11.81 -6.20 -22.68
N ARG C 61 12.89 -6.22 -23.47
CA ARG C 61 13.47 -4.97 -23.96
C ARG C 61 12.49 -4.22 -24.85
N ILE C 62 11.79 -4.93 -25.73
CA ILE C 62 10.84 -4.29 -26.64
C ILE C 62 9.61 -3.84 -25.87
N THR C 204 31.86 2.37 -16.10
CA THR C 204 30.48 2.40 -16.57
C THR C 204 29.50 2.56 -15.41
N SER C 205 28.26 2.91 -15.74
CA SER C 205 27.24 3.11 -14.72
C SER C 205 26.93 1.79 -14.01
N GLY C 206 26.53 1.90 -12.75
CA GLY C 206 26.25 0.73 -11.95
C GLY C 206 24.79 0.32 -11.97
N ILE C 207 23.93 1.19 -12.47
CA ILE C 207 22.50 0.90 -12.56
C ILE C 207 22.04 1.16 -13.99
N PHE C 208 21.28 0.22 -14.53
CA PHE C 208 20.68 0.35 -15.85
C PHE C 208 19.17 0.36 -15.73
N GLU C 209 18.55 1.29 -16.44
CA GLU C 209 17.10 1.52 -16.36
C GLU C 209 16.46 1.18 -17.69
N THR C 210 15.34 0.47 -17.64
CA THR C 210 14.58 0.07 -18.81
C THR C 210 13.15 0.59 -18.70
N LYS C 211 12.54 0.86 -19.84
CA LYS C 211 11.21 1.44 -19.91
C LYS C 211 10.22 0.43 -20.47
N PHE C 212 9.00 0.50 -19.96
CA PHE C 212 7.87 -0.28 -20.48
C PHE C 212 6.77 0.65 -20.98
N GLN C 213 5.86 0.08 -21.76
CA GLN C 213 4.70 0.81 -22.27
C GLN C 213 3.45 -0.06 -22.20
N VAL C 214 3.35 -0.92 -21.18
CA VAL C 214 2.35 -1.97 -21.18
C VAL C 214 0.98 -1.38 -20.84
N ASP C 215 0.04 -1.54 -21.76
CA ASP C 215 -1.37 -1.18 -21.54
C ASP C 215 -1.52 0.25 -21.06
N LYS C 216 -0.75 1.15 -21.68
CA LYS C 216 -0.76 2.58 -21.35
C LYS C 216 -0.35 2.85 -19.90
N VAL C 217 0.35 1.91 -19.28
CA VAL C 217 0.87 2.07 -17.93
C VAL C 217 2.38 2.00 -18.01
N ASN C 218 3.04 3.04 -17.49
CA ASN C 218 4.49 3.16 -17.60
C ASN C 218 5.18 2.43 -16.45
N PHE C 219 6.13 1.58 -16.79
CA PHE C 219 6.91 0.84 -15.81
C PHE C 219 8.40 1.16 -15.97
N HIS C 220 9.10 1.26 -14.85
CA HIS C 220 10.55 1.39 -14.85
C HIS C 220 11.14 0.19 -14.13
N MET C 221 12.12 -0.45 -14.75
CA MET C 221 12.78 -1.62 -14.17
C MET C 221 14.25 -1.30 -13.94
N PHE C 222 14.72 -1.52 -12.72
CA PHE C 222 16.07 -1.19 -12.32
C PHE C 222 16.83 -2.46 -12.00
N ASP C 223 17.99 -2.63 -12.63
CA ASP C 223 18.91 -3.70 -12.28
C ASP C 223 20.14 -3.14 -11.57
N VAL C 224 20.90 -4.01 -10.95
CA VAL C 224 22.07 -3.63 -10.16
C VAL C 224 23.29 -4.34 -10.72
N GLY C 225 24.29 -3.55 -11.12
CA GLY C 225 25.53 -4.11 -11.63
C GLY C 225 26.71 -3.29 -11.14
N ALA C 226 27.90 -3.85 -11.29
CA ALA C 226 29.15 -3.23 -10.85
C ALA C 226 29.13 -2.90 -9.37
N GLN C 227 28.23 -3.52 -8.61
CA GLN C 227 28.17 -3.37 -7.17
C GLN C 227 28.57 -4.68 -6.52
N ARG C 228 29.26 -4.59 -5.38
CA ARG C 228 29.75 -5.78 -4.73
C ARG C 228 28.60 -6.63 -4.19
N ASP C 229 28.91 -7.89 -3.89
CA ASP C 229 27.89 -8.83 -3.43
C ASP C 229 27.32 -8.44 -2.08
N GLU C 230 28.01 -7.62 -1.30
CA GLU C 230 27.49 -7.14 -0.02
C GLU C 230 26.33 -6.19 -0.31
N ARG C 231 25.11 -6.67 -0.12
CA ARG C 231 23.91 -5.93 -0.49
C ARG C 231 23.04 -5.60 0.71
N ARG C 232 23.59 -5.67 1.92
CA ARG C 232 22.82 -5.36 3.11
C ARG C 232 22.60 -3.87 3.31
N LYS C 233 23.25 -3.02 2.52
CA LYS C 233 23.18 -1.58 2.70
C LYS C 233 22.34 -0.88 1.64
N TRP C 234 22.53 -1.22 0.37
CA TRP C 234 21.78 -0.55 -0.68
C TRP C 234 20.42 -1.18 -0.96
N ILE C 235 20.11 -2.32 -0.35
CA ILE C 235 18.80 -2.93 -0.53
C ILE C 235 17.73 -2.13 0.20
N GLN C 236 18.12 -1.28 1.15
CA GLN C 236 17.15 -0.47 1.88
C GLN C 236 16.62 0.68 1.05
N CYS C 237 17.28 1.03 -0.05
CA CYS C 237 16.79 2.06 -0.93
C CYS C 237 15.55 1.66 -1.70
N PHE C 238 15.15 0.39 -1.64
CA PHE C 238 14.11 -0.17 -2.48
C PHE C 238 12.91 -0.65 -1.66
N ASN C 239 12.48 0.14 -0.68
CA ASN C 239 11.27 -0.16 0.06
C ASN C 239 10.04 0.49 -0.53
N ASP C 240 10.19 1.30 -1.57
CA ASP C 240 9.06 1.94 -2.24
C ASP C 240 8.73 1.31 -3.58
N VAL C 241 9.47 0.29 -4.00
CA VAL C 241 9.20 -0.36 -5.27
C VAL C 241 7.90 -1.14 -5.18
N THR C 242 7.21 -1.26 -6.31
CA THR C 242 5.97 -2.02 -6.34
C THR C 242 6.21 -3.49 -6.04
N ALA C 243 7.24 -4.07 -6.63
CA ALA C 243 7.61 -5.45 -6.36
C ALA C 243 9.06 -5.67 -6.76
N ILE C 244 9.65 -6.71 -6.17
CA ILE C 244 11.01 -7.12 -6.47
C ILE C 244 10.96 -8.38 -7.31
N ILE C 245 11.45 -8.31 -8.54
CA ILE C 245 11.45 -9.44 -9.44
C ILE C 245 12.67 -10.30 -9.12
N PHE C 246 12.44 -11.44 -8.49
CA PHE C 246 13.50 -12.35 -8.10
C PHE C 246 13.58 -13.46 -9.14
N VAL C 247 14.73 -13.55 -9.83
CA VAL C 247 14.95 -14.53 -10.88
C VAL C 247 15.86 -15.62 -10.33
N VAL C 248 15.37 -16.85 -10.34
CA VAL C 248 16.10 -17.99 -9.78
C VAL C 248 16.23 -19.05 -10.86
N ALA C 249 17.42 -19.61 -10.99
CA ALA C 249 17.66 -20.72 -11.89
C ALA C 249 17.30 -22.02 -11.18
N SER C 250 16.39 -22.79 -11.77
CA SER C 250 15.96 -24.04 -11.16
C SER C 250 16.88 -25.21 -11.48
N SER C 251 17.94 -24.99 -12.25
CA SER C 251 18.90 -26.02 -12.59
C SER C 251 20.07 -26.07 -11.60
N SER C 252 19.85 -25.66 -10.36
CA SER C 252 20.93 -25.50 -9.39
C SER C 252 20.92 -26.67 -8.40
N TYR C 253 21.53 -27.78 -8.83
CA TYR C 253 21.76 -28.92 -7.94
C TYR C 253 22.73 -29.90 -8.59
N GLN C 262 29.79 -22.43 -6.14
CA GLN C 262 28.81 -23.00 -5.22
C GLN C 262 28.18 -24.26 -5.82
N THR C 263 28.40 -25.40 -5.16
CA THR C 263 27.82 -26.65 -5.63
C THR C 263 26.30 -26.61 -5.60
N ASN C 264 25.73 -26.03 -4.53
CA ASN C 264 24.28 -25.88 -4.38
C ASN C 264 23.98 -24.39 -4.45
N ARG C 265 23.81 -23.87 -5.67
CA ARG C 265 23.49 -22.47 -5.87
C ARG C 265 22.01 -22.18 -5.61
N LEU C 266 21.15 -23.20 -5.63
CA LEU C 266 19.75 -22.99 -5.31
C LEU C 266 19.56 -22.58 -3.86
N GLN C 267 20.30 -23.22 -2.94
CA GLN C 267 20.20 -22.85 -1.53
C GLN C 267 20.65 -21.42 -1.30
N ALA C 268 21.60 -20.93 -2.10
CA ALA C 268 21.99 -19.54 -2.01
C ALA C 268 20.83 -18.61 -2.35
N ALA C 269 20.05 -18.97 -3.37
CA ALA C 269 18.87 -18.19 -3.71
C ALA C 269 17.82 -18.28 -2.61
N LEU C 270 17.65 -19.46 -2.02
CA LEU C 270 16.67 -19.62 -0.95
C LEU C 270 17.06 -18.81 0.28
N LYS C 271 18.33 -18.85 0.66
CA LYS C 271 18.78 -18.09 1.82
C LYS C 271 18.66 -16.59 1.58
N LEU C 272 19.02 -16.13 0.38
CA LEU C 272 18.88 -14.73 0.06
C LEU C 272 17.43 -14.29 0.10
N PHE C 273 16.52 -15.13 -0.42
CA PHE C 273 15.11 -14.79 -0.38
C PHE C 273 14.58 -14.70 1.04
N ASP C 274 15.15 -15.49 1.96
CA ASP C 274 14.78 -15.39 3.36
C ASP C 274 15.15 -14.01 3.90
N SER C 275 16.33 -13.51 3.55
CA SER C 275 16.77 -12.21 4.02
C SER C 275 15.85 -11.10 3.54
N ILE C 276 15.44 -11.16 2.26
CA ILE C 276 14.54 -10.15 1.72
C ILE C 276 13.18 -10.24 2.39
N TRP C 277 12.68 -11.45 2.62
CA TRP C 277 11.35 -11.62 3.18
C TRP C 277 11.28 -11.12 4.62
N ASN C 278 12.31 -11.41 5.42
CA ASN C 278 12.31 -11.09 6.84
C ASN C 278 13.00 -9.78 7.16
N ASN C 279 13.41 -9.03 6.14
CA ASN C 279 14.07 -7.75 6.38
C ASN C 279 13.10 -6.76 6.99
N LYS C 280 13.64 -5.84 7.80
CA LYS C 280 12.78 -4.92 8.55
C LYS C 280 12.12 -3.90 7.64
N TRP C 281 12.88 -3.36 6.68
CA TRP C 281 12.34 -2.34 5.80
C TRP C 281 11.90 -2.87 4.44
N LEU C 282 11.94 -4.17 4.23
CA LEU C 282 11.39 -4.78 3.03
C LEU C 282 10.14 -5.60 3.34
N ARG C 283 9.52 -5.35 4.50
CA ARG C 283 8.33 -6.11 4.88
C ARG C 283 7.13 -5.77 4.01
N ASP C 284 6.99 -4.50 3.64
CA ASP C 284 5.83 -4.07 2.87
C ASP C 284 5.91 -4.53 1.41
N THR C 285 7.10 -4.46 0.81
CA THR C 285 7.23 -4.71 -0.61
C THR C 285 7.13 -6.20 -0.92
N SER C 286 6.27 -6.55 -1.86
CA SER C 286 6.09 -7.94 -2.27
C SER C 286 7.18 -8.33 -3.27
N VAL C 287 7.27 -9.65 -3.51
CA VAL C 287 8.30 -10.20 -4.39
C VAL C 287 7.63 -11.07 -5.44
N ILE C 288 7.93 -10.80 -6.70
CA ILE C 288 7.50 -11.66 -7.81
C ILE C 288 8.62 -12.64 -8.09
N LEU C 289 8.32 -13.94 -7.99
CA LEU C 289 9.32 -14.99 -8.10
C LEU C 289 9.20 -15.64 -9.47
N PHE C 290 10.30 -15.64 -10.23
CA PHE C 290 10.36 -16.25 -11.55
C PHE C 290 11.29 -17.45 -11.48
N LEU C 291 10.73 -18.64 -11.32
CA LEU C 291 11.49 -19.86 -11.50
C LEU C 291 11.87 -19.96 -12.98
N ASN C 292 13.14 -19.70 -13.27
CA ASN C 292 13.58 -19.49 -14.64
C ASN C 292 14.55 -20.59 -15.06
N LYS C 293 14.72 -20.72 -16.38
CA LYS C 293 15.64 -21.68 -16.99
C LYS C 293 15.21 -23.10 -16.67
N GLN C 294 13.94 -23.40 -16.94
CA GLN C 294 13.41 -24.75 -16.83
C GLN C 294 13.57 -25.54 -18.12
N ASP C 295 14.15 -24.93 -19.17
CA ASP C 295 14.28 -25.62 -20.44
C ASP C 295 15.10 -26.89 -20.33
N LEU C 296 16.10 -26.90 -19.45
CA LEU C 296 16.89 -28.09 -19.19
C LEU C 296 16.46 -28.84 -17.94
N LEU C 297 15.48 -28.31 -17.19
CA LEU C 297 15.04 -28.97 -15.97
C LEU C 297 14.49 -30.36 -16.26
N ALA C 298 13.64 -30.48 -17.28
CA ALA C 298 13.13 -31.80 -17.66
C ALA C 298 14.25 -32.68 -18.18
N GLU C 299 15.24 -32.09 -18.86
CA GLU C 299 16.29 -32.88 -19.49
C GLU C 299 17.09 -33.67 -18.46
N LYS C 300 17.59 -33.00 -17.42
CA LYS C 300 18.42 -33.69 -16.44
C LYS C 300 17.60 -34.68 -15.62
N VAL C 301 16.35 -34.33 -15.28
CA VAL C 301 15.49 -35.26 -14.57
C VAL C 301 15.22 -36.49 -15.43
N LEU C 302 14.93 -36.28 -16.72
CA LEU C 302 14.76 -37.42 -17.62
C LEU C 302 16.06 -38.20 -17.79
N ALA C 303 17.19 -37.48 -17.90
CA ALA C 303 18.48 -38.16 -18.00
C ALA C 303 18.81 -38.91 -16.72
N GLY C 304 18.50 -38.32 -15.57
CA GLY C 304 18.76 -38.97 -14.30
C GLY C 304 20.21 -39.00 -13.88
N LYS C 305 21.04 -38.11 -14.43
CA LYS C 305 22.44 -38.06 -14.04
C LYS C 305 22.61 -37.37 -12.69
N SER C 306 21.81 -36.33 -12.44
CA SER C 306 21.89 -35.56 -11.21
C SER C 306 20.58 -35.69 -10.43
N LYS C 307 20.70 -35.79 -9.11
CA LYS C 307 19.56 -35.96 -8.22
C LYS C 307 19.42 -34.74 -7.31
N ILE C 308 18.18 -34.33 -7.07
CA ILE C 308 17.91 -33.29 -6.07
C ILE C 308 17.73 -33.88 -4.68
N GLU C 309 17.69 -35.21 -4.55
CA GLU C 309 17.65 -35.82 -3.23
C GLU C 309 18.91 -35.53 -2.43
N ASP C 310 20.07 -35.56 -3.09
CA ASP C 310 21.33 -35.32 -2.40
C ASP C 310 21.41 -33.91 -1.84
N TYR C 311 20.97 -32.91 -2.62
CA TYR C 311 21.04 -31.53 -2.19
C TYR C 311 19.79 -31.07 -1.45
N PHE C 312 18.70 -31.83 -1.51
CA PHE C 312 17.48 -31.51 -0.78
C PHE C 312 16.92 -32.82 -0.22
N PRO C 313 17.13 -33.10 1.06
CA PRO C 313 16.72 -34.41 1.61
C PRO C 313 15.23 -34.57 1.80
N GLU C 314 14.44 -33.49 1.67
CA GLU C 314 13.01 -33.55 1.92
C GLU C 314 12.18 -33.66 0.64
N PHE C 315 12.82 -33.93 -0.50
CA PHE C 315 12.05 -34.11 -1.74
C PHE C 315 11.37 -35.45 -1.83
N ALA C 316 11.98 -36.50 -1.28
CA ALA C 316 11.47 -37.86 -1.47
C ALA C 316 10.08 -38.02 -0.85
N ARG C 317 9.90 -37.50 0.37
CA ARG C 317 8.59 -37.53 1.01
C ARG C 317 7.59 -36.58 0.35
N TYR C 318 8.06 -35.57 -0.36
CA TYR C 318 7.16 -34.61 -0.99
C TYR C 318 6.40 -35.26 -2.15
N THR C 319 5.12 -34.94 -2.25
CA THR C 319 4.26 -35.48 -3.29
C THR C 319 3.75 -34.37 -4.18
N THR C 320 3.30 -34.75 -5.37
CA THR C 320 2.78 -33.78 -6.32
C THR C 320 1.51 -33.13 -5.76
N PRO C 321 1.41 -31.80 -5.78
CA PRO C 321 0.20 -31.16 -5.25
C PRO C 321 -1.04 -31.58 -6.02
N GLU C 322 -2.14 -31.76 -5.28
CA GLU C 322 -3.41 -32.07 -5.93
C GLU C 322 -3.87 -30.90 -6.79
N ASP C 323 -3.74 -29.67 -6.28
CA ASP C 323 -4.13 -28.48 -7.02
C ASP C 323 -2.96 -28.01 -7.90
N ALA C 324 -2.65 -28.85 -8.88
CA ALA C 324 -1.57 -28.59 -9.82
C ALA C 324 -2.12 -28.58 -11.25
N THR C 325 -1.52 -27.75 -12.09
CA THR C 325 -1.94 -27.59 -13.48
C THR C 325 -0.73 -27.80 -14.39
N PRO C 326 -0.29 -29.04 -14.56
CA PRO C 326 0.88 -29.30 -15.41
C PRO C 326 0.62 -28.93 -16.86
N GLU C 327 1.66 -28.45 -17.52
CA GLU C 327 1.56 -28.15 -18.94
C GLU C 327 1.58 -29.45 -19.75
N PRO C 328 0.92 -29.46 -20.91
CA PRO C 328 0.93 -30.68 -21.73
C PRO C 328 2.33 -31.01 -22.23
N GLY C 329 2.56 -32.30 -22.43
CA GLY C 329 3.87 -32.75 -22.88
C GLY C 329 4.94 -32.70 -21.81
N GLU C 330 4.56 -32.75 -20.55
CA GLU C 330 5.49 -32.67 -19.43
C GLU C 330 5.53 -34.00 -18.69
N ASP C 331 6.73 -34.46 -18.37
CA ASP C 331 6.87 -35.72 -17.64
C ASP C 331 6.33 -35.56 -16.23
N PRO C 332 5.76 -36.62 -15.64
CA PRO C 332 5.30 -36.51 -14.25
C PRO C 332 6.41 -36.17 -13.27
N ARG C 333 7.63 -36.65 -13.52
CA ARG C 333 8.71 -36.44 -12.56
C ARG C 333 9.14 -34.98 -12.50
N VAL C 334 9.31 -34.33 -13.66
CA VAL C 334 9.72 -32.93 -13.67
C VAL C 334 8.63 -32.05 -13.09
N THR C 335 7.36 -32.39 -13.29
CA THR C 335 6.28 -31.61 -12.71
C THR C 335 6.35 -31.62 -11.18
N ARG C 336 6.63 -32.78 -10.59
CA ARG C 336 6.77 -32.85 -9.14
C ARG C 336 7.95 -32.02 -8.65
N ALA C 337 9.09 -32.11 -9.35
CA ALA C 337 10.26 -31.32 -8.95
C ALA C 337 10.03 -29.84 -9.23
N LYS C 338 9.22 -29.51 -10.23
CA LYS C 338 8.94 -28.11 -10.52
C LYS C 338 8.23 -27.45 -9.35
N TYR C 339 7.28 -28.13 -8.74
CA TYR C 339 6.55 -27.60 -7.61
C TYR C 339 7.25 -27.80 -6.27
N PHE C 340 8.31 -28.62 -6.24
CA PHE C 340 9.09 -28.76 -5.02
C PHE C 340 9.94 -27.51 -4.76
N ILE C 341 10.57 -26.97 -5.80
CA ILE C 341 11.33 -25.74 -5.67
C ILE C 341 10.40 -24.60 -5.30
N ARG C 342 9.19 -24.59 -5.87
CA ARG C 342 8.22 -23.56 -5.55
C ARG C 342 7.78 -23.63 -4.09
N ASP C 343 7.58 -24.85 -3.58
CA ASP C 343 7.10 -24.99 -2.21
C ASP C 343 8.17 -24.59 -1.19
N GLU C 344 9.44 -24.76 -1.53
CA GLU C 344 10.51 -24.30 -0.64
C GLU C 344 10.46 -22.78 -0.48
N PHE C 345 10.25 -22.06 -1.58
CA PHE C 345 10.06 -20.63 -1.48
C PHE C 345 8.74 -20.29 -0.78
N LEU C 346 7.71 -21.10 -1.01
CA LEU C 346 6.43 -20.84 -0.39
C LEU C 346 6.46 -21.12 1.10
N ARG C 347 7.27 -22.09 1.53
CA ARG C 347 7.39 -22.38 2.96
C ARG C 347 7.94 -21.18 3.71
N ILE C 348 8.93 -20.49 3.13
CA ILE C 348 9.43 -19.27 3.73
C ILE C 348 8.35 -18.19 3.75
N SER C 349 7.62 -18.07 2.64
CA SER C 349 6.64 -16.99 2.52
C SER C 349 5.48 -17.16 3.50
N THR C 350 4.95 -18.38 3.61
CA THR C 350 3.81 -18.63 4.47
C THR C 350 4.19 -18.83 5.93
N ALA C 351 5.47 -19.00 6.24
CA ALA C 351 5.89 -19.13 7.63
C ALA C 351 5.63 -17.85 8.40
N SER C 352 5.90 -16.70 7.79
CA SER C 352 5.69 -15.41 8.43
C SER C 352 4.25 -14.96 8.25
N GLY C 353 3.58 -14.63 9.34
CA GLY C 353 2.26 -14.05 9.31
C GLY C 353 2.30 -12.58 8.94
N ASP C 354 1.35 -11.83 9.49
CA ASP C 354 1.28 -10.37 9.29
C ASP C 354 1.27 -10.04 7.80
N GLY C 355 0.16 -10.39 7.17
CA GLY C 355 0.09 -10.42 5.72
C GLY C 355 0.18 -9.08 5.03
N ARG C 356 1.26 -8.35 5.28
CA ARG C 356 1.61 -7.20 4.44
C ARG C 356 2.49 -7.60 3.27
N HIS C 357 3.01 -8.83 3.28
CA HIS C 357 3.96 -9.31 2.29
C HIS C 357 3.40 -10.58 1.65
N TYR C 358 3.49 -10.66 0.33
CA TYR C 358 3.01 -11.84 -0.39
C TYR C 358 3.98 -12.16 -1.51
N CYS C 359 4.03 -13.44 -1.88
CA CYS C 359 4.91 -13.94 -2.93
C CYS C 359 4.08 -14.46 -4.10
N TYR C 360 4.62 -14.30 -5.31
CA TYR C 360 3.92 -14.65 -6.53
C TYR C 360 4.82 -15.53 -7.39
N PRO C 361 4.77 -16.84 -7.19
CA PRO C 361 5.59 -17.74 -8.01
C PRO C 361 5.10 -17.77 -9.45
N HIS C 362 6.05 -17.91 -10.37
CA HIS C 362 5.72 -17.97 -11.80
C HIS C 362 6.82 -18.74 -12.52
N PHE C 363 6.47 -19.88 -13.09
CA PHE C 363 7.41 -20.63 -13.91
C PHE C 363 7.68 -19.88 -15.20
N THR C 364 8.91 -19.94 -15.68
CA THR C 364 9.32 -19.17 -16.85
C THR C 364 10.28 -19.99 -17.69
N CYS C 365 10.34 -19.67 -18.98
CA CYS C 365 11.27 -20.28 -19.91
C CYS C 365 11.79 -19.22 -20.86
N ALA C 366 12.92 -19.51 -21.49
CA ALA C 366 13.53 -18.56 -22.42
C ALA C 366 12.65 -18.32 -23.64
N VAL C 367 11.97 -19.36 -24.13
CA VAL C 367 11.15 -19.21 -25.34
C VAL C 367 9.95 -18.31 -25.07
N ASP C 368 9.52 -18.20 -23.82
CA ASP C 368 8.34 -17.40 -23.51
C ASP C 368 8.61 -15.92 -23.75
N THR C 369 7.59 -15.23 -24.28
CA THR C 369 7.66 -13.80 -24.54
C THR C 369 6.64 -13.01 -23.73
N GLU C 370 5.58 -13.65 -23.26
CA GLU C 370 4.47 -13.00 -22.57
C GLU C 370 4.77 -12.68 -21.10
N ASN C 371 6.03 -12.64 -20.71
CA ASN C 371 6.36 -12.27 -19.33
C ASN C 371 5.90 -10.87 -18.98
N ILE C 372 5.63 -10.03 -19.99
CA ILE C 372 4.94 -8.77 -19.76
C ILE C 372 3.61 -9.01 -19.05
N ARG C 373 2.81 -9.95 -19.55
CA ARG C 373 1.46 -10.12 -19.03
C ARG C 373 1.48 -10.63 -17.60
N ARG C 374 2.43 -11.51 -17.27
CA ARG C 374 2.49 -12.04 -15.91
C ARG C 374 2.92 -10.97 -14.91
N VAL C 375 3.82 -10.07 -15.32
CA VAL C 375 4.20 -8.97 -14.44
C VAL C 375 3.05 -7.99 -14.29
N PHE C 376 2.32 -7.71 -15.39
CA PHE C 376 1.22 -6.76 -15.33
C PHE C 376 0.13 -7.23 -14.38
N ASN C 377 -0.21 -8.51 -14.43
CA ASN C 377 -1.22 -9.04 -13.51
C ASN C 377 -0.72 -9.02 -12.07
N ASP C 378 0.56 -9.33 -11.86
CA ASP C 378 1.11 -9.31 -10.51
C ASP C 378 1.10 -7.91 -9.92
N CYS C 379 1.50 -6.91 -10.70
CA CYS C 379 1.41 -5.54 -10.24
C CYS C 379 -0.03 -5.11 -10.03
N ARG C 380 -0.95 -5.64 -10.84
CA ARG C 380 -2.36 -5.39 -10.63
C ARG C 380 -2.83 -5.99 -9.32
N ASP C 381 -2.39 -7.21 -9.01
CA ASP C 381 -2.86 -7.89 -7.81
C ASP C 381 -2.21 -7.30 -6.58
N ILE C 382 -0.93 -6.94 -6.67
CA ILE C 382 -0.20 -6.40 -5.51
C ILE C 382 -0.82 -5.10 -5.06
N ILE C 383 -1.10 -4.19 -6.00
CA ILE C 383 -1.62 -2.88 -5.64
C ILE C 383 -3.01 -3.01 -5.04
N GLN C 384 -3.85 -3.87 -5.60
CA GLN C 384 -5.21 -4.00 -5.08
C GLN C 384 -5.24 -4.76 -3.76
N ARG C 385 -4.29 -5.66 -3.54
CA ARG C 385 -4.20 -6.31 -2.23
C ARG C 385 -3.85 -5.31 -1.15
N MET C 386 -2.95 -4.37 -1.45
CA MET C 386 -2.63 -3.32 -0.50
C MET C 386 -3.85 -2.45 -0.21
N HIS C 387 -4.65 -2.18 -1.24
CA HIS C 387 -5.88 -1.42 -1.05
C HIS C 387 -6.88 -2.21 -0.21
N LEU C 388 -6.94 -3.54 -0.39
CA LEU C 388 -7.84 -4.35 0.41
C LEU C 388 -7.48 -4.27 1.89
N ARG C 389 -6.19 -4.35 2.22
CA ARG C 389 -5.78 -4.34 3.62
C ARG C 389 -6.09 -3.01 4.30
N GLN C 390 -6.09 -1.91 3.53
CA GLN C 390 -6.46 -0.62 4.10
C GLN C 390 -7.91 -0.63 4.56
N TYR C 391 -8.80 -1.20 3.75
CA TYR C 391 -10.22 -1.26 4.07
C TYR C 391 -10.57 -2.53 4.84
N GLU C 392 -9.83 -2.79 5.92
CA GLU C 392 -9.95 -4.04 6.65
C GLU C 392 -9.90 -5.23 5.69
N LEU C 393 -11.02 -5.94 5.56
CA LEU C 393 -11.20 -6.96 4.54
C LEU C 393 -10.07 -7.99 4.54
N LEU C 394 -9.38 -8.13 3.42
CA LEU C 394 -8.26 -9.07 3.30
C LEU C 394 -7.11 -8.70 4.23
N ALA D 4 -76.53 -11.08 -12.82
CA ALA D 4 -75.99 -9.72 -12.88
C ALA D 4 -75.34 -9.45 -14.23
N PRO D 5 -75.96 -8.59 -15.04
CA PRO D 5 -75.38 -8.27 -16.36
C PRO D 5 -74.21 -7.31 -16.22
N LEU D 6 -73.07 -7.70 -16.78
CA LEU D 6 -71.88 -6.87 -16.72
C LEU D 6 -71.84 -5.89 -17.88
N PRO D 7 -71.66 -4.60 -17.62
CA PRO D 7 -71.60 -3.63 -18.72
C PRO D 7 -70.38 -3.85 -19.60
N SER D 8 -70.51 -3.48 -20.87
CA SER D 8 -69.43 -3.66 -21.80
C SER D 8 -68.21 -2.84 -21.37
N PRO D 9 -67.01 -3.39 -21.48
CA PRO D 9 -65.81 -2.62 -21.10
C PRO D 9 -65.62 -1.41 -21.99
N LYS D 10 -64.98 -0.38 -21.43
CA LYS D 10 -64.75 0.86 -22.15
C LYS D 10 -63.71 0.64 -23.26
N ALA D 11 -63.47 1.69 -24.04
CA ALA D 11 -62.55 1.60 -25.15
C ALA D 11 -61.13 1.31 -24.70
N TRP D 12 -60.74 1.82 -23.53
CA TRP D 12 -59.37 1.60 -23.05
C TRP D 12 -59.14 0.11 -22.74
N ASP D 13 -60.14 -0.56 -22.17
CA ASP D 13 -60.00 -2.00 -21.97
C ASP D 13 -59.87 -2.72 -23.31
N VAL D 14 -60.60 -2.27 -24.33
CA VAL D 14 -60.54 -2.90 -25.64
C VAL D 14 -59.16 -2.75 -26.25
N VAL D 15 -58.59 -1.55 -26.19
CA VAL D 15 -57.27 -1.36 -26.79
C VAL D 15 -56.22 -2.10 -25.98
N LEU D 16 -56.41 -2.19 -24.66
CA LEU D 16 -55.49 -3.00 -23.86
C LEU D 16 -55.54 -4.47 -24.30
N CYS D 17 -56.74 -4.99 -24.53
CA CYS D 17 -56.87 -6.36 -25.00
C CYS D 17 -56.21 -6.54 -26.38
N ILE D 18 -56.40 -5.57 -27.27
CA ILE D 18 -55.81 -5.66 -28.60
C ILE D 18 -54.29 -5.68 -28.51
N SER D 19 -53.73 -4.77 -27.72
CA SER D 19 -52.28 -4.71 -27.59
C SER D 19 -51.75 -6.00 -26.96
N GLY D 20 -52.48 -6.54 -25.98
CA GLY D 20 -52.11 -7.84 -25.44
C GLY D 20 -52.15 -8.93 -26.48
N THR D 21 -53.10 -8.85 -27.42
CA THR D 21 -53.18 -9.85 -28.47
C THR D 21 -51.96 -9.78 -29.39
N LEU D 22 -51.56 -8.58 -29.81
CA LEU D 22 -50.34 -8.48 -30.61
C LEU D 22 -49.10 -8.92 -29.84
N VAL D 23 -49.04 -8.59 -28.55
CA VAL D 23 -47.90 -9.05 -27.74
C VAL D 23 -47.87 -10.57 -27.70
N SER D 24 -49.02 -11.20 -27.49
CA SER D 24 -49.08 -12.66 -27.45
C SER D 24 -48.65 -13.26 -28.78
N CYS D 25 -49.09 -12.67 -29.89
CA CYS D 25 -48.71 -13.19 -31.20
C CYS D 25 -47.21 -13.10 -31.42
N GLU D 26 -46.61 -11.95 -31.09
CA GLU D 26 -45.18 -11.79 -31.30
C GLU D 26 -44.38 -12.74 -30.41
N ASN D 27 -44.78 -12.88 -29.15
CA ASN D 27 -44.07 -13.80 -28.27
C ASN D 27 -44.22 -15.24 -28.73
N ALA D 28 -45.42 -15.60 -29.23
CA ALA D 28 -45.61 -16.94 -29.77
C ALA D 28 -44.69 -17.17 -30.95
N LEU D 29 -44.54 -16.17 -31.82
CA LEU D 29 -43.61 -16.30 -32.94
C LEU D 29 -42.18 -16.52 -32.45
N VAL D 30 -41.75 -15.72 -31.46
CA VAL D 30 -40.38 -15.80 -30.99
C VAL D 30 -40.10 -17.17 -30.36
N VAL D 31 -41.02 -17.64 -29.52
CA VAL D 31 -40.84 -18.96 -28.92
C VAL D 31 -40.93 -20.04 -29.99
N ALA D 32 -41.70 -19.81 -31.05
CA ALA D 32 -41.75 -20.78 -32.14
C ALA D 32 -40.40 -20.92 -32.82
N ILE D 33 -39.75 -19.81 -33.14
CA ILE D 33 -38.43 -19.89 -33.75
C ILE D 33 -37.42 -20.49 -32.79
N ILE D 34 -37.53 -20.16 -31.50
CA ILE D 34 -36.58 -20.69 -30.52
C ILE D 34 -36.71 -22.20 -30.39
N VAL D 35 -37.94 -22.69 -30.22
CA VAL D 35 -38.15 -24.10 -29.96
C VAL D 35 -37.95 -24.93 -31.22
N GLY D 36 -38.42 -24.42 -32.36
CA GLY D 36 -38.39 -25.22 -33.58
C GLY D 36 -37.00 -25.62 -34.02
N THR D 37 -36.02 -24.74 -33.81
CA THR D 37 -34.66 -25.02 -34.23
C THR D 37 -33.88 -25.60 -33.06
N PRO D 38 -33.44 -26.86 -33.12
CA PRO D 38 -32.65 -27.43 -32.02
C PRO D 38 -31.32 -26.73 -31.82
N ALA D 39 -30.78 -26.08 -32.85
CA ALA D 39 -29.48 -25.42 -32.72
C ALA D 39 -29.56 -24.21 -31.81
N PHE D 40 -30.73 -23.60 -31.67
CA PHE D 40 -30.88 -22.38 -30.87
C PHE D 40 -30.99 -22.76 -29.38
N ARG D 41 -29.85 -23.09 -28.81
CA ARG D 41 -29.75 -23.40 -27.38
C ARG D 41 -28.55 -22.71 -26.77
N ALA D 42 -28.25 -21.49 -27.23
CA ALA D 42 -27.14 -20.73 -26.70
C ALA D 42 -27.43 -20.34 -25.25
N PRO D 43 -26.37 -20.12 -24.45
CA PRO D 43 -26.59 -19.74 -23.04
C PRO D 43 -27.46 -18.50 -22.88
N MET D 44 -27.29 -17.51 -23.76
CA MET D 44 -28.16 -16.35 -23.74
C MET D 44 -29.56 -16.70 -24.22
N PHE D 45 -29.66 -17.66 -25.13
CA PHE D 45 -30.97 -18.00 -25.70
C PHE D 45 -31.89 -18.62 -24.66
N LEU D 46 -31.35 -19.31 -23.66
CA LEU D 46 -32.20 -19.85 -22.60
C LEU D 46 -32.84 -18.74 -21.79
N LEU D 47 -32.05 -17.71 -21.43
CA LEU D 47 -32.61 -16.57 -20.71
C LEU D 47 -33.62 -15.82 -21.58
N VAL D 48 -33.32 -15.65 -22.87
CA VAL D 48 -34.26 -14.99 -23.76
C VAL D 48 -35.55 -15.80 -23.87
N GLY D 49 -35.43 -17.12 -23.88
CA GLY D 49 -36.62 -17.96 -23.92
C GLY D 49 -37.43 -17.88 -22.65
N SER D 50 -36.77 -17.78 -21.50
CA SER D 50 -37.49 -17.60 -20.24
C SER D 50 -38.22 -16.27 -20.21
N LEU D 51 -37.55 -15.21 -20.68
CA LEU D 51 -38.21 -13.91 -20.80
C LEU D 51 -39.42 -14.00 -21.71
N ALA D 52 -39.28 -14.67 -22.86
CA ALA D 52 -40.39 -14.81 -23.78
C ALA D 52 -41.51 -15.66 -23.18
N VAL D 53 -41.16 -16.64 -22.35
CA VAL D 53 -42.17 -17.47 -21.70
C VAL D 53 -43.00 -16.63 -20.75
N ALA D 54 -42.33 -15.84 -19.90
CA ALA D 54 -43.04 -14.95 -18.98
C ALA D 54 -43.88 -13.95 -19.76
N ASP D 55 -43.33 -13.41 -20.85
CA ASP D 55 -44.04 -12.44 -21.66
C ASP D 55 -45.28 -13.04 -22.29
N LEU D 56 -45.17 -14.24 -22.86
CA LEU D 56 -46.32 -14.90 -23.45
C LEU D 56 -47.38 -15.20 -22.40
N LEU D 57 -46.95 -15.64 -21.22
CA LEU D 57 -47.89 -15.91 -20.15
C LEU D 57 -48.64 -14.64 -19.76
N ALA D 58 -47.93 -13.51 -19.68
CA ALA D 58 -48.58 -12.24 -19.40
C ALA D 58 -49.57 -11.88 -20.50
N GLY D 59 -49.21 -12.12 -21.76
CA GLY D 59 -50.11 -11.79 -22.86
C GLY D 59 -51.40 -12.60 -22.82
N LEU D 60 -51.28 -13.92 -22.63
CA LEU D 60 -52.47 -14.75 -22.49
C LEU D 60 -53.28 -14.33 -21.27
N GLY D 61 -52.60 -14.02 -20.17
CA GLY D 61 -53.32 -13.59 -18.98
C GLY D 61 -54.13 -12.34 -19.22
N LEU D 62 -53.55 -11.35 -19.90
CA LEU D 62 -54.28 -10.12 -20.18
C LEU D 62 -55.43 -10.38 -21.14
N VAL D 63 -55.20 -11.18 -22.18
CA VAL D 63 -56.24 -11.42 -23.18
C VAL D 63 -57.44 -12.11 -22.54
N LEU D 64 -57.20 -13.20 -21.81
CA LEU D 64 -58.35 -13.87 -21.23
C LEU D 64 -58.81 -13.19 -19.94
N HIS D 65 -58.07 -12.21 -19.42
CA HIS D 65 -58.62 -11.32 -18.40
C HIS D 65 -59.67 -10.40 -18.98
N PHE D 66 -59.38 -9.82 -20.15
CA PHE D 66 -60.40 -9.08 -20.87
C PHE D 66 -61.59 -9.99 -21.18
N ALA D 67 -61.30 -11.24 -21.55
CA ALA D 67 -62.37 -12.19 -21.81
C ALA D 67 -63.25 -12.40 -20.57
N ALA D 68 -62.63 -12.70 -19.43
CA ALA D 68 -63.38 -12.92 -18.20
C ALA D 68 -64.12 -11.67 -17.74
N VAL D 69 -63.58 -10.49 -18.04
CA VAL D 69 -64.27 -9.25 -17.66
C VAL D 69 -65.50 -9.05 -18.52
N PHE D 70 -65.38 -9.25 -19.84
CA PHE D 70 -66.52 -8.99 -20.71
C PHE D 70 -67.43 -10.20 -20.89
N CYS D 71 -66.94 -11.41 -20.60
CA CYS D 71 -67.78 -12.60 -20.63
C CYS D 71 -68.21 -12.98 -19.21
N ILE D 72 -68.89 -14.11 -19.11
CA ILE D 72 -69.36 -14.59 -17.81
C ILE D 72 -68.18 -15.02 -16.96
N GLY D 73 -68.35 -14.89 -15.64
CA GLY D 73 -67.31 -15.28 -14.71
C GLY D 73 -67.48 -14.66 -13.34
N SER D 74 -66.87 -15.26 -12.34
CA SER D 74 -66.91 -14.77 -10.97
C SER D 74 -65.59 -14.09 -10.62
N ALA D 75 -65.55 -13.55 -9.40
CA ALA D 75 -64.38 -12.79 -8.95
C ALA D 75 -63.21 -13.69 -8.58
N GLU D 76 -63.45 -14.96 -8.25
CA GLU D 76 -62.37 -15.81 -7.76
C GLU D 76 -61.34 -16.08 -8.87
N MET D 77 -61.80 -16.56 -10.03
CA MET D 77 -60.87 -16.87 -11.10
C MET D 77 -60.26 -15.59 -11.67
N SER D 78 -61.03 -14.50 -11.70
CA SER D 78 -60.45 -13.22 -12.12
C SER D 78 -59.33 -12.79 -11.19
N LEU D 79 -59.52 -12.96 -9.88
CA LEU D 79 -58.49 -12.62 -8.91
C LEU D 79 -57.24 -13.48 -9.12
N VAL D 80 -57.44 -14.79 -9.23
CA VAL D 80 -56.30 -15.68 -9.44
C VAL D 80 -55.55 -15.29 -10.71
N LEU D 81 -56.31 -14.91 -11.75
CA LEU D 81 -55.70 -14.61 -13.03
C LEU D 81 -54.95 -13.28 -13.01
N VAL D 82 -55.48 -12.26 -12.32
CA VAL D 82 -54.73 -11.01 -12.27
C VAL D 82 -53.48 -11.19 -11.41
N GLY D 83 -53.57 -12.01 -10.37
CA GLY D 83 -52.35 -12.37 -9.64
C GLY D 83 -51.33 -13.04 -10.54
N VAL D 84 -51.80 -13.96 -11.40
CA VAL D 84 -50.91 -14.59 -12.37
C VAL D 84 -50.32 -13.56 -13.32
N LEU D 85 -51.10 -12.55 -13.70
CA LEU D 85 -50.61 -11.52 -14.61
C LEU D 85 -49.47 -10.73 -13.98
N ALA D 86 -49.67 -10.25 -12.75
CA ALA D 86 -48.60 -9.54 -12.05
C ALA D 86 -47.40 -10.44 -11.83
N MET D 87 -47.66 -11.72 -11.57
CA MET D 87 -46.61 -12.73 -11.41
C MET D 87 -45.76 -12.83 -12.68
N ALA D 88 -46.41 -12.89 -13.84
CA ALA D 88 -45.69 -12.93 -15.11
C ALA D 88 -44.90 -11.65 -15.33
N PHE D 89 -45.48 -10.50 -14.96
CA PHE D 89 -44.77 -9.24 -15.18
C PHE D 89 -43.50 -9.15 -14.33
N THR D 90 -43.58 -9.53 -13.05
CA THR D 90 -42.37 -9.45 -12.23
C THR D 90 -41.36 -10.51 -12.68
N ALA D 91 -41.83 -11.66 -13.16
CA ALA D 91 -40.91 -12.63 -13.74
C ALA D 91 -40.20 -12.04 -14.95
N SER D 92 -40.92 -11.29 -15.78
CA SER D 92 -40.31 -10.66 -16.94
C SER D 92 -39.25 -9.65 -16.54
N ILE D 93 -39.52 -8.86 -15.50
CA ILE D 93 -38.54 -7.90 -15.02
C ILE D 93 -37.29 -8.62 -14.54
N GLY D 94 -37.47 -9.69 -13.76
CA GLY D 94 -36.33 -10.46 -13.32
C GLY D 94 -35.54 -11.07 -14.46
N SER D 95 -36.24 -11.53 -15.50
CA SER D 95 -35.57 -12.11 -16.65
C SER D 95 -34.73 -11.06 -17.38
N LEU D 96 -35.24 -9.84 -17.51
CA LEU D 96 -34.45 -8.79 -18.14
C LEU D 96 -33.20 -8.48 -17.33
N LEU D 97 -33.34 -8.40 -16.00
CA LEU D 97 -32.17 -8.18 -15.17
C LEU D 97 -31.17 -9.31 -15.33
N ALA D 98 -31.66 -10.55 -15.39
CA ALA D 98 -30.77 -11.69 -15.57
C ALA D 98 -30.06 -11.64 -16.92
N ILE D 99 -30.76 -11.22 -17.97
CA ILE D 99 -30.12 -11.10 -19.27
C ILE D 99 -29.00 -10.07 -19.23
N THR D 100 -29.26 -8.92 -18.62
CA THR D 100 -28.22 -7.90 -18.53
C THR D 100 -27.02 -8.39 -17.72
N VAL D 101 -27.28 -9.06 -16.60
CA VAL D 101 -26.16 -9.54 -15.79
C VAL D 101 -25.41 -10.65 -16.53
N ASP D 102 -26.11 -11.44 -17.34
CA ASP D 102 -25.42 -12.45 -18.15
C ASP D 102 -24.51 -11.80 -19.18
N ARG D 103 -24.97 -10.72 -19.82
CA ARG D 103 -24.13 -10.01 -20.76
C ARG D 103 -22.88 -9.46 -20.05
N TYR D 104 -23.08 -8.83 -18.89
CA TYR D 104 -21.95 -8.25 -18.17
C TYR D 104 -20.97 -9.33 -17.74
N LEU D 105 -21.48 -10.45 -17.20
CA LEU D 105 -20.61 -11.53 -16.76
C LEU D 105 -19.84 -12.13 -17.93
N SER D 106 -20.51 -12.32 -19.07
CA SER D 106 -19.82 -12.84 -20.24
C SER D 106 -18.71 -11.91 -20.68
N LEU D 107 -18.98 -10.60 -20.74
CA LEU D 107 -17.95 -9.66 -21.17
C LEU D 107 -16.78 -9.64 -20.20
N TYR D 108 -17.08 -9.55 -18.90
CA TYR D 108 -16.02 -9.45 -17.90
C TYR D 108 -15.18 -10.71 -17.85
N ASN D 109 -15.82 -11.89 -17.91
CA ASN D 109 -15.07 -13.14 -17.90
C ASN D 109 -14.25 -13.30 -19.17
N ALA D 110 -14.87 -13.10 -20.33
CA ALA D 110 -14.15 -13.24 -21.59
C ALA D 110 -13.06 -12.20 -21.78
N LEU D 111 -13.05 -11.14 -20.96
CA LEU D 111 -11.90 -10.24 -20.96
C LEU D 111 -10.63 -10.99 -20.55
N THR D 112 -10.73 -11.90 -19.58
CA THR D 112 -9.60 -12.70 -19.12
C THR D 112 -10.03 -14.17 -19.10
N TYR D 113 -9.62 -14.92 -20.12
CA TYR D 113 -9.95 -16.34 -20.28
C TYR D 113 -11.46 -16.55 -20.41
N TYR D 114 -11.93 -17.77 -20.25
CA TYR D 114 -13.34 -18.06 -20.33
C TYR D 114 -13.64 -19.39 -19.64
N SER D 115 -14.90 -19.55 -19.21
CA SER D 115 -15.34 -20.76 -18.53
C SER D 115 -16.73 -21.13 -19.04
N GLU D 116 -16.92 -22.41 -19.36
CA GLU D 116 -18.21 -22.90 -19.82
C GLU D 116 -19.12 -23.34 -18.68
N THR D 117 -18.59 -23.43 -17.45
CA THR D 117 -19.40 -23.87 -16.31
C THR D 117 -20.53 -22.90 -16.01
N THR D 118 -20.41 -21.64 -16.42
CA THR D 118 -21.40 -20.62 -16.10
C THR D 118 -22.79 -21.00 -16.59
N VAL D 119 -22.89 -21.83 -17.62
CA VAL D 119 -24.20 -22.28 -18.11
C VAL D 119 -24.99 -22.92 -16.97
N THR D 120 -24.34 -23.79 -16.20
CA THR D 120 -25.00 -24.38 -15.05
C THR D 120 -25.45 -23.29 -14.07
N ARG D 121 -24.57 -22.31 -13.83
CA ARG D 121 -24.93 -21.17 -12.98
C ARG D 121 -26.19 -20.48 -13.49
N THR D 122 -26.37 -20.46 -14.81
CA THR D 122 -27.59 -19.86 -15.37
C THR D 122 -28.82 -20.48 -14.73
N TYR D 123 -28.87 -21.82 -14.67
CA TYR D 123 -29.99 -22.48 -14.02
C TYR D 123 -30.14 -21.98 -12.58
N VAL D 124 -29.03 -21.92 -11.86
CA VAL D 124 -29.08 -21.45 -10.47
C VAL D 124 -29.64 -20.04 -10.41
N MET D 125 -29.30 -19.21 -11.39
CA MET D 125 -29.92 -17.89 -11.47
C MET D 125 -31.39 -17.99 -11.87
N LEU D 126 -31.67 -18.78 -12.91
CA LEU D 126 -32.99 -18.74 -13.53
C LEU D 126 -34.09 -19.08 -12.53
N ALA D 127 -33.95 -20.22 -11.85
CA ALA D 127 -34.94 -20.62 -10.86
C ALA D 127 -35.14 -19.50 -9.84
N LEU D 128 -34.04 -18.88 -9.40
CA LEU D 128 -34.15 -17.79 -8.43
C LEU D 128 -35.15 -16.74 -8.92
N VAL D 129 -34.98 -16.27 -10.16
CA VAL D 129 -35.95 -15.35 -10.73
C VAL D 129 -37.33 -15.98 -10.67
N TRP D 130 -37.48 -17.15 -11.29
CA TRP D 130 -38.77 -17.82 -11.35
C TRP D 130 -39.17 -18.38 -9.99
N GLY D 131 -38.40 -18.08 -8.94
CA GLY D 131 -38.78 -18.45 -7.60
C GLY D 131 -38.88 -17.22 -6.72
N GLY D 132 -38.18 -16.16 -7.11
CA GLY D 132 -38.21 -14.95 -6.34
C GLY D 132 -39.36 -14.06 -6.78
N ALA D 133 -39.55 -13.96 -8.08
CA ALA D 133 -40.68 -13.22 -8.63
C ALA D 133 -41.93 -14.08 -8.68
N LEU D 134 -41.86 -15.19 -9.42
CA LEU D 134 -43.02 -16.03 -9.70
C LEU D 134 -43.80 -16.35 -8.42
N GLY D 135 -43.15 -17.01 -7.47
CA GLY D 135 -43.82 -17.33 -6.22
C GLY D 135 -44.36 -16.11 -5.52
N LEU D 136 -43.56 -15.05 -5.46
CA LEU D 136 -44.05 -13.80 -4.88
C LEU D 136 -45.27 -13.30 -5.65
N GLY D 137 -45.22 -13.36 -6.98
CA GLY D 137 -46.35 -12.94 -7.78
C GLY D 137 -47.62 -13.70 -7.49
N LEU D 138 -47.52 -14.83 -6.79
CA LEU D 138 -48.70 -15.57 -6.37
C LEU D 138 -48.81 -15.73 -4.85
N LEU D 139 -47.79 -15.32 -4.09
CA LEU D 139 -47.81 -15.62 -2.66
C LEU D 139 -48.82 -14.76 -1.92
N PRO D 140 -48.76 -13.42 -1.97
CA PRO D 140 -49.79 -12.65 -1.27
C PRO D 140 -51.09 -12.55 -2.03
N VAL D 141 -51.09 -12.72 -3.35
CA VAL D 141 -52.32 -12.56 -4.11
C VAL D 141 -53.38 -13.55 -3.63
N LEU D 142 -52.98 -14.79 -3.38
CA LEU D 142 -53.89 -15.79 -2.86
C LEU D 142 -54.09 -15.68 -1.35
N ALA D 143 -53.30 -14.87 -0.66
CA ALA D 143 -53.37 -14.79 0.80
C ALA D 143 -53.60 -13.38 1.32
N TRP D 144 -52.99 -12.37 0.70
CA TRP D 144 -53.12 -10.99 1.13
C TRP D 144 -53.99 -10.17 0.18
N ASN D 145 -54.95 -10.83 -0.47
CA ASN D 145 -55.81 -10.14 -1.42
C ASN D 145 -56.66 -9.10 -0.72
N CYS D 146 -56.91 -7.98 -1.41
CA CYS D 146 -57.79 -6.94 -0.88
C CYS D 146 -59.21 -7.05 -1.41
N LEU D 147 -59.50 -8.05 -2.26
CA LEU D 147 -60.88 -8.24 -2.71
C LEU D 147 -61.79 -8.59 -1.55
N ASP D 148 -61.40 -9.58 -0.74
CA ASP D 148 -62.07 -9.81 0.53
C ASP D 148 -61.67 -8.69 1.46
N GLY D 149 -60.38 -8.57 1.74
CA GLY D 149 -59.77 -7.36 2.25
C GLY D 149 -60.44 -6.69 3.43
N LEU D 150 -61.01 -5.51 3.18
CA LEU D 150 -61.52 -4.61 4.20
C LEU D 150 -60.37 -4.11 5.10
N THR D 151 -59.17 -4.08 4.54
CA THR D 151 -58.02 -3.47 5.18
C THR D 151 -57.49 -2.28 4.39
N THR D 152 -57.12 -2.49 3.13
CA THR D 152 -56.70 -1.44 2.20
C THR D 152 -56.51 -2.09 0.85
N CYS D 153 -56.78 -1.34 -0.22
CA CYS D 153 -56.68 -1.92 -1.56
C CYS D 153 -55.59 -1.27 -2.40
N GLY D 154 -55.65 0.03 -2.60
CA GLY D 154 -54.64 0.68 -3.42
C GLY D 154 -55.13 1.08 -4.78
N VAL D 155 -54.35 0.80 -5.83
CA VAL D 155 -54.63 1.29 -7.16
C VAL D 155 -54.95 0.18 -8.16
N VAL D 156 -54.84 -1.08 -7.76
CA VAL D 156 -55.31 -2.18 -8.58
C VAL D 156 -56.33 -2.96 -7.77
N TYR D 157 -57.52 -3.17 -8.34
CA TYR D 157 -58.71 -3.65 -7.64
C TYR D 157 -58.42 -4.89 -6.82
N PRO D 158 -57.78 -5.94 -7.36
CA PRO D 158 -57.59 -7.15 -6.56
C PRO D 158 -56.49 -7.02 -5.51
N LEU D 159 -55.38 -6.40 -5.87
CA LEU D 159 -54.17 -6.40 -5.05
C LEU D 159 -54.28 -5.35 -3.95
N SER D 160 -53.55 -5.59 -2.86
CA SER D 160 -53.48 -4.65 -1.75
C SER D 160 -52.31 -3.69 -1.93
N LYS D 161 -52.29 -2.64 -1.12
CA LYS D 161 -51.26 -1.61 -1.25
C LYS D 161 -49.90 -2.09 -0.78
N ASN D 162 -49.86 -2.94 0.26
CA ASN D 162 -48.58 -3.45 0.74
C ASN D 162 -47.87 -4.27 -0.33
N HIS D 163 -48.62 -5.10 -1.05
CA HIS D 163 -48.05 -5.83 -2.17
C HIS D 163 -47.46 -4.88 -3.21
N LEU D 164 -48.20 -3.80 -3.52
CA LEU D 164 -47.74 -2.88 -4.54
C LEU D 164 -46.46 -2.16 -4.11
N VAL D 165 -46.38 -1.72 -2.85
CA VAL D 165 -45.18 -1.00 -2.42
C VAL D 165 -43.98 -1.96 -2.35
N VAL D 166 -44.22 -3.21 -1.94
CA VAL D 166 -43.13 -4.19 -1.95
C VAL D 166 -42.62 -4.40 -3.37
N LEU D 167 -43.54 -4.54 -4.33
CA LEU D 167 -43.14 -4.71 -5.72
C LEU D 167 -42.38 -3.50 -6.24
N ALA D 168 -42.82 -2.30 -5.87
CA ALA D 168 -42.13 -1.09 -6.31
C ALA D 168 -40.72 -1.01 -5.73
N ILE D 169 -40.57 -1.37 -4.45
CA ILE D 169 -39.25 -1.38 -3.83
C ILE D 169 -38.33 -2.34 -4.55
N ALA D 170 -38.82 -3.55 -4.83
CA ALA D 170 -38.01 -4.51 -5.56
C ALA D 170 -37.66 -4.00 -6.95
N PHE D 171 -38.61 -3.35 -7.62
CA PHE D 171 -38.36 -2.86 -8.96
C PHE D 171 -37.27 -1.80 -8.95
N PHE D 172 -37.30 -0.90 -7.98
CA PHE D 172 -36.30 0.16 -7.98
C PHE D 172 -34.94 -0.34 -7.55
N MET D 173 -34.89 -1.35 -6.68
CA MET D 173 -33.61 -2.01 -6.40
C MET D 173 -33.05 -2.64 -7.68
N VAL D 174 -33.90 -3.32 -8.45
CA VAL D 174 -33.46 -3.93 -9.70
C VAL D 174 -32.99 -2.88 -10.68
N PHE D 175 -33.70 -1.75 -10.75
CA PHE D 175 -33.32 -0.68 -11.66
C PHE D 175 -31.96 -0.10 -11.31
N GLY D 176 -31.71 0.11 -10.01
CA GLY D 176 -30.39 0.56 -9.61
C GLY D 176 -29.31 -0.45 -9.95
N ILE D 177 -29.61 -1.74 -9.75
CA ILE D 177 -28.65 -2.78 -10.10
C ILE D 177 -28.30 -2.71 -11.58
N MET D 178 -29.32 -2.54 -12.42
CA MET D 178 -29.06 -2.54 -13.86
C MET D 178 -28.34 -1.26 -14.28
N LEU D 179 -28.62 -0.15 -13.62
CA LEU D 179 -27.85 1.07 -13.90
C LEU D 179 -26.38 0.86 -13.59
N GLN D 180 -26.09 0.23 -12.45
CA GLN D 180 -24.70 -0.07 -12.12
C GLN D 180 -24.08 -1.01 -13.14
N LEU D 181 -24.82 -2.02 -13.57
CA LEU D 181 -24.30 -2.98 -14.55
C LEU D 181 -23.99 -2.28 -15.87
N TYR D 182 -24.87 -1.40 -16.33
CA TYR D 182 -24.60 -0.68 -17.56
C TYR D 182 -23.39 0.23 -17.41
N ALA D 183 -23.26 0.88 -16.25
CA ALA D 183 -22.09 1.73 -16.03
C ALA D 183 -20.80 0.92 -16.09
N GLN D 184 -20.81 -0.27 -15.48
CA GLN D 184 -19.61 -1.11 -15.52
C GLN D 184 -19.32 -1.61 -16.92
N ILE D 185 -20.36 -1.94 -17.68
CA ILE D 185 -20.16 -2.38 -19.06
C ILE D 185 -19.56 -1.25 -19.89
N CYS D 186 -20.05 -0.02 -19.68
CA CYS D 186 -19.50 1.13 -20.38
C CYS D 186 -18.04 1.36 -20.02
N ARG D 187 -17.71 1.25 -18.72
CA ARG D 187 -16.32 1.41 -18.30
C ARG D 187 -15.43 0.35 -18.93
N ILE D 188 -15.91 -0.90 -18.96
CA ILE D 188 -15.13 -1.99 -19.56
C ILE D 188 -14.91 -1.74 -21.05
N VAL D 189 -15.96 -1.36 -21.76
CA VAL D 189 -15.85 -1.19 -23.20
C VAL D 189 -15.00 0.02 -23.54
N CYS D 190 -15.02 1.06 -22.71
CA CYS D 190 -14.18 2.22 -22.97
C CYS D 190 -12.71 1.93 -22.67
N ARG D 191 -12.44 1.18 -21.59
CA ARG D 191 -11.06 0.93 -21.20
C ARG D 191 -10.39 -0.08 -22.13
N HIS D 192 -11.12 -1.11 -22.55
CA HIS D 192 -10.55 -2.21 -23.32
C HIS D 192 -11.14 -2.26 -24.72
N ALA D 193 -11.28 -1.10 -25.36
CA ALA D 193 -11.91 -1.05 -26.68
C ALA D 193 -11.07 -1.76 -27.73
N GLN D 194 -9.78 -1.44 -27.80
CA GLN D 194 -8.92 -2.02 -28.83
C GLN D 194 -8.79 -3.53 -28.67
N GLN D 195 -8.65 -3.99 -27.42
CA GLN D 195 -8.51 -5.42 -27.18
C GLN D 195 -9.74 -6.19 -27.64
N ILE D 196 -10.94 -5.74 -27.23
CA ILE D 196 -12.15 -6.44 -27.63
C ILE D 196 -12.39 -6.31 -29.12
N ALA D 197 -11.97 -5.19 -29.73
CA ALA D 197 -12.10 -5.05 -31.17
C ALA D 197 -11.23 -6.06 -31.90
N LEU D 198 -10.00 -6.28 -31.42
CA LEU D 198 -9.13 -7.28 -32.02
C LEU D 198 -9.52 -8.70 -31.61
N GLN D 199 -10.03 -8.87 -30.39
CA GLN D 199 -10.35 -10.18 -29.84
C GLN D 199 -11.83 -10.52 -29.96
N ARG D 200 -12.54 -9.93 -30.93
CA ARG D 200 -13.99 -10.13 -31.01
C ARG D 200 -14.33 -11.56 -31.36
N HIS D 201 -13.45 -12.26 -32.08
CA HIS D 201 -13.81 -13.56 -32.66
C HIS D 201 -14.12 -14.60 -31.59
N LEU D 202 -13.23 -14.78 -30.61
CA LEU D 202 -13.51 -15.79 -29.59
C LEU D 202 -14.54 -15.32 -28.59
N HIS D 207 -23.96 -11.61 -27.67
CA HIS D 207 -23.92 -10.34 -26.96
C HIS D 207 -23.35 -9.25 -27.86
N TYR D 208 -23.77 -8.00 -27.60
CA TYR D 208 -23.42 -6.86 -28.42
C TYR D 208 -22.46 -5.96 -27.64
N VAL D 209 -21.16 -6.20 -27.83
CA VAL D 209 -20.12 -5.34 -27.28
C VAL D 209 -19.27 -4.88 -28.46
N ALA D 210 -19.18 -3.57 -28.65
CA ALA D 210 -18.57 -3.00 -29.85
C ALA D 210 -18.10 -1.60 -29.52
N THR D 211 -17.84 -0.80 -30.56
CA THR D 211 -17.29 0.54 -30.38
C THR D 211 -18.29 1.43 -29.63
N ARG D 212 -17.84 2.68 -29.39
CA ARG D 212 -18.64 3.59 -28.58
C ARG D 212 -20.01 3.86 -29.20
N LYS D 213 -20.05 4.05 -30.52
CA LYS D 213 -21.34 4.23 -31.19
C LYS D 213 -22.19 2.97 -31.12
N GLY D 214 -21.57 1.81 -31.32
CA GLY D 214 -22.33 0.57 -31.34
C GLY D 214 -22.94 0.21 -30.00
N ILE D 215 -22.16 0.34 -28.91
CA ILE D 215 -22.64 -0.08 -27.60
C ILE D 215 -23.55 0.96 -26.96
N ALA D 216 -23.49 2.22 -27.43
CA ALA D 216 -24.33 3.26 -26.85
C ALA D 216 -25.81 2.93 -27.00
N THR D 217 -26.17 2.15 -28.02
CA THR D 217 -27.56 1.75 -28.19
C THR D 217 -28.09 0.98 -26.99
N LEU D 218 -27.21 0.33 -26.22
CA LEU D 218 -27.66 -0.33 -25.01
C LEU D 218 -28.34 0.65 -24.07
N ALA D 219 -27.81 1.87 -23.96
CA ALA D 219 -28.47 2.90 -23.18
C ALA D 219 -29.88 3.13 -23.69
N VAL D 220 -30.04 3.23 -25.01
CA VAL D 220 -31.38 3.34 -25.58
C VAL D 220 -32.22 2.14 -25.17
N VAL D 221 -31.63 0.94 -25.23
CA VAL D 221 -32.32 -0.25 -24.76
C VAL D 221 -32.74 -0.07 -23.31
N LEU D 222 -31.82 0.45 -22.48
CA LEU D 222 -32.18 0.75 -21.10
C LEU D 222 -33.32 1.76 -21.04
N GLY D 223 -33.25 2.80 -21.88
CA GLY D 223 -34.39 3.70 -21.99
C GLY D 223 -35.65 2.98 -22.39
N ALA D 224 -35.53 2.05 -23.34
CA ALA D 224 -36.69 1.27 -23.79
C ALA D 224 -37.30 0.48 -22.64
N PHE D 225 -36.54 0.29 -21.55
CA PHE D 225 -37.11 -0.23 -20.31
C PHE D 225 -37.57 0.92 -19.43
N ALA D 226 -36.67 1.88 -19.17
CA ALA D 226 -36.94 2.89 -18.15
C ALA D 226 -38.15 3.74 -18.49
N ALA D 227 -38.33 4.05 -19.77
CA ALA D 227 -39.46 4.88 -20.17
C ALA D 227 -40.80 4.17 -20.06
N CYS D 228 -40.81 2.85 -19.87
CA CYS D 228 -42.07 2.10 -19.88
C CYS D 228 -42.53 1.68 -18.50
N TRP D 229 -41.67 0.98 -17.75
CA TRP D 229 -42.10 0.45 -16.46
C TRP D 229 -42.03 1.49 -15.35
N LEU D 230 -41.16 2.48 -15.45
CA LEU D 230 -41.10 3.52 -14.43
C LEU D 230 -42.41 4.28 -14.26
N PRO D 231 -43.11 4.69 -15.32
CA PRO D 231 -44.35 5.45 -15.09
C PRO D 231 -45.40 4.71 -14.28
N PHE D 232 -45.40 3.37 -14.31
CA PHE D 232 -46.40 2.64 -13.55
C PHE D 232 -46.00 2.49 -12.09
N THR D 233 -44.78 2.00 -11.83
CA THR D 233 -44.41 1.64 -10.48
C THR D 233 -44.51 2.82 -9.52
N VAL D 234 -44.03 3.99 -9.93
CA VAL D 234 -44.11 5.17 -9.07
C VAL D 234 -45.55 5.46 -8.70
N TYR D 235 -46.47 5.33 -9.67
CA TYR D 235 -47.87 5.58 -9.40
C TYR D 235 -48.42 4.63 -8.35
N CYS D 236 -47.94 3.38 -8.34
CA CYS D 236 -48.39 2.43 -7.34
C CYS D 236 -48.14 2.94 -5.92
N LEU D 237 -47.10 3.74 -5.74
CA LEU D 237 -46.87 4.33 -4.44
C LEU D 237 -47.75 5.56 -4.21
N LEU D 238 -47.92 6.38 -5.24
CA LEU D 238 -48.59 7.66 -5.05
C LEU D 238 -50.10 7.53 -4.92
N GLY D 239 -50.70 6.61 -5.67
CA GLY D 239 -52.14 6.53 -5.75
C GLY D 239 -52.77 5.89 -4.53
N ASP D 240 -54.10 5.81 -4.58
CA ASP D 240 -54.89 5.22 -3.51
C ASP D 240 -56.16 4.64 -4.10
N ALA D 241 -57.12 4.29 -3.24
CA ALA D 241 -58.35 3.66 -3.70
C ALA D 241 -59.21 4.60 -4.53
N HIS D 242 -59.09 5.90 -4.31
CA HIS D 242 -59.93 6.88 -5.00
C HIS D 242 -59.29 7.45 -6.27
N SER D 243 -58.07 7.02 -6.60
CA SER D 243 -57.43 7.53 -7.80
C SER D 243 -58.18 7.05 -9.05
N PRO D 244 -58.28 7.89 -10.06
CA PRO D 244 -59.07 7.53 -11.26
C PRO D 244 -58.48 6.32 -11.96
N PRO D 245 -59.34 5.44 -12.50
CA PRO D 245 -58.81 4.28 -13.26
C PRO D 245 -58.26 4.65 -14.61
N LEU D 246 -58.59 5.83 -15.13
CA LEU D 246 -58.04 6.27 -16.40
C LEU D 246 -56.52 6.37 -16.33
N TYR D 247 -56.00 6.92 -15.23
CA TYR D 247 -54.56 6.95 -15.02
C TYR D 247 -53.99 5.55 -14.93
N THR D 248 -54.72 4.64 -14.27
CA THR D 248 -54.24 3.27 -14.14
C THR D 248 -54.04 2.63 -15.50
N TYR D 249 -55.04 2.74 -16.38
CA TYR D 249 -54.89 2.17 -17.72
C TYR D 249 -53.83 2.89 -18.53
N LEU D 250 -53.80 4.22 -18.45
CA LEU D 250 -52.85 4.98 -19.25
C LEU D 250 -51.41 4.71 -18.85
N THR D 251 -51.19 4.29 -17.60
CA THR D 251 -49.85 3.94 -17.17
C THR D 251 -49.56 2.46 -17.27
N LEU D 252 -50.59 1.60 -17.33
CA LEU D 252 -50.35 0.19 -17.59
C LEU D 252 -50.02 -0.07 -19.05
N LEU D 253 -50.53 0.76 -19.96
CA LEU D 253 -50.23 0.56 -21.37
C LEU D 253 -48.74 0.58 -21.68
N PRO D 254 -47.91 1.46 -21.12
CA PRO D 254 -46.47 1.38 -21.39
C PRO D 254 -45.85 0.03 -21.03
N ALA D 255 -46.35 -0.62 -19.97
CA ALA D 255 -45.83 -1.94 -19.62
C ALA D 255 -46.09 -2.94 -20.73
N THR D 256 -47.29 -2.93 -21.30
CA THR D 256 -47.60 -3.82 -22.40
C THR D 256 -46.78 -3.46 -23.63
N TYR D 257 -46.53 -2.16 -23.86
CA TYR D 257 -45.66 -1.77 -24.97
C TYR D 257 -44.24 -2.31 -24.79
N ASN D 258 -43.71 -2.24 -23.57
CA ASN D 258 -42.39 -2.81 -23.31
C ASN D 258 -42.40 -4.32 -23.51
N SER D 259 -43.48 -4.96 -23.07
CA SER D 259 -43.64 -6.39 -23.33
C SER D 259 -43.59 -6.68 -24.82
N MET D 260 -44.24 -5.83 -25.63
CA MET D 260 -44.19 -5.97 -27.07
C MET D 260 -42.77 -5.80 -27.59
N ILE D 261 -42.07 -4.78 -27.10
CA ILE D 261 -40.80 -4.40 -27.71
C ILE D 261 -39.62 -5.25 -27.25
N ASN D 262 -39.75 -5.99 -26.15
CA ASN D 262 -38.62 -6.79 -25.69
C ASN D 262 -38.20 -7.85 -26.70
N PRO D 263 -39.10 -8.64 -27.31
CA PRO D 263 -38.64 -9.56 -28.36
C PRO D 263 -37.92 -8.86 -29.52
N ILE D 264 -38.39 -7.68 -29.92
CA ILE D 264 -37.81 -7.01 -31.09
C ILE D 264 -36.35 -6.66 -30.83
N ILE D 265 -36.06 -6.12 -29.64
CA ILE D 265 -34.71 -5.67 -29.34
C ILE D 265 -33.81 -6.80 -28.85
N TYR D 266 -34.37 -7.86 -28.26
CA TYR D 266 -33.56 -8.93 -27.69
C TYR D 266 -33.57 -10.21 -28.51
N ALA D 267 -34.72 -10.61 -29.06
CA ALA D 267 -34.75 -11.83 -29.85
C ALA D 267 -34.31 -11.60 -31.29
N PHE D 268 -35.02 -10.71 -32.01
CA PHE D 268 -34.75 -10.51 -33.43
C PHE D 268 -33.46 -9.75 -33.69
N ARG D 269 -32.81 -9.20 -32.67
CA ARG D 269 -31.59 -8.43 -32.90
C ARG D 269 -30.43 -9.32 -33.34
N ASN D 270 -30.36 -10.54 -32.82
CA ASN D 270 -29.17 -11.36 -33.00
C ASN D 270 -29.05 -11.75 -34.47
N GLN D 271 -27.81 -12.03 -34.89
CA GLN D 271 -27.54 -12.22 -36.31
C GLN D 271 -28.06 -13.56 -36.82
N ASP D 272 -27.98 -14.62 -36.00
CA ASP D 272 -28.35 -15.94 -36.51
C ASP D 272 -29.85 -16.06 -36.73
N VAL D 273 -30.65 -15.54 -35.79
CA VAL D 273 -32.08 -15.50 -36.01
C VAL D 273 -32.41 -14.56 -37.16
N GLN D 274 -31.58 -13.55 -37.40
CA GLN D 274 -31.80 -12.68 -38.56
C GLN D 274 -31.58 -13.44 -39.86
N LYS D 275 -30.55 -14.29 -39.89
CA LYS D 275 -30.33 -15.16 -41.05
C LYS D 275 -31.50 -16.11 -41.23
N VAL D 276 -32.02 -16.65 -40.12
CA VAL D 276 -33.22 -17.49 -40.19
C VAL D 276 -34.38 -16.68 -40.75
N LEU D 277 -34.47 -15.41 -40.39
CA LEU D 277 -35.56 -14.57 -40.87
C LEU D 277 -35.48 -14.35 -42.37
N TRP D 278 -34.28 -14.04 -42.90
CA TRP D 278 -34.19 -13.91 -44.35
C TRP D 278 -34.46 -15.24 -45.05
N ALA D 279 -34.00 -16.35 -44.44
CA ALA D 279 -34.27 -17.65 -45.04
C ALA D 279 -35.77 -17.93 -45.11
N VAL D 280 -36.50 -17.59 -44.04
CA VAL D 280 -37.94 -17.84 -44.02
C VAL D 280 -38.66 -16.94 -45.01
N CYS D 281 -38.29 -15.65 -45.04
CA CYS D 281 -38.98 -14.72 -45.93
C CYS D 281 -38.70 -15.03 -47.40
N CYS D 282 -37.48 -15.45 -47.73
CA CYS D 282 -37.18 -15.84 -49.10
C CYS D 282 -37.96 -17.10 -49.49
N CYS D 283 -38.07 -18.06 -48.58
CA CYS D 283 -38.81 -19.31 -48.80
C CYS D 283 -38.30 -20.05 -50.03
N ASN E 1 47.16 -18.24 -3.75
CA ASN E 1 47.27 -17.38 -2.58
C ASN E 1 48.46 -16.43 -2.71
N THR E 2 48.45 -15.61 -3.76
CA THR E 2 49.51 -14.64 -4.02
C THR E 2 49.15 -13.24 -3.56
N ALA E 3 47.96 -12.76 -3.92
CA ALA E 3 47.53 -11.44 -3.48
C ALA E 3 47.26 -11.41 -1.99
N SER E 4 46.94 -12.57 -1.40
CA SER E 4 46.71 -12.62 0.04
C SER E 4 47.98 -12.28 0.81
N ILE E 5 49.13 -12.76 0.34
CA ILE E 5 50.40 -12.45 1.00
C ILE E 5 50.69 -10.97 0.94
N ALA E 6 50.46 -10.34 -0.23
CA ALA E 6 50.66 -8.91 -0.35
C ALA E 6 49.71 -8.13 0.55
N GLN E 7 48.46 -8.59 0.64
CA GLN E 7 47.49 -7.92 1.51
C GLN E 7 47.92 -8.01 2.97
N ALA E 8 48.39 -9.20 3.39
CA ALA E 8 48.88 -9.35 4.76
C ALA E 8 50.10 -8.48 5.02
N ARG E 9 51.00 -8.38 4.04
CA ARG E 9 52.17 -7.53 4.20
C ARG E 9 51.78 -6.07 4.35
N LYS E 10 50.82 -5.61 3.54
CA LYS E 10 50.34 -4.24 3.67
C LYS E 10 49.67 -4.01 5.02
N LEU E 11 48.91 -5.01 5.49
CA LEU E 11 48.28 -4.89 6.80
C LEU E 11 49.32 -4.75 7.90
N VAL E 12 50.37 -5.58 7.85
CA VAL E 12 51.43 -5.50 8.86
C VAL E 12 52.13 -4.16 8.79
N GLU E 13 52.42 -3.68 7.58
CA GLU E 13 53.08 -2.38 7.43
C GLU E 13 52.23 -1.28 8.07
N GLN E 14 50.95 -1.22 7.72
CA GLN E 14 50.08 -0.19 8.30
C GLN E 14 49.99 -0.34 9.81
N LEU E 15 49.92 -1.57 10.30
CA LEU E 15 49.78 -1.81 11.72
C LEU E 15 50.98 -1.28 12.47
N LYS E 16 52.19 -1.51 11.94
CA LYS E 16 53.39 -1.08 12.64
C LYS E 16 53.73 0.40 12.43
N MET E 17 53.19 1.04 11.38
CA MET E 17 53.12 2.51 11.43
C MET E 17 52.17 2.98 12.53
N GLU E 18 51.04 2.29 12.70
CA GLU E 18 50.05 2.73 13.69
C GLU E 18 50.55 2.55 15.11
N ALA E 19 51.38 1.53 15.35
CA ALA E 19 51.86 1.27 16.71
C ALA E 19 52.70 2.42 17.24
N ASN E 20 53.60 2.96 16.41
CA ASN E 20 54.55 3.98 16.85
C ASN E 20 53.91 5.36 16.77
N ILE E 21 53.00 5.61 17.71
CA ILE E 21 52.39 6.92 17.87
C ILE E 21 52.39 7.28 19.35
N ASP E 22 52.30 8.57 19.63
CA ASP E 22 52.32 9.09 20.99
C ASP E 22 50.90 9.25 21.51
N ARG E 23 50.63 8.70 22.69
CA ARG E 23 49.32 8.76 23.31
C ARG E 23 49.42 9.38 24.69
N ILE E 24 48.64 10.43 24.93
CA ILE E 24 48.59 11.04 26.26
C ILE E 24 47.53 10.30 27.08
N LYS E 25 47.55 10.52 28.39
CA LYS E 25 46.63 9.83 29.28
C LYS E 25 45.19 10.23 29.00
N VAL E 26 44.28 9.31 29.31
CA VAL E 26 42.86 9.54 29.07
C VAL E 26 42.35 10.69 29.94
N SER E 27 42.88 10.82 31.15
CA SER E 27 42.43 11.89 32.05
C SER E 27 42.68 13.26 31.43
N LYS E 28 43.85 13.44 30.81
CA LYS E 28 44.13 14.71 30.14
C LYS E 28 43.15 14.96 29.00
N ALA E 29 42.83 13.91 28.24
CA ALA E 29 41.87 14.06 27.15
C ALA E 29 40.50 14.47 27.66
N ALA E 30 40.04 13.84 28.73
CA ALA E 30 38.77 14.23 29.32
C ALA E 30 38.81 15.65 29.83
N ALA E 31 39.94 16.07 30.40
CA ALA E 31 40.08 17.43 30.88
C ALA E 31 39.94 18.42 29.73
N ASP E 32 40.60 18.15 28.59
CA ASP E 32 40.47 19.03 27.44
C ASP E 32 39.04 19.06 26.92
N LEU E 33 38.38 17.90 26.86
CA LEU E 33 37.01 17.84 26.36
C LEU E 33 36.08 18.67 27.23
N MET E 34 36.18 18.51 28.55
CA MET E 34 35.31 19.28 29.43
C MET E 34 35.67 20.76 29.42
N ALA E 35 36.95 21.08 29.25
CA ALA E 35 37.34 22.49 29.15
C ALA E 35 36.69 23.13 27.93
N TYR E 36 36.72 22.44 26.78
CA TYR E 36 36.07 22.98 25.60
C TYR E 36 34.56 23.07 25.80
N CYS E 37 33.97 22.05 26.43
CA CYS E 37 32.51 22.06 26.64
C CYS E 37 32.08 23.22 27.52
N GLU E 38 32.83 23.48 28.59
CA GLU E 38 32.47 24.57 29.50
C GLU E 38 32.81 25.94 28.94
N ALA E 39 33.89 26.04 28.16
CA ALA E 39 34.29 27.34 27.63
C ALA E 39 33.30 27.90 26.63
N HIS E 40 32.61 27.05 25.88
CA HIS E 40 31.66 27.49 24.86
C HIS E 40 30.22 27.25 25.27
N ALA E 41 29.97 27.03 26.56
CA ALA E 41 28.60 26.74 27.01
C ALA E 41 27.68 27.95 26.81
N LYS E 42 28.23 29.16 26.85
CA LYS E 42 27.40 30.36 26.71
C LYS E 42 27.06 30.68 25.27
N GLU E 43 27.68 30.01 24.30
CA GLU E 43 27.43 30.25 22.88
C GLU E 43 26.64 29.12 22.23
N ASP E 44 25.99 28.28 23.03
CA ASP E 44 25.22 27.16 22.50
C ASP E 44 23.73 27.47 22.60
N PRO E 45 23.05 27.76 21.49
CA PRO E 45 21.59 27.96 21.57
C PRO E 45 20.84 26.74 22.04
N LEU E 46 21.34 25.54 21.74
CA LEU E 46 20.64 24.32 22.14
C LEU E 46 20.77 24.04 23.63
N LEU E 47 21.93 24.33 24.21
CA LEU E 47 22.14 24.06 25.63
C LEU E 47 21.29 24.97 26.50
N THR E 48 21.53 26.27 26.41
CA THR E 48 20.74 27.25 27.15
C THR E 48 19.77 27.91 26.18
N PRO E 49 18.45 27.72 26.36
CA PRO E 49 17.50 28.29 25.41
C PRO E 49 17.61 29.80 25.31
N VAL E 50 17.44 30.31 24.10
CA VAL E 50 17.53 31.74 23.83
C VAL E 50 16.11 32.31 23.80
N PRO E 51 15.91 33.57 24.20
CA PRO E 51 14.59 34.18 24.06
C PRO E 51 14.16 34.27 22.61
N ALA E 52 12.84 34.27 22.39
CA ALA E 52 12.31 34.27 21.03
C ALA E 52 12.67 35.54 20.26
N SER E 53 13.10 36.59 20.96
CA SER E 53 13.51 37.81 20.27
C SER E 53 14.72 37.57 19.37
N GLU E 54 15.68 36.79 19.85
CA GLU E 54 16.89 36.49 19.08
C GLU E 54 16.78 35.18 18.30
N ASN E 55 15.67 34.46 18.40
CA ASN E 55 15.50 33.20 17.70
C ASN E 55 14.86 33.46 16.35
N PRO E 56 15.53 33.17 15.23
CA PRO E 56 14.91 33.40 13.92
C PRO E 56 13.81 32.43 13.58
N PHE E 57 13.73 31.29 14.28
CA PHE E 57 12.75 30.26 13.96
C PHE E 57 11.45 30.39 14.75
N ARG E 58 11.31 31.43 15.55
CA ARG E 58 10.09 31.63 16.34
C ARG E 58 8.88 31.86 15.44
N GLN F 1 37.99 -4.89 19.84
CA GLN F 1 38.16 -5.48 18.51
C GLN F 1 37.38 -6.78 18.40
N VAL F 2 36.58 -6.91 17.35
CA VAL F 2 35.72 -8.08 17.15
C VAL F 2 36.53 -9.13 16.39
N GLN F 3 36.84 -10.24 17.06
CA GLN F 3 37.59 -11.31 16.44
C GLN F 3 36.95 -12.64 16.80
N LEU F 4 37.02 -13.59 15.86
CA LEU F 4 36.52 -14.94 16.05
C LEU F 4 37.62 -15.93 15.73
N GLN F 5 37.84 -16.88 16.63
CA GLN F 5 38.91 -17.87 16.47
C GLN F 5 38.29 -19.25 16.33
N GLU F 6 38.68 -19.98 15.30
CA GLU F 6 38.16 -21.31 15.04
C GLU F 6 39.21 -22.36 15.39
N SER F 7 38.80 -23.35 16.18
CA SER F 7 39.68 -24.41 16.64
C SER F 7 39.10 -25.77 16.27
N GLY F 8 40.00 -26.69 15.97
CA GLY F 8 39.63 -28.02 15.53
C GLY F 8 39.71 -28.16 14.01
N GLY F 9 39.76 -29.42 13.58
CA GLY F 9 39.77 -29.71 12.16
C GLY F 9 41.13 -30.15 11.63
N GLY F 10 41.13 -31.16 10.78
CA GLY F 10 42.36 -31.65 10.20
C GLY F 10 42.10 -32.91 9.39
N LEU F 11 43.19 -33.52 8.94
CA LEU F 11 43.11 -34.75 8.16
C LEU F 11 42.53 -35.85 9.03
N VAL F 12 41.32 -36.33 8.68
CA VAL F 12 40.62 -37.33 9.47
C VAL F 12 40.09 -38.41 8.54
N GLN F 13 39.91 -39.60 9.12
CA GLN F 13 39.32 -40.71 8.39
C GLN F 13 37.84 -40.45 8.13
N PRO F 14 37.28 -41.04 7.07
CA PRO F 14 35.87 -40.78 6.78
C PRO F 14 34.94 -41.57 7.68
N GLY F 15 33.76 -41.00 7.92
CA GLY F 15 32.80 -41.57 8.84
C GLY F 15 33.02 -41.19 10.29
N GLY F 16 34.05 -40.40 10.59
CA GLY F 16 34.30 -39.99 11.96
C GLY F 16 33.52 -38.75 12.37
N SER F 17 33.65 -38.40 13.64
CA SER F 17 32.98 -37.25 14.22
C SER F 17 34.02 -36.21 14.61
N LEU F 18 33.81 -34.98 14.16
CA LEU F 18 34.73 -33.88 14.44
C LEU F 18 33.99 -32.72 15.08
N ARG F 19 34.63 -32.07 16.05
CA ARG F 19 34.02 -30.95 16.74
C ARG F 19 34.81 -29.68 16.40
N LEU F 20 34.12 -28.68 15.89
CA LEU F 20 34.70 -27.39 15.55
C LEU F 20 34.19 -26.35 16.53
N SER F 21 35.09 -25.55 17.09
CA SER F 21 34.75 -24.57 18.11
C SER F 21 35.03 -23.17 17.59
N CYS F 22 34.08 -22.27 17.78
CA CYS F 22 34.21 -20.87 17.42
C CYS F 22 34.16 -20.05 18.69
N ALA F 23 35.28 -19.43 19.05
CA ALA F 23 35.39 -18.57 20.21
C ALA F 23 35.27 -17.12 19.78
N ALA F 24 34.43 -16.36 20.46
CA ALA F 24 34.10 -15.00 20.08
C ALA F 24 34.47 -14.03 21.19
N SER F 25 34.67 -12.78 20.82
CA SER F 25 34.99 -11.74 21.79
C SER F 25 34.60 -10.40 21.20
N GLY F 26 34.47 -9.41 22.07
CA GLY F 26 34.21 -8.05 21.66
C GLY F 26 32.77 -7.72 21.35
N PHE F 27 31.85 -8.68 21.50
CA PHE F 27 30.45 -8.41 21.23
C PHE F 27 29.59 -9.36 22.04
N THR F 28 28.31 -9.02 22.14
CA THR F 28 27.35 -9.82 22.90
C THR F 28 26.98 -11.05 22.09
N PHE F 29 27.44 -12.22 22.53
CA PHE F 29 27.10 -13.47 21.84
C PHE F 29 25.61 -13.75 21.88
N SER F 30 24.94 -13.35 22.96
CA SER F 30 23.53 -13.68 23.13
C SER F 30 22.66 -13.01 22.07
N ASN F 31 22.93 -11.74 21.76
CA ASN F 31 22.03 -11.00 20.90
C ASN F 31 22.09 -11.46 19.44
N TYR F 32 23.27 -11.88 18.97
CA TYR F 32 23.47 -12.10 17.55
C TYR F 32 23.12 -13.53 17.16
N LYS F 33 23.13 -13.79 15.86
CA LYS F 33 22.81 -15.09 15.28
C LYS F 33 24.04 -15.66 14.62
N MET F 34 24.36 -16.92 14.92
CA MET F 34 25.59 -17.53 14.43
C MET F 34 25.34 -18.36 13.19
N ASN F 35 26.31 -18.35 12.27
CA ASN F 35 26.26 -19.14 11.06
C ASN F 35 27.56 -19.89 10.88
N TRP F 36 27.48 -21.05 10.24
CA TRP F 36 28.62 -21.84 9.81
C TRP F 36 28.58 -21.93 8.29
N VAL F 37 29.65 -21.49 7.63
CA VAL F 37 29.77 -21.53 6.19
C VAL F 37 31.08 -22.21 5.81
N ARG F 38 31.07 -22.96 4.71
CA ARG F 38 32.27 -23.68 4.31
C ARG F 38 32.69 -23.28 2.91
N GLN F 39 34.00 -23.34 2.68
CA GLN F 39 34.64 -22.89 1.45
C GLN F 39 35.31 -24.09 0.79
N ALA F 40 34.68 -24.61 -0.24
CA ALA F 40 35.26 -25.72 -0.99
C ALA F 40 36.44 -25.24 -1.83
N PRO F 41 37.41 -26.11 -2.09
CA PRO F 41 38.56 -25.69 -2.91
C PRO F 41 38.11 -25.38 -4.34
N GLY F 42 38.52 -24.22 -4.84
CA GLY F 42 38.18 -23.81 -6.17
C GLY F 42 36.76 -23.34 -6.38
N LYS F 43 35.99 -23.17 -5.30
CA LYS F 43 34.61 -22.72 -5.39
C LYS F 43 34.36 -21.66 -4.33
N GLY F 44 33.25 -20.94 -4.49
CA GLY F 44 32.89 -19.88 -3.58
C GLY F 44 32.32 -20.40 -2.27
N LEU F 45 31.96 -19.46 -1.41
CA LEU F 45 31.41 -19.81 -0.11
C LEU F 45 29.99 -20.34 -0.25
N GLU F 46 29.67 -21.39 0.50
CA GLU F 46 28.32 -21.92 0.56
C GLU F 46 27.88 -22.09 2.01
N TRP F 47 26.68 -21.61 2.30
CA TRP F 47 26.15 -21.64 3.66
C TRP F 47 25.86 -23.07 4.08
N VAL F 48 26.08 -23.35 5.37
CA VAL F 48 25.96 -24.71 5.89
C VAL F 48 24.90 -24.77 6.97
N SER F 49 25.08 -24.00 8.05
CA SER F 49 24.17 -24.14 9.17
C SER F 49 23.99 -22.80 9.85
N ASP F 50 22.92 -22.69 10.64
CA ASP F 50 22.73 -21.48 11.44
C ASP F 50 22.07 -21.82 12.76
N ILE F 51 22.36 -21.01 13.78
CA ILE F 51 21.70 -21.09 15.08
C ILE F 51 21.30 -19.69 15.50
N SER F 52 20.07 -19.56 15.99
CA SER F 52 19.47 -18.26 16.24
C SER F 52 19.90 -17.72 17.61
N GLN F 53 19.26 -16.64 18.04
CA GLN F 53 19.67 -15.94 19.26
C GLN F 53 19.50 -16.82 20.48
N SER F 54 18.31 -17.38 20.68
CA SER F 54 18.03 -18.18 21.86
C SER F 54 18.45 -19.63 21.71
N GLY F 55 18.41 -20.17 20.50
CA GLY F 55 18.69 -21.56 20.25
C GLY F 55 17.48 -22.40 19.87
N ALA F 56 16.39 -21.79 19.42
CA ALA F 56 15.19 -22.53 19.05
C ALA F 56 15.19 -22.90 17.58
N SER F 57 15.26 -21.91 16.70
CA SER F 57 15.19 -22.16 15.27
C SER F 57 16.56 -22.57 14.76
N ILE F 58 16.68 -23.81 14.30
CA ILE F 58 17.92 -24.38 13.82
C ILE F 58 17.71 -24.86 12.39
N SER F 59 18.61 -24.48 11.48
CA SER F 59 18.48 -24.86 10.09
C SER F 59 19.86 -25.26 9.54
N TYR F 60 19.82 -26.19 8.59
CA TYR F 60 21.01 -26.73 7.96
C TYR F 60 20.80 -26.77 6.45
N THR F 61 21.90 -26.83 5.72
CA THR F 61 21.82 -27.08 4.29
C THR F 61 21.53 -28.56 4.05
N GLY F 62 21.15 -28.88 2.81
CA GLY F 62 20.71 -30.23 2.51
C GLY F 62 21.79 -31.28 2.74
N SER F 63 23.03 -30.97 2.36
CA SER F 63 24.10 -31.96 2.44
C SER F 63 24.40 -32.34 3.88
N VAL F 64 24.40 -31.36 4.80
CA VAL F 64 24.83 -31.60 6.16
C VAL F 64 23.63 -31.97 7.03
N LYS F 65 22.46 -32.11 6.43
CA LYS F 65 21.26 -32.42 7.19
C LYS F 65 21.33 -33.84 7.75
N GLY F 66 20.91 -33.99 9.01
CA GLY F 66 20.90 -35.27 9.66
C GLY F 66 22.24 -35.74 10.19
N ARG F 67 23.32 -35.01 9.91
CA ARG F 67 24.65 -35.39 10.38
C ARG F 67 25.39 -34.28 11.10
N PHE F 68 24.84 -33.07 11.15
CA PHE F 68 25.50 -31.92 11.75
C PHE F 68 24.64 -31.36 12.87
N THR F 69 25.28 -31.00 13.98
CA THR F 69 24.58 -30.41 15.11
C THR F 69 25.27 -29.12 15.51
N ILE F 70 24.53 -28.02 15.51
CA ILE F 70 25.06 -26.71 15.85
C ILE F 70 24.48 -26.30 17.20
N SER F 71 25.35 -25.92 18.12
CA SER F 71 24.94 -25.52 19.46
C SER F 71 25.74 -24.31 19.89
N ARG F 72 25.23 -23.58 20.87
CA ARG F 72 25.91 -22.41 21.39
C ARG F 72 25.90 -22.44 22.91
N ASP F 73 27.03 -22.06 23.50
CA ASP F 73 27.17 -21.87 24.93
C ASP F 73 27.30 -20.36 25.16
N ASN F 74 26.20 -19.77 25.63
CA ASN F 74 26.17 -18.33 25.87
C ASN F 74 27.09 -17.94 27.02
N ALA F 75 27.15 -18.77 28.06
CA ALA F 75 28.02 -18.48 29.19
C ALA F 75 29.49 -18.47 28.77
N LYS F 76 29.88 -19.44 27.94
CA LYS F 76 31.25 -19.52 27.46
C LYS F 76 31.46 -18.79 26.14
N ASN F 77 30.40 -18.24 25.55
CA ASN F 77 30.47 -17.53 24.27
C ASN F 77 31.12 -18.40 23.19
N THR F 78 30.79 -19.68 23.19
CA THR F 78 31.45 -20.65 22.31
C THR F 78 30.42 -21.36 21.44
N LEU F 79 30.65 -21.36 20.13
CA LEU F 79 29.74 -21.98 19.18
C LEU F 79 30.34 -23.29 18.69
N TYR F 80 29.64 -24.39 18.94
CA TYR F 80 30.11 -25.73 18.62
C TYR F 80 29.38 -26.27 17.40
N LEU F 81 30.14 -26.83 16.48
CA LEU F 81 29.60 -27.57 15.34
C LEU F 81 30.10 -29.00 15.41
N GLN F 82 29.18 -29.95 15.56
CA GLN F 82 29.49 -31.36 15.68
C GLN F 82 29.17 -32.06 14.38
N MET F 83 30.13 -32.80 13.85
CA MET F 83 30.04 -33.46 12.56
C MET F 83 30.11 -34.96 12.77
N ASN F 84 29.15 -35.69 12.18
CA ASN F 84 29.08 -37.13 12.31
C ASN F 84 29.00 -37.76 10.93
N SER F 85 29.65 -38.91 10.77
CA SER F 85 29.67 -39.67 9.52
C SER F 85 30.06 -38.77 8.34
N LEU F 86 31.30 -38.27 8.40
CA LEU F 86 31.79 -37.38 7.36
C LEU F 86 32.00 -38.13 6.04
N LYS F 87 32.01 -37.36 4.97
CA LYS F 87 32.13 -37.86 3.60
C LYS F 87 33.28 -37.16 2.91
N PRO F 88 33.86 -37.78 1.87
CA PRO F 88 35.00 -37.14 1.18
C PRO F 88 34.68 -35.77 0.61
N GLU F 89 33.45 -35.54 0.16
CA GLU F 89 33.07 -34.25 -0.40
C GLU F 89 32.95 -33.14 0.64
N ASP F 90 33.03 -33.49 1.93
CA ASP F 90 32.85 -32.51 2.99
C ASP F 90 34.09 -31.68 3.27
N THR F 91 35.21 -31.97 2.63
CA THR F 91 36.43 -31.21 2.87
C THR F 91 36.28 -29.78 2.38
N ALA F 92 36.68 -28.83 3.22
CA ALA F 92 36.56 -27.41 2.93
C ALA F 92 37.27 -26.63 4.03
N VAL F 93 37.29 -25.32 3.88
CA VAL F 93 37.78 -24.41 4.92
C VAL F 93 36.55 -23.80 5.58
N TYR F 94 36.36 -24.05 6.87
CA TYR F 94 35.14 -23.63 7.52
C TYR F 94 35.30 -22.24 8.12
N TYR F 95 34.16 -21.60 8.39
CA TYR F 95 34.13 -20.22 8.85
C TYR F 95 32.93 -20.03 9.76
N CYS F 96 33.17 -19.50 10.95
CA CYS F 96 32.14 -19.13 11.90
C CYS F 96 31.80 -17.66 11.67
N ALA F 97 30.64 -17.41 11.08
CA ALA F 97 30.25 -16.07 10.67
C ALA F 97 29.13 -15.53 11.54
N ARG F 98 29.04 -14.21 11.60
CA ARG F 98 28.02 -13.53 12.39
C ARG F 98 27.27 -12.54 11.50
N CYS F 99 25.95 -12.59 11.57
CA CYS F 99 25.14 -11.68 10.79
C CYS F 99 25.29 -10.25 11.31
N PRO F 100 25.21 -9.26 10.42
CA PRO F 100 25.70 -7.92 10.77
C PRO F 100 24.99 -7.26 11.94
N ALA F 101 23.68 -7.48 12.08
CA ALA F 101 22.93 -6.69 13.04
C ALA F 101 22.30 -7.59 14.10
N PRO F 102 22.23 -7.12 15.35
CA PRO F 102 21.58 -7.89 16.40
C PRO F 102 20.08 -7.63 16.45
N PHE F 103 19.38 -8.60 17.02
CA PHE F 103 17.91 -8.55 17.14
C PHE F 103 17.23 -8.44 15.78
N THR F 104 17.81 -9.07 14.76
CA THR F 104 17.24 -9.05 13.42
C THR F 104 17.05 -10.47 12.92
N ARG F 105 15.86 -10.75 12.39
CA ARG F 105 15.59 -12.08 11.86
C ARG F 105 16.39 -12.34 10.59
N ASP F 106 16.44 -11.36 9.69
CA ASP F 106 17.22 -11.51 8.47
C ASP F 106 18.72 -11.55 8.81
N CYS F 107 19.49 -12.15 7.91
CA CYS F 107 20.92 -12.28 8.17
C CYS F 107 21.62 -12.24 6.81
N PHE F 108 22.09 -11.05 6.44
CA PHE F 108 22.59 -10.77 5.11
C PHE F 108 24.09 -11.00 5.00
N ASP F 109 24.53 -11.27 3.77
CA ASP F 109 25.94 -11.20 3.38
C ASP F 109 26.82 -12.06 4.30
N VAL F 110 26.56 -13.36 4.29
CA VAL F 110 27.39 -14.32 5.03
C VAL F 110 28.24 -15.18 4.12
N THR F 111 28.01 -15.16 2.81
CA THR F 111 28.79 -15.93 1.86
C THR F 111 29.59 -15.05 0.92
N SER F 112 29.63 -13.75 1.14
CA SER F 112 30.38 -12.85 0.28
C SER F 112 31.87 -13.12 0.38
N THR F 113 32.59 -12.80 -0.69
CA THR F 113 34.03 -13.06 -0.71
C THR F 113 34.77 -12.17 0.28
N THR F 114 34.27 -10.97 0.53
CA THR F 114 34.89 -10.03 1.47
C THR F 114 33.86 -9.69 2.53
N TYR F 115 33.96 -10.33 3.70
CA TYR F 115 33.07 -10.07 4.82
C TYR F 115 33.90 -9.77 6.04
N ALA F 116 33.57 -8.68 6.74
CA ALA F 116 34.36 -8.28 7.90
C ALA F 116 34.17 -9.21 9.07
N TYR F 117 32.93 -9.60 9.36
CA TYR F 117 32.61 -10.38 10.55
C TYR F 117 32.66 -11.88 10.26
N ARG F 118 33.82 -12.32 9.78
CA ARG F 118 34.07 -13.73 9.52
C ARG F 118 35.46 -14.07 10.02
N GLY F 119 35.59 -15.27 10.60
CA GLY F 119 36.85 -15.67 11.15
C GLY F 119 37.88 -15.97 10.09
N GLN F 120 39.13 -16.17 10.54
CA GLN F 120 40.21 -16.52 9.63
C GLN F 120 39.94 -17.88 8.98
N GLY F 121 39.37 -18.81 9.74
CA GLY F 121 38.91 -20.05 9.17
C GLY F 121 39.80 -21.25 9.45
N THR F 122 39.22 -22.30 10.02
CA THR F 122 39.92 -23.55 10.23
C THR F 122 39.86 -24.41 8.97
N GLN F 123 40.77 -25.38 8.90
CA GLN F 123 40.88 -26.26 7.75
C GLN F 123 40.44 -27.68 8.15
N VAL F 124 39.53 -28.25 7.37
CA VAL F 124 39.04 -29.61 7.59
C VAL F 124 39.25 -30.39 6.30
N THR F 125 39.98 -31.49 6.39
CA THR F 125 40.27 -32.33 5.23
C THR F 125 39.82 -33.76 5.53
N VAL F 126 39.04 -34.34 4.62
CA VAL F 126 38.54 -35.70 4.76
C VAL F 126 39.13 -36.53 3.64
N SER F 127 39.93 -37.54 4.00
CA SER F 127 40.57 -38.40 3.02
C SER F 127 40.95 -39.71 3.69
N SER F 128 41.25 -40.70 2.85
CA SER F 128 41.65 -42.02 3.35
C SER F 128 43.04 -41.97 3.97
#